data_8HVP
# 
_entry.id   8HVP 
# 
_audit_conform.dict_name       mmcif_pdbx.dic 
_audit_conform.dict_version    5.381 
_audit_conform.dict_location   http://mmcif.pdb.org/dictionaries/ascii/mmcif_pdbx.dic 
# 
loop_
_database_2.database_id 
_database_2.database_code 
_database_2.pdbx_database_accession 
_database_2.pdbx_DOI 
PDB   8HVP         pdb_00008hvp 10.2210/pdb8hvp/pdb 
WWPDB D_1000179977 ?            ?                   
# 
_pdbx_database_status.status_code                     REL 
_pdbx_database_status.entry_id                        8HVP 
_pdbx_database_status.recvd_initial_deposition_date   1990-10-26 
_pdbx_database_status.deposit_site                    ? 
_pdbx_database_status.process_site                    BNL 
_pdbx_database_status.SG_entry                        . 
_pdbx_database_status.status_code_sf                  ? 
_pdbx_database_status.status_code_mr                  ? 
_pdbx_database_status.status_code_cs                  ? 
_pdbx_database_status.pdb_format_compatible           Y 
_pdbx_database_status.methods_development_category    ? 
_pdbx_database_status.status_code_nmr_data            ? 
# 
loop_
_audit_author.name 
_audit_author.pdbx_ordinal 
'Jaskolski, M.'    1 
'Miller, M.'       2 
'Tomasselli, A.G.' 3 
'Sawyer, T.K.'     4 
'Staples, D.G.'    5 
'Heinrikson, R.L.' 6 
'Schneider, J.'    7 
'Kent, S.B.H.'     8 
'Wlodawer, A.'     9 
# 
loop_
_citation.id 
_citation.title 
_citation.journal_abbrev 
_citation.journal_volume 
_citation.page_first 
_citation.page_last 
_citation.year 
_citation.journal_id_ASTM 
_citation.country 
_citation.journal_id_ISSN 
_citation.journal_id_CSD 
_citation.book_publisher 
_citation.pdbx_database_id_PubMed 
_citation.pdbx_database_id_DOI 
primary 
;Structure at 2.5-A resolution of chemically synthesized human immunodeficiency virus type 1 protease complexed with a hydroxyethylene-based inhibitor.
;
Biochemistry            30  1600 1609 1991 BICHAW US 0006-2960 0033 ? 1993177 10.1021/bi00220a023 
1       'Conserved Folding in Retroviral Proteases. Crystal Structure of a Synthetic HIV-1 Protease' Science                 245 
616  ?    1989 SCIEAS US 0036-8075 0038 ? ?       ?                   
2       'Molecular Modeling of the HIV-1 Protease and its Substrate Binding Site' Science                 243 928  ?    1989 
SCIEAS US 0036-8075 0038 ? ?       ?                   
3       'Crystal Structure of a Retroviral Protease Proves Relationship to Aspartic Protease Family' Nature                  337 
576  ?    1989 NATUAS UK 0028-0836 0006 ? ?       ?                   
4       'Enzymatic Activity of a Synthetic 99 Residue Protein Corresponding to the Putative HIV-1 Protease' 
'Cell(Cambridge,Mass.)' 54  363  ?    1988 CELLB5 US 0092-8674 0998 ? ?       ?                   
# 
loop_
_citation_author.citation_id 
_citation_author.name 
_citation_author.ordinal 
_citation_author.identifier_ORCID 
primary 'Jaskolski, M.'        1  ? 
primary 'Tomasselli, A.G.'     2  ? 
primary 'Sawyer, T.K.'         3  ? 
primary 'Staples, D.G.'        4  ? 
primary 'Heinrikson, R.L.'     5  ? 
primary 'Schneider, J.'        6  ? 
primary 'Kent, S.B.'           7  ? 
primary 'Wlodawer, A.'         8  ? 
1       'Wlodawer, A.'         9  ? 
1       'Miller, M.'           10 ? 
1       'Jaskolski, M.'        11 ? 
1       'Sathyanarayana, B.K.' 12 ? 
1       'Baldwin, E.'          13 ? 
1       'Weber, I.T.'          14 ? 
1       'Selk, L.M.'           15 ? 
1       'Clawson, L.'          16 ? 
1       'Schneider, J.'        17 ? 
1       'Kent, S.B.H.'         18 ? 
2       'Weber, I.T.'          19 ? 
2       'Miller, M.'           20 ? 
2       'Jaskolski, M.'        21 ? 
2       'Leis, J.'             22 ? 
2       'Skalka, A.M.'         23 ? 
2       'Wlodawer, A.'         24 ? 
3       'Miller, M.'           25 ? 
3       'Jaskolski, M.'        26 ? 
3       'Rao, J.K.M.'          27 ? 
3       'Leis, J.'             28 ? 
3       'Wlodawer, A.'         29 ? 
4       'Schneider, J.'        30 ? 
4       'Kent, S.B.H.'         31 ? 
# 
_cell.entry_id           8HVP 
_cell.length_a           51.650 
_cell.length_b           58.760 
_cell.length_c           61.620 
_cell.angle_alpha        90.00 
_cell.angle_beta         90.00 
_cell.angle_gamma        90.00 
_cell.Z_PDB              8 
_cell.pdbx_unique_axis   ? 
_cell.length_a_esd       ? 
_cell.length_b_esd       ? 
_cell.length_c_esd       ? 
_cell.angle_alpha_esd    ? 
_cell.angle_beta_esd     ? 
_cell.angle_gamma_esd    ? 
# 
_symmetry.entry_id                         8HVP 
_symmetry.space_group_name_H-M             'P 21 21 21' 
_symmetry.pdbx_full_space_group_name_H-M   ? 
_symmetry.cell_setting                     ? 
_symmetry.Int_Tables_number                19 
_symmetry.space_group_name_Hall            ? 
# 
loop_
_entity.id 
_entity.type 
_entity.src_method 
_entity.pdbx_description 
_entity.formula_weight 
_entity.pdbx_number_of_molecules 
_entity.pdbx_ec 
_entity.pdbx_mutation 
_entity.pdbx_fragment 
_entity.details 
1 polymer man 'HIV-1 PROTEASE'                                                       10764.636 2  ? ? ? ? 
2 polymer syn 'INHIBITOR VAL-SER-GLN-ASN-LEU-PSI(CH(OH)-CH2)-VAL-ILE-VAL (U-85548E)' 872.061   1  ? ? ? ? 
3 water   nat water                                                                  18.015    80 ? ? ? ? 
# 
loop_
_entity_poly.entity_id 
_entity_poly.type 
_entity_poly.nstd_linkage 
_entity_poly.nstd_monomer 
_entity_poly.pdbx_seq_one_letter_code 
_entity_poly.pdbx_seq_one_letter_code_can 
_entity_poly.pdbx_strand_id 
_entity_poly.pdbx_target_identifier 
1 'polypeptide(L)' no yes 
;PQITLWQRPLVTIRIGGQLKEALLDTGADDTVLEEMNLPGKWKPKMIGGIGGFIKVRQYDQIPVEI(ABA)GHKAIGTVL
VGPTPVNIIGRNLLTQIG(ABA)TLNF
;
;PQITLWQRPLVTIRIGGQLKEALLDTGADDTVLEEMNLPGKWKPKMIGGIGGFIKVRQYDQIPVEIAGHKAIGTVLVGPT
PVNIIGRNLLTQIGATLNF
;
A,B ? 
2 'polypeptide(L)' no yes 'VSQN(LOV)IV' VSQNXIV I   ? 
# 
loop_
_entity_poly_seq.entity_id 
_entity_poly_seq.num 
_entity_poly_seq.mon_id 
_entity_poly_seq.hetero 
1 1  PRO n 
1 2  GLN n 
1 3  ILE n 
1 4  THR n 
1 5  LEU n 
1 6  TRP n 
1 7  GLN n 
1 8  ARG n 
1 9  PRO n 
1 10 LEU n 
1 11 VAL n 
1 12 THR n 
1 13 ILE n 
1 14 ARG n 
1 15 ILE n 
1 16 GLY n 
1 17 GLY n 
1 18 GLN n 
1 19 LEU n 
1 20 LYS n 
1 21 GLU n 
1 22 ALA n 
1 23 LEU n 
1 24 LEU n 
1 25 ASP n 
1 26 THR n 
1 27 GLY n 
1 28 ALA n 
1 29 ASP n 
1 30 ASP n 
1 31 THR n 
1 32 VAL n 
1 33 LEU n 
1 34 GLU n 
1 35 GLU n 
1 36 MET n 
1 37 ASN n 
1 38 LEU n 
1 39 PRO n 
1 40 GLY n 
1 41 LYS n 
1 42 TRP n 
1 43 LYS n 
1 44 PRO n 
1 45 LYS n 
1 46 MET n 
1 47 ILE n 
1 48 GLY n 
1 49 GLY n 
1 50 ILE n 
1 51 GLY n 
1 52 GLY n 
1 53 PHE n 
1 54 ILE n 
1 55 LYS n 
1 56 VAL n 
1 57 ARG n 
1 58 GLN n 
1 59 TYR n 
1 60 ASP n 
1 61 GLN n 
1 62 ILE n 
1 63 PRO n 
1 64 VAL n 
1 65 GLU n 
1 66 ILE n 
1 67 ABA n 
1 68 GLY n 
1 69 HIS n 
1 70 LYS n 
1 71 ALA n 
1 72 ILE n 
1 73 GLY n 
1 74 THR n 
1 75 VAL n 
1 76 LEU n 
1 77 VAL n 
1 78 GLY n 
1 79 PRO n 
1 80 THR n 
1 81 PRO n 
1 82 VAL n 
1 83 ASN n 
1 84 ILE n 
1 85 ILE n 
1 86 GLY n 
1 87 ARG n 
1 88 ASN n 
1 89 LEU n 
1 90 LEU n 
1 91 THR n 
1 92 GLN n 
1 93 ILE n 
1 94 GLY n 
1 95 ABA n 
1 96 THR n 
1 97 LEU n 
1 98 ASN n 
1 99 PHE n 
2 1  VAL n 
2 2  SER n 
2 3  GLN n 
2 4  ASN n 
2 5  LOV n 
2 6  ILE n 
2 7  VAL n 
# 
_entity_src_gen.entity_id                          1 
_entity_src_gen.pdbx_src_id                        1 
_entity_src_gen.pdbx_alt_source_flag               sample 
_entity_src_gen.pdbx_seq_type                      ? 
_entity_src_gen.pdbx_beg_seq_num                   ? 
_entity_src_gen.pdbx_end_seq_num                   ? 
_entity_src_gen.gene_src_common_name               ? 
_entity_src_gen.gene_src_genus                     Lentivirus 
_entity_src_gen.pdbx_gene_src_gene                 ? 
_entity_src_gen.gene_src_species                   ? 
_entity_src_gen.gene_src_strain                    ? 
_entity_src_gen.gene_src_tissue                    ? 
_entity_src_gen.gene_src_tissue_fraction           ? 
_entity_src_gen.gene_src_details                   ? 
_entity_src_gen.pdbx_gene_src_fragment             ? 
_entity_src_gen.pdbx_gene_src_scientific_name      'Human immunodeficiency virus 1' 
_entity_src_gen.pdbx_gene_src_ncbi_taxonomy_id     11676 
_entity_src_gen.pdbx_gene_src_variant              ? 
_entity_src_gen.pdbx_gene_src_cell_line            ? 
_entity_src_gen.pdbx_gene_src_atcc                 ? 
_entity_src_gen.pdbx_gene_src_organ                ? 
_entity_src_gen.pdbx_gene_src_organelle            ? 
_entity_src_gen.pdbx_gene_src_cell                 ? 
_entity_src_gen.pdbx_gene_src_cellular_location    ? 
_entity_src_gen.host_org_common_name               ? 
_entity_src_gen.pdbx_host_org_scientific_name      'Escherichia coli' 
_entity_src_gen.pdbx_host_org_ncbi_taxonomy_id     562 
_entity_src_gen.host_org_genus                     Escherichia 
_entity_src_gen.pdbx_host_org_gene                 ? 
_entity_src_gen.pdbx_host_org_organ                ? 
_entity_src_gen.host_org_species                   ? 
_entity_src_gen.pdbx_host_org_tissue               ? 
_entity_src_gen.pdbx_host_org_tissue_fraction      ? 
_entity_src_gen.pdbx_host_org_strain               ? 
_entity_src_gen.pdbx_host_org_variant              ? 
_entity_src_gen.pdbx_host_org_cell_line            ? 
_entity_src_gen.pdbx_host_org_atcc                 ? 
_entity_src_gen.pdbx_host_org_culture_collection   ? 
_entity_src_gen.pdbx_host_org_cell                 ? 
_entity_src_gen.pdbx_host_org_organelle            ? 
_entity_src_gen.pdbx_host_org_cellular_location    ? 
_entity_src_gen.pdbx_host_org_vector_type          ? 
_entity_src_gen.pdbx_host_org_vector               ? 
_entity_src_gen.host_org_details                   ? 
_entity_src_gen.expression_system_id               ? 
_entity_src_gen.plasmid_name                       ? 
_entity_src_gen.plasmid_details                    ? 
_entity_src_gen.pdbx_description                   ? 
# 
loop_
_struct_ref.id 
_struct_ref.db_name 
_struct_ref.db_code 
_struct_ref.entity_id 
_struct_ref.pdbx_db_accession 
_struct_ref.pdbx_align_begin 
_struct_ref.pdbx_seq_one_letter_code 
_struct_ref.pdbx_db_isoform 
1 UNP POL_HV1A2 1 P03369 1 
;FFREDLAFLQGKAREFSSEQTRANSPTRRELQVWGGENNSLSEAGADRQGTVSFNFPQITLWQRPLVTIRIGGQLKEALL
DTGADDTVLEEMNLPGKWKPKMIGGIGGFIKVRQYDQIPVEICGHKAIGTVLVGPTPVNIIGRNLLTQIGCTLNFPISPI
ETVPVKLKPGMDGPKVKQWPLTEEKIKALVEICTEMEKEGKISKIGPENPYNTPVFAIKKKDSTKWRKLVDFRELNKRTQ
DFWEVQLGIPHPAGLKKKKSVTVLDVGDAYFSVPLDKDFRKYTAFTIPSINNETPGIRYQYNVLPQGWKGSPAIFQSSMT
KILEPFRKQNPDIVIYQYMDDLYVGSDLEIGQHRTKIEELRQHLLRWGFTTPDKKHQKEPPFLWMGYELHPDKWTVQPIM
LPEKDSWTVNDIQKLVGKLNWASQIYAGIKVKQLCKLLRGTKALTEVIPLTEEAELELAENREILKEPVHEVYYDPSKDL
VAEIQKQGQGQWTYQIYQEPFKNLKTGKYARMRGAHTNDVKQLTEAVQKVSTESIVIWGKIPKFKLPIQKETWEAWWMEY
WQATWIPEWEFVNTPPLVKLWYQLEKEPIVGAETFYVDGAANRETKLGKAGYVTDRGRQKVVSIADTTNQKTELQAIHLA
LQDSGLEVNIVTDSQYALGIIQAQPDKSESELVSQIIEQLIKKEKVYLAWVPAHKGIGGNEQVDKLVSAGIRKVLFLNGI
DKAQEEHEKYHSNWRAMASDFNLPPVVAKEIVASCDKCQLKGEAMHGQVDCSPGIWQLDCTHLEGKIILVAVHVASGYIE
AEVIPAETGQETAYFLLKLAGRWPVKTIHTDNGSNFTSTTVKAACWWAGIKQEFGIPYNPQSQGVVESMNNELKKIIGQV
RDQAEHLKTAVQMAVFIHNFKRKGGIGGYSAGERIVDIIATDIQTKELQKQITKIQNFRVYYRDNKDPLWKGPAKLLWKG
EGAVVIQDNSDIKVVPRRKAKIIRDYGKQMAGDDCVASRQDED
;
? 
2 PDB 8HVP      2 8HVP   ? VSQNXIV ? 
# 
loop_
_struct_ref_seq.align_id 
_struct_ref_seq.ref_id 
_struct_ref_seq.pdbx_PDB_id_code 
_struct_ref_seq.pdbx_strand_id 
_struct_ref_seq.seq_align_beg 
_struct_ref_seq.pdbx_seq_align_beg_ins_code 
_struct_ref_seq.seq_align_end 
_struct_ref_seq.pdbx_seq_align_end_ins_code 
_struct_ref_seq.pdbx_db_accession 
_struct_ref_seq.db_align_beg 
_struct_ref_seq.pdbx_db_align_beg_ins_code 
_struct_ref_seq.db_align_end 
_struct_ref_seq.pdbx_db_align_end_ins_code 
_struct_ref_seq.pdbx_auth_seq_align_beg 
_struct_ref_seq.pdbx_auth_seq_align_end 
1 1 8HVP A 1 ? 99 ? P03369 57 ? 155 ? 1 99 
2 1 8HVP B 1 ? 99 ? P03369 57 ? 155 ? 1 99 
3 2 8HVP I 1 ? 7  ? 8HVP   1  ? 8   ? 1 8  
# 
loop_
_struct_ref_seq_dif.align_id 
_struct_ref_seq_dif.pdbx_pdb_id_code 
_struct_ref_seq_dif.mon_id 
_struct_ref_seq_dif.pdbx_pdb_strand_id 
_struct_ref_seq_dif.seq_num 
_struct_ref_seq_dif.pdbx_pdb_ins_code 
_struct_ref_seq_dif.pdbx_seq_db_name 
_struct_ref_seq_dif.pdbx_seq_db_accession_code 
_struct_ref_seq_dif.db_mon_id 
_struct_ref_seq_dif.pdbx_seq_db_seq_num 
_struct_ref_seq_dif.details 
_struct_ref_seq_dif.pdbx_auth_seq_num 
_struct_ref_seq_dif.pdbx_ordinal 
1 8HVP ABA A 67 ? UNP P03369 CYS 123 conflict 67 1 
1 8HVP ABA A 95 ? UNP P03369 CYS 151 conflict 95 2 
2 8HVP ABA B 67 ? UNP P03369 CYS 123 conflict 67 3 
2 8HVP ABA B 95 ? UNP P03369 CYS 151 conflict 95 4 
# 
loop_
_chem_comp.id 
_chem_comp.type 
_chem_comp.mon_nstd_flag 
_chem_comp.name 
_chem_comp.pdbx_synonyms 
_chem_comp.formula 
_chem_comp.formula_weight 
ABA 'L-peptide linking' n 'ALPHA-AMINOBUTYRIC ACID'                              ? 'C4 H9 N O2'     103.120 
ALA 'L-peptide linking' y ALANINE                                                ? 'C3 H7 N O2'     89.093  
ARG 'L-peptide linking' y ARGININE                                               ? 'C6 H15 N4 O2 1' 175.209 
ASN 'L-peptide linking' y ASPARAGINE                                             ? 'C4 H8 N2 O3'    132.118 
ASP 'L-peptide linking' y 'ASPARTIC ACID'                                        ? 'C4 H7 N O4'     133.103 
CYS 'L-peptide linking' y CYSTEINE                                               ? 'C3 H7 N O2 S'   121.158 
GLN 'L-peptide linking' y GLUTAMINE                                              ? 'C5 H10 N2 O3'   146.144 
GLU 'L-peptide linking' y 'GLUTAMIC ACID'                                        ? 'C5 H9 N O4'     147.129 
GLY 'peptide linking'   y GLYCINE                                                ? 'C2 H5 N O2'     75.067  
HIS 'L-peptide linking' y HISTIDINE                                              ? 'C6 H10 N3 O2 1' 156.162 
HOH non-polymer         . WATER                                                  ? 'H2 O'           18.015  
ILE 'L-peptide linking' y ISOLEUCINE                                             ? 'C6 H13 N O2'    131.173 
LEU 'L-peptide linking' y LEUCINE                                                ? 'C6 H13 N O2'    131.173 
LOV peptide-like        . '5-AMINO-4-HYDROXY-2-ISOPROPYL-7-METHYL-OCTANOIC ACID' ? 'C12 H25 N O3'   231.332 
LYS 'L-peptide linking' y LYSINE                                                 ? 'C6 H15 N2 O2 1' 147.195 
MET 'L-peptide linking' y METHIONINE                                             ? 'C5 H11 N O2 S'  149.211 
PHE 'L-peptide linking' y PHENYLALANINE                                          ? 'C9 H11 N O2'    165.189 
PRO 'L-peptide linking' y PROLINE                                                ? 'C5 H9 N O2'     115.130 
SER 'L-peptide linking' y SERINE                                                 ? 'C3 H7 N O3'     105.093 
THR 'L-peptide linking' y THREONINE                                              ? 'C4 H9 N O3'     119.119 
TRP 'L-peptide linking' y TRYPTOPHAN                                             ? 'C11 H12 N2 O2'  204.225 
TYR 'L-peptide linking' y TYROSINE                                               ? 'C9 H11 N O3'    181.189 
VAL 'L-peptide linking' y VALINE                                                 ? 'C5 H11 N O2'    117.146 
# 
_exptl.entry_id          8HVP 
_exptl.method            'X-RAY DIFFRACTION' 
_exptl.crystals_number   ? 
# 
_exptl_crystal.id                    1 
_exptl_crystal.density_meas          ? 
_exptl_crystal.density_Matthews      2.09 
_exptl_crystal.density_percent_sol   41.03 
_exptl_crystal.description           ? 
_exptl_crystal.F_000                 ? 
_exptl_crystal.preparation           ? 
# 
_diffrn.id                     1 
_diffrn.ambient_temp           ? 
_diffrn.ambient_temp_details   ? 
_diffrn.crystal_id             1 
# 
_diffrn_radiation.diffrn_id                        1 
_diffrn_radiation.wavelength_id                    1 
_diffrn_radiation.monochromator                    ? 
_diffrn_radiation.pdbx_monochromatic_or_laue_m_l   ? 
_diffrn_radiation.pdbx_diffrn_protocol             ? 
_diffrn_radiation.pdbx_scattering_type             x-ray 
# 
_diffrn_radiation_wavelength.id           1 
_diffrn_radiation_wavelength.wavelength   . 
_diffrn_radiation_wavelength.wt           1.0 
# 
_refine.entry_id                                 8HVP 
_refine.ls_number_reflns_obs                     4768 
_refine.ls_number_reflns_all                     ? 
_refine.pdbx_ls_sigma_I                          ? 
_refine.pdbx_ls_sigma_F                          ? 
_refine.pdbx_data_cutoff_high_absF               ? 
_refine.pdbx_data_cutoff_low_absF                ? 
_refine.pdbx_data_cutoff_high_rms_absF           ? 
_refine.ls_d_res_low                             10 
_refine.ls_d_res_high                            2.5 
_refine.ls_percent_reflns_obs                    ? 
_refine.ls_R_factor_obs                          0.1380000 
_refine.ls_R_factor_all                          ? 
_refine.ls_R_factor_R_work                       ? 
_refine.ls_R_factor_R_free                       ? 
_refine.ls_R_factor_R_free_error                 ? 
_refine.ls_R_factor_R_free_error_details         ? 
_refine.ls_percent_reflns_R_free                 ? 
_refine.ls_number_reflns_R_free                  ? 
_refine.ls_number_parameters                     ? 
_refine.ls_number_restraints                     ? 
_refine.occupancy_min                            ? 
_refine.occupancy_max                            ? 
_refine.B_iso_mean                               ? 
_refine.aniso_B[1][1]                            ? 
_refine.aniso_B[2][2]                            ? 
_refine.aniso_B[3][3]                            ? 
_refine.aniso_B[1][2]                            ? 
_refine.aniso_B[1][3]                            ? 
_refine.aniso_B[2][3]                            ? 
_refine.solvent_model_details                    ? 
_refine.solvent_model_param_ksol                 ? 
_refine.solvent_model_param_bsol                 ? 
_refine.pdbx_ls_cross_valid_method               ? 
_refine.details                                  ? 
_refine.pdbx_starting_model                      ? 
_refine.pdbx_method_to_determine_struct          ? 
_refine.pdbx_isotropic_thermal_model             ? 
_refine.pdbx_stereochemistry_target_values       ? 
_refine.pdbx_stereochem_target_val_spec_case     ? 
_refine.pdbx_R_Free_selection_details            ? 
_refine.pdbx_overall_ESU_R_Free                  ? 
_refine.overall_SU_ML                            ? 
_refine.overall_SU_B                             ? 
_refine.pdbx_refine_id                           'X-RAY DIFFRACTION' 
_refine.ls_redundancy_reflns_obs                 ? 
_refine.pdbx_overall_phase_error                 ? 
_refine.B_iso_min                                ? 
_refine.B_iso_max                                ? 
_refine.correlation_coeff_Fo_to_Fc               ? 
_refine.correlation_coeff_Fo_to_Fc_free          ? 
_refine.pdbx_solvent_vdw_probe_radii             ? 
_refine.pdbx_solvent_ion_probe_radii             ? 
_refine.pdbx_solvent_shrinkage_radii             ? 
_refine.overall_SU_R_Cruickshank_DPI             ? 
_refine.overall_SU_R_free                        ? 
_refine.ls_wR_factor_R_free                      ? 
_refine.ls_wR_factor_R_work                      ? 
_refine.overall_FOM_free_R_set                   ? 
_refine.overall_FOM_work_R_set                   ? 
_refine.pdbx_overall_ESU_R                       ? 
_refine.pdbx_diffrn_id                           1 
_refine.pdbx_TLS_residual_ADP_flag               ? 
_refine.pdbx_overall_SU_R_free_Cruickshank_DPI   ? 
_refine.pdbx_overall_SU_R_Blow_DPI               ? 
_refine.pdbx_overall_SU_R_free_Blow_DPI          ? 
# 
_refine_hist.pdbx_refine_id                   'X-RAY DIFFRACTION' 
_refine_hist.cycle_id                         LAST 
_refine_hist.pdbx_number_atoms_protein        1577 
_refine_hist.pdbx_number_atoms_nucleic_acid   0 
_refine_hist.pdbx_number_atoms_ligand         0 
_refine_hist.number_atoms_solvent             80 
_refine_hist.number_atoms_total               1657 
_refine_hist.d_res_high                       2.5 
_refine_hist.d_res_low                        10 
# 
loop_
_refine_ls_restr.type 
_refine_ls_restr.dev_ideal 
_refine_ls_restr.dev_ideal_target 
_refine_ls_restr.weight 
_refine_ls_restr.number 
_refine_ls_restr.pdbx_refine_id 
_refine_ls_restr.pdbx_restraint_function 
p_bond_d            0.014 0.018 ? ? 'X-RAY DIFFRACTION' ? 
p_angle_d           0.053 0.035 ? ? 'X-RAY DIFFRACTION' ? 
p_angle_deg         ?     ?     ? ? 'X-RAY DIFFRACTION' ? 
p_planar_d          0.067 0.050 ? ? 'X-RAY DIFFRACTION' ? 
p_hb_or_metal_coord ?     ?     ? ? 'X-RAY DIFFRACTION' ? 
p_mcbond_it         2.449 3.000 ? ? 'X-RAY DIFFRACTION' ? 
p_mcangle_it        3.577 3.500 ? ? 'X-RAY DIFFRACTION' ? 
p_scbond_it         6.239 5.000 ? ? 'X-RAY DIFFRACTION' ? 
p_scangle_it        8.633 8.000 ? ? 'X-RAY DIFFRACTION' ? 
p_plane_restr       0.020 0.025 ? ? 'X-RAY DIFFRACTION' ? 
p_chiral_restr      0.179 0.150 ? ? 'X-RAY DIFFRACTION' ? 
p_singtor_nbd       0.217 0.300 ? ? 'X-RAY DIFFRACTION' ? 
p_multtor_nbd       0.264 0.300 ? ? 'X-RAY DIFFRACTION' ? 
p_xhyhbond_nbd      0.306 0.300 ? ? 'X-RAY DIFFRACTION' ? 
p_xyhbond_nbd       ?     ?     ? ? 'X-RAY DIFFRACTION' ? 
p_planar_tor        3.7   4.0   ? ? 'X-RAY DIFFRACTION' ? 
p_staggered_tor     20.0  10.0  ? ? 'X-RAY DIFFRACTION' ? 
p_orthonormal_tor   18.2  20.0  ? ? 'X-RAY DIFFRACTION' ? 
p_transverse_tor    ?     ?     ? ? 'X-RAY DIFFRACTION' ? 
p_special_tor       ?     ?     ? ? 'X-RAY DIFFRACTION' ? 
# 
_struct.entry_id                  8HVP 
_struct.title                     
;STRUCTURE AT 2.5-ANGSTROMS RESOLUTION OF CHEMICALLY SYNTHESIZED HUMAN IMMUNODEFICIENCY VIRUS TYPE 1 PROTEASE COMPLEXED WITH A HYDROXYETHYLENE*-BASED INHIBITOR
;
_struct.pdbx_model_details        ? 
_struct.pdbx_CASP_flag            ? 
_struct.pdbx_model_type_details   ? 
# 
_struct_keywords.entry_id        8HVP 
_struct_keywords.pdbx_keywords   'HYDROLASE/HYDROLASE INHIBITOR' 
_struct_keywords.text            'ACID PROTEINASE, HYDROLASE-HYDROLASE INHIBITOR COMPLEX' 
# 
loop_
_struct_asym.id 
_struct_asym.pdbx_blank_PDB_chainid_flag 
_struct_asym.pdbx_modified 
_struct_asym.entity_id 
_struct_asym.details 
A N N 1 ? 
B N N 1 ? 
C N N 2 ? 
D N N 3 ? 
E N N 3 ? 
F N N 3 ? 
# 
_struct_biol.id        1 
_struct_biol.details   ? 
# 
loop_
_struct_conf.conf_type_id 
_struct_conf.id 
_struct_conf.pdbx_PDB_helix_id 
_struct_conf.beg_label_comp_id 
_struct_conf.beg_label_asym_id 
_struct_conf.beg_label_seq_id 
_struct_conf.pdbx_beg_PDB_ins_code 
_struct_conf.end_label_comp_id 
_struct_conf.end_label_asym_id 
_struct_conf.end_label_seq_id 
_struct_conf.pdbx_end_PDB_ins_code 
_struct_conf.beg_auth_comp_id 
_struct_conf.beg_auth_asym_id 
_struct_conf.beg_auth_seq_id 
_struct_conf.end_auth_comp_id 
_struct_conf.end_auth_asym_id 
_struct_conf.end_auth_seq_id 
_struct_conf.pdbx_PDB_helix_class 
_struct_conf.details 
_struct_conf.pdbx_PDB_helix_length 
HELX_P HELX_P1 HA GLY A 86 ? GLY A 94 ? GLY A 86 GLY A 94 1 ? 9 
HELX_P HELX_P2 HB GLY B 86 ? GLY B 94 ? GLY B 86 GLY B 94 1 ? 9 
# 
_struct_conf_type.id          HELX_P 
_struct_conf_type.criteria    ? 
_struct_conf_type.reference   ? 
# 
loop_
_struct_conn.id 
_struct_conn.conn_type_id 
_struct_conn.pdbx_leaving_atom_flag 
_struct_conn.pdbx_PDB_id 
_struct_conn.ptnr1_label_asym_id 
_struct_conn.ptnr1_label_comp_id 
_struct_conn.ptnr1_label_seq_id 
_struct_conn.ptnr1_label_atom_id 
_struct_conn.pdbx_ptnr1_label_alt_id 
_struct_conn.pdbx_ptnr1_PDB_ins_code 
_struct_conn.pdbx_ptnr1_standard_comp_id 
_struct_conn.ptnr1_symmetry 
_struct_conn.ptnr2_label_asym_id 
_struct_conn.ptnr2_label_comp_id 
_struct_conn.ptnr2_label_seq_id 
_struct_conn.ptnr2_label_atom_id 
_struct_conn.pdbx_ptnr2_label_alt_id 
_struct_conn.pdbx_ptnr2_PDB_ins_code 
_struct_conn.ptnr1_auth_asym_id 
_struct_conn.ptnr1_auth_comp_id 
_struct_conn.ptnr1_auth_seq_id 
_struct_conn.ptnr2_auth_asym_id 
_struct_conn.ptnr2_auth_comp_id 
_struct_conn.ptnr2_auth_seq_id 
_struct_conn.ptnr2_symmetry 
_struct_conn.pdbx_ptnr3_label_atom_id 
_struct_conn.pdbx_ptnr3_label_seq_id 
_struct_conn.pdbx_ptnr3_label_comp_id 
_struct_conn.pdbx_ptnr3_label_asym_id 
_struct_conn.pdbx_ptnr3_label_alt_id 
_struct_conn.pdbx_ptnr3_PDB_ins_code 
_struct_conn.details 
_struct_conn.pdbx_dist_value 
_struct_conn.pdbx_value_order 
_struct_conn.pdbx_role 
covale1  covale both ? A ILE 66 C ? ? ? 1_555 A ABA 67 N ? ? A ILE 66 A ABA 67 1_555 ? ? ? ? ? ? ? 1.316 ? ? 
covale2  covale both ? A ABA 67 C ? ? ? 1_555 A GLY 68 N ? ? A ABA 67 A GLY 68 1_555 ? ? ? ? ? ? ? 1.329 ? ? 
covale3  covale both ? A GLY 94 C ? ? ? 1_555 A ABA 95 N ? ? A GLY 94 A ABA 95 1_555 ? ? ? ? ? ? ? 1.309 ? ? 
covale4  covale both ? A ABA 95 C ? ? ? 1_555 A THR 96 N ? ? A ABA 95 A THR 96 1_555 ? ? ? ? ? ? ? 1.329 ? ? 
covale5  covale both ? B ILE 66 C ? ? ? 1_555 B ABA 67 N ? ? B ILE 66 B ABA 67 1_555 ? ? ? ? ? ? ? 1.297 ? ? 
covale6  covale both ? B ABA 67 C ? ? ? 1_555 B GLY 68 N ? ? B ABA 67 B GLY 68 1_555 ? ? ? ? ? ? ? 1.331 ? ? 
covale7  covale both ? B GLY 94 C ? ? ? 1_555 B ABA 95 N ? ? B GLY 94 B ABA 95 1_555 ? ? ? ? ? ? ? 1.335 ? ? 
covale8  covale both ? B ABA 95 C ? ? ? 1_555 B THR 96 N ? ? B ABA 95 B THR 96 1_555 ? ? ? ? ? ? ? 1.328 ? ? 
covale9  covale both ? C ASN 4  C ? ? ? 1_555 C LOV 5  N ? ? I ASN 4  I LOV 5  1_555 ? ? ? ? ? ? ? 1.316 ? ? 
covale10 covale both ? C LOV 5  C ? ? ? 1_555 C ILE 6  N ? ? I LOV 5  I ILE 7  1_555 ? ? ? ? ? ? ? 1.309 ? ? 
# 
_struct_conn_type.id          covale 
_struct_conn_type.criteria    ? 
_struct_conn_type.reference   ? 
# 
loop_
_struct_sheet.id 
_struct_sheet.type 
_struct_sheet.number_strands 
_struct_sheet.details 
COA ? 8 ? 
COB ? 8 ? 
INT ? 4 ? 
# 
loop_
_struct_sheet_order.sheet_id 
_struct_sheet_order.range_id_1 
_struct_sheet_order.range_id_2 
_struct_sheet_order.offset 
_struct_sheet_order.sense 
COA 1 2 ? anti-parallel 
COA 2 3 ? anti-parallel 
COA 3 4 ? parallel      
COA 4 5 ? anti-parallel 
COA 5 6 ? parallel      
COA 6 7 ? anti-parallel 
COA 7 8 ? anti-parallel 
COB 1 2 ? anti-parallel 
COB 2 3 ? anti-parallel 
COB 3 4 ? parallel      
COB 4 5 ? anti-parallel 
COB 5 6 ? parallel      
COB 6 7 ? anti-parallel 
COB 7 8 ? anti-parallel 
INT 1 2 ? anti-parallel 
INT 2 3 ? anti-parallel 
INT 3 4 ? anti-parallel 
# 
loop_
_struct_sheet_range.sheet_id 
_struct_sheet_range.id 
_struct_sheet_range.beg_label_comp_id 
_struct_sheet_range.beg_label_asym_id 
_struct_sheet_range.beg_label_seq_id 
_struct_sheet_range.pdbx_beg_PDB_ins_code 
_struct_sheet_range.end_label_comp_id 
_struct_sheet_range.end_label_asym_id 
_struct_sheet_range.end_label_seq_id 
_struct_sheet_range.pdbx_end_PDB_ins_code 
_struct_sheet_range.beg_auth_comp_id 
_struct_sheet_range.beg_auth_asym_id 
_struct_sheet_range.beg_auth_seq_id 
_struct_sheet_range.end_auth_comp_id 
_struct_sheet_range.end_auth_asym_id 
_struct_sheet_range.end_auth_seq_id 
COA 1 LYS A 43 ? GLY A 49 ? LYS A 43 GLY A 49 
COA 2 GLY A 52 ? ILE A 66 ? GLY A 52 ILE A 66 
COA 3 HIS A 69 ? GLY A 78 ? HIS A 69 GLY A 78 
COA 4 THR A 31 ? GLU A 34 ? THR A 31 GLU A 34 
COA 5 ASN A 83 ? ILE A 85 ? ASN A 83 ILE A 85 
COA 6 GLN A 18 ? ASP A 25 ? GLN A 18 ASP A 25 
COA 7 PRO A 9  ? ILE A 15 ? PRO A 9  ILE A 15 
COA 8 GLU A 65 ? ILE A 66 ? GLU A 65 ILE A 66 
COB 1 LYS B 43 ? GLY B 49 ? LYS B 43 GLY B 49 
COB 2 GLY B 52 ? ILE B 66 ? GLY B 52 ILE B 66 
COB 3 HIS B 69 ? GLY B 78 ? HIS B 69 GLY B 78 
COB 4 THR B 31 ? GLU B 34 ? THR B 31 GLU B 34 
COB 5 ASN B 83 ? ILE B 85 ? ASN B 83 ILE B 85 
COB 6 GLN B 18 ? ASP B 25 ? GLN B 18 ASP B 25 
COB 7 PRO B 9  ? ILE B 15 ? PRO B 9  ILE B 15 
COB 8 GLU B 65 ? ILE B 66 ? GLU B 65 ILE B 66 
INT 1 PRO A 1  ? THR A 4  ? PRO A 1  THR A 4  
INT 2 THR B 96 ? PHE B 99 ? THR B 96 PHE B 99 
INT 3 THR A 96 ? PHE A 99 ? THR A 96 PHE A 99 
INT 4 PRO B 1  ? THR B 4  ? PRO B 1  THR B 4  
# 
loop_
_struct_site.id 
_struct_site.pdbx_evidence_code 
_struct_site.pdbx_auth_asym_id 
_struct_site.pdbx_auth_comp_id 
_struct_site.pdbx_auth_seq_id 
_struct_site.pdbx_auth_ins_code 
_struct_site.pdbx_num_residues 
_struct_site.details 
DTA Unknown  ? ? ? ? 3  ?                                                                                       
DTB Unknown  ? ? ? ? 3  ?                                                                                       
AC1 Software ? ? ? ? 26 'BINDING SITE FOR CHAIN I OF INHIBITOR VAL-SER-GLN-ASN-LEU-PSI(CH(OH)-CH2)-VAL-ILE-VAL' 
# 
loop_
_struct_site_gen.id 
_struct_site_gen.site_id 
_struct_site_gen.pdbx_num_res 
_struct_site_gen.label_comp_id 
_struct_site_gen.label_asym_id 
_struct_site_gen.label_seq_id 
_struct_site_gen.pdbx_auth_ins_code 
_struct_site_gen.auth_comp_id 
_struct_site_gen.auth_asym_id 
_struct_site_gen.auth_seq_id 
_struct_site_gen.label_atom_id 
_struct_site_gen.label_alt_id 
_struct_site_gen.symmetry 
_struct_site_gen.details 
1  DTA 3  ASP A 25 ? ASP A 25  . ? 1_555 ? 
2  DTA 3  THR A 26 ? THR A 26  . ? 1_555 ? 
3  DTA 3  GLY A 27 ? GLY A 27  . ? 1_555 ? 
4  DTB 3  ASP B 25 ? ASP B 25  . ? 1_555 ? 
5  DTB 3  THR B 26 ? THR B 26  . ? 1_555 ? 
6  DTB 3  GLY B 27 ? GLY B 27  . ? 1_555 ? 
7  AC1 26 ARG A 8  ? ARG A 8   . ? 1_555 ? 
8  AC1 26 LEU A 23 ? LEU A 23  . ? 1_555 ? 
9  AC1 26 ASP A 25 ? ASP A 25  . ? 1_555 ? 
10 AC1 26 GLY A 27 ? GLY A 27  . ? 1_555 ? 
11 AC1 26 ALA A 28 ? ALA A 28  . ? 1_555 ? 
12 AC1 26 ASP A 29 ? ASP A 29  . ? 1_555 ? 
13 AC1 26 ASP A 30 ? ASP A 30  . ? 1_555 ? 
14 AC1 26 ILE A 47 ? ILE A 47  . ? 1_555 ? 
15 AC1 26 GLY A 48 ? GLY A 48  . ? 1_555 ? 
16 AC1 26 GLY A 49 ? GLY A 49  . ? 1_555 ? 
17 AC1 26 ILE A 50 ? ILE A 50  . ? 1_555 ? 
18 AC1 26 ILE A 84 ? ILE A 84  . ? 1_555 ? 
19 AC1 26 HOH D .  ? HOH A 115 . ? 1_555 ? 
20 AC1 26 ARG B 8  ? ARG B 8   . ? 1_555 ? 
21 AC1 26 LEU B 23 ? LEU B 23  . ? 1_555 ? 
22 AC1 26 ASP B 25 ? ASP B 25  . ? 1_555 ? 
23 AC1 26 GLY B 27 ? GLY B 27  . ? 1_555 ? 
24 AC1 26 ALA B 28 ? ALA B 28  . ? 1_555 ? 
25 AC1 26 ASP B 29 ? ASP B 29  . ? 1_555 ? 
26 AC1 26 ASP B 30 ? ASP B 30  . ? 1_555 ? 
27 AC1 26 ILE B 47 ? ILE B 47  . ? 1_555 ? 
28 AC1 26 GLY B 48 ? GLY B 48  . ? 1_555 ? 
29 AC1 26 VAL B 82 ? VAL B 82  . ? 1_555 ? 
30 AC1 26 ILE B 84 ? ILE B 84  . ? 1_555 ? 
31 AC1 26 HOH F .  ? HOH I 9   . ? 1_555 ? 
32 AC1 26 HOH F .  ? HOH I 10  . ? 1_555 ? 
# 
_atom_sites.entry_id                    8HVP 
_atom_sites.fract_transf_matrix[1][1]   0.00642770 
_atom_sites.fract_transf_matrix[1][2]   0.01760068 
_atom_sites.fract_transf_matrix[1][3]   -0.00487331 
_atom_sites.fract_transf_matrix[2][1]   -0.01004216 
_atom_sites.fract_transf_matrix[2][2]   0.00694906 
_atom_sites.fract_transf_matrix[2][3]   0.01185234 
_atom_sites.fract_transf_matrix[3][1]   0.01194247 
_atom_sites.fract_transf_matrix[3][2]   -0.00134187 
_atom_sites.fract_transf_matrix[3][3]   0.01090527 
_atom_sites.fract_transf_vector[1]      0.101760 
_atom_sites.fract_transf_vector[2]      0.020194 
_atom_sites.fract_transf_vector[3]      0.289655 
# 
_atom_sites_footnote.id     1 
_atom_sites_footnote.text   'THE INHIBITOR RESIDUE LOV I 5 IS LEU-VAL WITH THE PEPTIDE BOND REPLACED BY CHOH-CH2.' 
# 
loop_
_atom_type.symbol 
C 
N 
O 
S 
# 
loop_
_atom_site.group_PDB 
_atom_site.id 
_atom_site.type_symbol 
_atom_site.label_atom_id 
_atom_site.label_alt_id 
_atom_site.label_comp_id 
_atom_site.label_asym_id 
_atom_site.label_entity_id 
_atom_site.label_seq_id 
_atom_site.pdbx_PDB_ins_code 
_atom_site.Cartn_x 
_atom_site.Cartn_y 
_atom_site.Cartn_z 
_atom_site.occupancy 
_atom_site.B_iso_or_equiv 
_atom_site.pdbx_formal_charge 
_atom_site.auth_seq_id 
_atom_site.auth_comp_id 
_atom_site.auth_asym_id 
_atom_site.auth_atom_id 
_atom_site.pdbx_PDB_model_num 
ATOM   1    N N   . PRO A 1 1  ? 5.127   -5.594  17.265  1.00 4.25  ? 1   PRO A N   1 
ATOM   2    C CA  . PRO A 1 1  ? 6.375   -5.446  16.531  1.00 4.33  ? 1   PRO A CA  1 
ATOM   3    C C   . PRO A 1 1  ? 6.570   -4.047  15.998  1.00 9.25  ? 1   PRO A C   1 
ATOM   4    O O   . PRO A 1 1  ? 5.532   -3.501  15.553  1.00 12.86 ? 1   PRO A O   1 
ATOM   5    C CB  . PRO A 1 1  ? 6.047   -6.414  15.398  1.00 2.00  ? 1   PRO A CB  1 
ATOM   6    C CG  . PRO A 1 1  ? 5.166   -7.497  15.952  1.00 2.00  ? 1   PRO A CG  1 
ATOM   7    C CD  . PRO A 1 1  ? 5.064   -7.092  17.428  1.00 5.50  ? 1   PRO A CD  1 
ATOM   8    N N   . GLN A 1 2  ? 7.837   -3.619  16.041  1.00 10.03 ? 2   GLN A N   1 
ATOM   9    C CA  . GLN A 1 2  ? 8.081   -2.283  15.431  1.00 13.56 ? 2   GLN A CA  1 
ATOM   10   C C   . GLN A 1 2  ? 8.804   -2.672  14.132  1.00 13.76 ? 2   GLN A C   1 
ATOM   11   O O   . GLN A 1 2  ? 9.875   -3.296  14.270  1.00 18.02 ? 2   GLN A O   1 
ATOM   12   C CB  . GLN A 1 2  ? 8.810   -1.260  16.258  1.00 16.19 ? 2   GLN A CB  1 
ATOM   13   C CG  . GLN A 1 2  ? 9.026   0.089   15.558  1.00 23.62 ? 2   GLN A CG  1 
ATOM   14   C CD  . GLN A 1 2  ? 9.910   1.023   16.361  1.00 25.05 ? 2   GLN A CD  1 
ATOM   15   O OE1 . GLN A 1 2  ? 9.568   1.764   17.301  1.00 26.46 ? 2   GLN A OE1 1 
ATOM   16   N NE2 . GLN A 1 2  ? 11.178  0.978   15.961  1.00 9.24  ? 2   GLN A NE2 1 
ATOM   17   N N   . ILE A 1 3  ? 8.193   -2.406  13.010  1.00 9.51  ? 3   ILE A N   1 
ATOM   18   C CA  . ILE A 1 3  ? 8.772   -2.802  11.727  1.00 3.63  ? 3   ILE A CA  1 
ATOM   19   C C   . ILE A 1 3  ? 9.033   -1.529  10.904  1.00 2.00  ? 3   ILE A C   1 
ATOM   20   O O   . ILE A 1 3  ? 7.966   -0.946  10.547  1.00 2.00  ? 3   ILE A O   1 
ATOM   21   C CB  . ILE A 1 3  ? 7.821   -3.691  10.845  1.00 3.69  ? 3   ILE A CB  1 
ATOM   22   C CG1 . ILE A 1 3  ? 7.343   -4.969  11.596  1.00 10.88 ? 3   ILE A CG1 1 
ATOM   23   C CG2 . ILE A 1 3  ? 8.445   -4.113  9.481   1.00 2.00  ? 3   ILE A CG2 1 
ATOM   24   C CD1 . ILE A 1 3  ? 6.064   -5.548  10.848  1.00 2.00  ? 3   ILE A CD1 1 
ATOM   25   N N   . THR A 1 4  ? 10.254  -1.288  10.588  1.00 2.00  ? 4   THR A N   1 
ATOM   26   C CA  . THR A 1 4  ? 10.847  -0.242  9.778   1.00 2.00  ? 4   THR A CA  1 
ATOM   27   C C   . THR A 1 4  ? 10.576  -0.367  8.284   1.00 2.00  ? 4   THR A C   1 
ATOM   28   O O   . THR A 1 4  ? 10.254  -1.481  7.814   1.00 2.00  ? 4   THR A O   1 
ATOM   29   C CB  . THR A 1 4  ? 12.398  -0.432  10.072  1.00 8.70  ? 4   THR A CB  1 
ATOM   30   O OG1 . THR A 1 4  ? 12.431  -1.910  10.090  1.00 16.25 ? 4   THR A OG1 1 
ATOM   31   C CG2 . THR A 1 4  ? 12.915  0.252   11.342  1.00 15.09 ? 4   THR A CG2 1 
ATOM   32   N N   . LEU A 1 5  ? 10.815  0.720   7.540   1.00 2.00  ? 5   LEU A N   1 
ATOM   33   C CA  . LEU A 1 5  ? 10.500  0.634   6.102   1.00 2.00  ? 5   LEU A CA  1 
ATOM   34   C C   . LEU A 1 5  ? 11.563  0.425   5.067   1.00 2.00  ? 5   LEU A C   1 
ATOM   35   O O   . LEU A 1 5  ? 11.151  0.242   3.894   1.00 2.00  ? 5   LEU A O   1 
ATOM   36   C CB  . LEU A 1 5  ? 9.510   1.784   5.882   1.00 2.11  ? 5   LEU A CB  1 
ATOM   37   C CG  . LEU A 1 5  ? 8.223   1.685   6.675   1.00 13.00 ? 5   LEU A CG  1 
ATOM   38   C CD1 . LEU A 1 5  ? 7.430   2.997   6.684   1.00 15.68 ? 5   LEU A CD1 1 
ATOM   39   C CD2 . LEU A 1 5  ? 7.374   0.547   6.142   1.00 9.29  ? 5   LEU A CD2 1 
ATOM   40   N N   . TRP A 1 6  ? 12.836  0.328   5.371   1.00 2.00  ? 6   TRP A N   1 
ATOM   41   C CA  . TRP A 1 6  ? 14.057  0.079   4.651   1.00 2.00  ? 6   TRP A CA  1 
ATOM   42   C C   . TRP A 1 6  ? 13.931  -1.185  3.799   1.00 2.00  ? 6   TRP A C   1 
ATOM   43   O O   . TRP A 1 6  ? 14.809  -1.244  2.923   1.00 2.00  ? 6   TRP A O   1 
ATOM   44   C CB  . TRP A 1 6  ? 15.400  -0.118  5.413   1.00 12.98 ? 6   TRP A CB  1 
ATOM   45   C CG  . TRP A 1 6  ? 15.469  0.623   6.700   1.00 21.96 ? 6   TRP A CG  1 
ATOM   46   C CD1 . TRP A 1 6  ? 15.086  0.173   7.945   1.00 30.51 ? 6   TRP A CD1 1 
ATOM   47   C CD2 . TRP A 1 6  ? 15.849  1.988   6.867   1.00 18.88 ? 6   TRP A CD2 1 
ATOM   48   N NE1 . TRP A 1 6  ? 15.196  1.176   8.883   1.00 33.17 ? 6   TRP A NE1 1 
ATOM   49   C CE2 . TRP A 1 6  ? 15.655  2.302   8.235   1.00 28.60 ? 6   TRP A CE2 1 
ATOM   50   C CE3 . TRP A 1 6  ? 16.344  2.947   6.004   1.00 17.70 ? 6   TRP A CE3 1 
ATOM   51   C CZ2 . TRP A 1 6  ? 15.924  3.566   8.731   1.00 25.35 ? 6   TRP A CZ2 1 
ATOM   52   C CZ3 . TRP A 1 6  ? 16.608  4.213   6.469   1.00 16.22 ? 6   TRP A CZ3 1 
ATOM   53   C CH2 . TRP A 1 6  ? 16.374  4.497   7.802   1.00 24.66 ? 6   TRP A CH2 1 
ATOM   54   N N   . GLN A 1 7  ? 12.969  -2.026  4.048   1.00 3.35  ? 7   GLN A N   1 
ATOM   55   C CA  . GLN A 1 7  ? 12.706  -3.184  3.188   1.00 4.83  ? 7   GLN A CA  1 
ATOM   56   C C   . GLN A 1 7  ? 11.169  -3.309  3.277   1.00 6.60  ? 7   GLN A C   1 
ATOM   57   O O   . GLN A 1 7  ? 10.632  -2.845  4.271   1.00 10.09 ? 7   GLN A O   1 
ATOM   58   C CB  . GLN A 1 7  ? 13.169  -4.559  3.514   1.00 15.11 ? 7   GLN A CB  1 
ATOM   59   C CG  . GLN A 1 7  ? 14.573  -5.061  3.520   1.00 25.54 ? 7   GLN A CG  1 
ATOM   60   C CD  . GLN A 1 7  ? 14.646  -6.431  4.183   1.00 27.66 ? 7   GLN A CD  1 
ATOM   61   O OE1 . GLN A 1 7  ? 14.486  -6.544  5.396   1.00 34.29 ? 7   GLN A OE1 1 
ATOM   62   N NE2 . GLN A 1 7  ? 14.883  -7.488  3.416   1.00 33.00 ? 7   GLN A NE2 1 
ATOM   63   N N   . ARG A 1 8  ? 10.630  -3.973  2.282   1.00 10.31 ? 8   ARG A N   1 
ATOM   64   C CA  . ARG A 1 8  ? 9.187   -4.271  2.243   1.00 7.99  ? 8   ARG A CA  1 
ATOM   65   C C   . ARG A 1 8  ? 8.865   -4.994  3.546   1.00 9.42  ? 8   ARG A C   1 
ATOM   66   O O   . ARG A 1 8  ? 9.648   -5.898  3.924   1.00 10.32 ? 8   ARG A O   1 
ATOM   67   C CB  . ARG A 1 8  ? 8.836   -5.267  1.141   1.00 2.44  ? 8   ARG A CB  1 
ATOM   68   C CG  . ARG A 1 8  ? 8.883   -4.651  -0.231  1.00 7.69  ? 8   ARG A CG  1 
ATOM   69   C CD  . ARG A 1 8  ? 9.225   -5.609  -1.306  1.00 10.72 ? 8   ARG A CD  1 
ATOM   70   N NE  . ARG A 1 8  ? 8.987   -4.869  -2.568  1.00 17.94 ? 8   ARG A NE  1 
ATOM   71   C CZ  . ARG A 1 8  ? 9.331   -5.423  -3.738  1.00 24.69 ? 8   ARG A CZ  1 
ATOM   72   N NH1 . ARG A 1 8  ? 10.126  -6.501  -3.737  1.00 28.41 ? 8   ARG A NH1 1 
ATOM   73   N NH2 . ARG A 1 8  ? 8.695   -5.041  -4.845  1.00 16.19 ? 8   ARG A NH2 1 
ATOM   74   N N   . PRO A 1 9  ? 7.729   -4.567  4.078   1.00 8.38  ? 9   PRO A N   1 
ATOM   75   C CA  . PRO A 1 9  ? 7.213   -5.199  5.331   1.00 4.47  ? 9   PRO A CA  1 
ATOM   76   C C   . PRO A 1 9  ? 6.499   -6.495  4.993   1.00 6.26  ? 9   PRO A C   1 
ATOM   77   O O   . PRO A 1 9  ? 5.266   -6.664  4.804   1.00 5.60  ? 9   PRO A O   1 
ATOM   78   C CB  . PRO A 1 9  ? 6.528   -4.005  5.960   1.00 2.17  ? 9   PRO A CB  1 
ATOM   79   C CG  . PRO A 1 9  ? 6.048   -3.108  4.833   1.00 2.00  ? 9   PRO A CG  1 
ATOM   80   C CD  . PRO A 1 9  ? 6.853   -3.502  3.604   1.00 2.00  ? 9   PRO A CD  1 
ATOM   81   N N   . LEU A 1 10 ? 7.348   -7.521  4.792   1.00 6.46  ? 10  LEU A N   1 
ATOM   82   C CA  . LEU A 1 10 ? 6.891   -8.911  4.546   1.00 10.06 ? 10  LEU A CA  1 
ATOM   83   C C   . LEU A 1 10 ? 7.010   -9.736  5.852   1.00 6.81  ? 10  LEU A C   1 
ATOM   84   O O   . LEU A 1 10 ? 8.071   -9.948  6.427   1.00 8.01  ? 10  LEU A O   1 
ATOM   85   C CB  . LEU A 1 10 ? 7.579   -9.602  3.371   1.00 11.47 ? 10  LEU A CB  1 
ATOM   86   C CG  . LEU A 1 10 ? 7.457   -9.260  1.911   1.00 6.53  ? 10  LEU A CG  1 
ATOM   87   C CD1 . LEU A 1 10 ? 8.110   -10.265 0.968   1.00 3.53  ? 10  LEU A CD1 1 
ATOM   88   C CD2 . LEU A 1 10 ? 6.013   -9.162  1.474   1.00 3.83  ? 10  LEU A CD2 1 
ATOM   89   N N   . VAL A 1 11 ? 5.919   -10.261 6.342   1.00 10.23 ? 11  VAL A N   1 
ATOM   90   C CA  . VAL A 1 11 ? 5.690   -11.139 7.503   1.00 10.17 ? 11  VAL A CA  1 
ATOM   91   C C   . VAL A 1 11 ? 4.967   -12.450 7.100   1.00 10.78 ? 11  VAL A C   1 
ATOM   92   O O   . VAL A 1 11 ? 4.229   -12.408 6.098   1.00 8.04  ? 11  VAL A O   1 
ATOM   93   C CB  . VAL A 1 11 ? 4.867   -10.315 8.506   1.00 2.00  ? 11  VAL A CB  1 
ATOM   94   C CG1 . VAL A 1 11 ? 5.583   -9.047  8.902   1.00 2.00  ? 11  VAL A CG1 1 
ATOM   95   C CG2 . VAL A 1 11 ? 3.471   -10.111 7.920   1.00 2.00  ? 11  VAL A CG2 1 
ATOM   96   N N   . THR A 1 12 ? 5.159   -13.556 7.812   1.00 9.58  ? 12  THR A N   1 
ATOM   97   C CA  . THR A 1 12 ? 4.547   -14.861 7.513   1.00 9.66  ? 12  THR A CA  1 
ATOM   98   C C   . THR A 1 12 ? 3.110   -14.898 8.062   1.00 6.66  ? 12  THR A C   1 
ATOM   99   O O   . THR A 1 12 ? 2.987   -14.522 9.236   1.00 7.20  ? 12  THR A O   1 
ATOM   100  C CB  . THR A 1 12 ? 5.281   -16.143 8.101   1.00 4.40  ? 12  THR A CB  1 
ATOM   101  O OG1 . THR A 1 12 ? 6.545   -15.684 8.689   1.00 6.88  ? 12  THR A OG1 1 
ATOM   102  C CG2 . THR A 1 12 ? 5.558   -17.183 7.001   1.00 2.00  ? 12  THR A CG2 1 
ATOM   103  N N   . ILE A 1 13 ? 2.186   -15.371 7.268   1.00 6.50  ? 13  ILE A N   1 
ATOM   104  C CA  . ILE A 1 13 ? 0.757   -15.439 7.550   1.00 5.69  ? 13  ILE A CA  1 
ATOM   105  C C   . ILE A 1 13 ? 0.380   -16.910 7.573   1.00 6.09  ? 13  ILE A C   1 
ATOM   106  O O   . ILE A 1 13 ? 0.872   -17.630 6.694   1.00 11.04 ? 13  ILE A O   1 
ATOM   107  C CB  . ILE A 1 13 ? -0.080  -14.562 6.551   1.00 6.87  ? 13  ILE A CB  1 
ATOM   108  C CG1 . ILE A 1 13 ? -0.624  -15.185 5.270   1.00 2.00  ? 13  ILE A CG1 1 
ATOM   109  C CG2 . ILE A 1 13 ? 0.750   -13.329 6.106   1.00 2.63  ? 13  ILE A CG2 1 
ATOM   110  C CD1 . ILE A 1 13 ? -1.641  -14.445 4.373   1.00 2.00  ? 13  ILE A CD1 1 
ATOM   111  N N   . ARG A 1 14 ? -0.388  -17.358 8.532   1.00 4.95  ? 14  ARG A N   1 
ATOM   112  C CA  . ARG A 1 14 ? -0.824  -18.724 8.718   1.00 2.00  ? 14  ARG A CA  1 
ATOM   113  C C   . ARG A 1 14 ? -2.340  -18.645 8.400   1.00 2.00  ? 14  ARG A C   1 
ATOM   114  O O   . ARG A 1 14 ? -2.960  -17.993 9.235   1.00 7.49  ? 14  ARG A O   1 
ATOM   115  C CB  . ARG A 1 14 ? -0.836  -19.452 10.071  1.00 2.00  ? 14  ARG A CB  1 
ATOM   116  C CG  . ARG A 1 14 ? -0.717  -20.962 9.759   1.00 13.07 ? 14  ARG A CG  1 
ATOM   117  C CD  . ARG A 1 14 ? -0.346  -21.746 10.974  1.00 25.60 ? 14  ARG A CD  1 
ATOM   118  N NE  . ARG A 1 14 ? -1.325  -21.574 12.043  1.00 36.29 ? 14  ARG A NE  1 
ATOM   119  C CZ  . ARG A 1 14 ? -2.648  -21.699 11.883  1.00 36.27 ? 14  ARG A CZ  1 
ATOM   120  N NH1 . ARG A 1 14 ? -3.198  -22.144 10.756  1.00 34.49 ? 14  ARG A NH1 1 
ATOM   121  N NH2 . ARG A 1 14 ? -3.420  -21.138 12.824  1.00 36.80 ? 14  ARG A NH2 1 
ATOM   122  N N   . ILE A 1 15 ? -2.637  -19.265 7.307   1.00 8.77  ? 15  ILE A N   1 
ATOM   123  C CA  . ILE A 1 15 ? -4.005  -19.271 6.784   1.00 3.96  ? 15  ILE A CA  1 
ATOM   124  C C   . ILE A 1 15 ? -4.480  -20.701 6.545   1.00 8.76  ? 15  ILE A C   1 
ATOM   125  O O   . ILE A 1 15 ? -4.376  -21.325 5.476   1.00 8.48  ? 15  ILE A O   1 
ATOM   126  C CB  . ILE A 1 15 ? -3.983  -18.420 5.470   1.00 4.59  ? 15  ILE A CB  1 
ATOM   127  C CG1 . ILE A 1 15 ? -5.427  -18.320 4.946   1.00 2.67  ? 15  ILE A CG1 1 
ATOM   128  C CG2 . ILE A 1 15 ? -3.094  -18.978 4.338   1.00 8.19  ? 15  ILE A CG2 1 
ATOM   129  C CD1 . ILE A 1 15 ? -6.234  -17.289 5.764   1.00 19.57 ? 15  ILE A CD1 1 
ATOM   130  N N   . GLY A 1 16 ? -5.005  -21.258 7.631   1.00 11.70 ? 16  GLY A N   1 
ATOM   131  C CA  . GLY A 1 16 ? -5.572  -22.605 7.672   1.00 12.24 ? 16  GLY A CA  1 
ATOM   132  C C   . GLY A 1 16 ? -4.583  -23.636 7.113   1.00 11.42 ? 16  GLY A C   1 
ATOM   133  O O   . GLY A 1 16 ? -4.616  -24.042 5.931   1.00 13.44 ? 16  GLY A O   1 
ATOM   134  N N   . GLY A 1 17 ? -3.742  -24.004 8.070   1.00 7.14  ? 17  GLY A N   1 
ATOM   135  C CA  . GLY A 1 17 ? -2.706  -25.000 7.848   1.00 7.99  ? 17  GLY A CA  1 
ATOM   136  C C   . GLY A 1 17 ? -1.938  -24.754 6.566   1.00 7.25  ? 17  GLY A C   1 
ATOM   137  O O   . GLY A 1 17 ? -1.413  -25.707 6.015   1.00 8.85  ? 17  GLY A O   1 
ATOM   138  N N   . GLN A 1 18 ? -1.839  -23.523 6.147   1.00 9.70  ? 18  GLN A N   1 
ATOM   139  C CA  . GLN A 1 18 ? -1.076  -23.029 4.999   1.00 8.42  ? 18  GLN A CA  1 
ATOM   140  C C   . GLN A 1 18 ? -0.248  -21.827 5.449   1.00 2.58  ? 18  GLN A C   1 
ATOM   141  O O   . GLN A 1 18 ? -0.836  -20.922 6.071   1.00 7.27  ? 18  GLN A O   1 
ATOM   142  C CB  . GLN A 1 18 ? -1.973  -22.692 3.796   1.00 15.99 ? 18  GLN A CB  1 
ATOM   143  C CG  . GLN A 1 18 ? -2.408  -23.892 2.964   1.00 18.33 ? 18  GLN A CG  1 
ATOM   144  C CD  . GLN A 1 18 ? -1.161  -24.692 2.636   1.00 30.10 ? 18  GLN A CD  1 
ATOM   145  O OE1 . GLN A 1 18 ? -0.092  -24.062 2.565   1.00 33.38 ? 18  GLN A OE1 1 
ATOM   146  N NE2 . GLN A 1 18 ? -1.264  -26.018 2.561   1.00 30.23 ? 18  GLN A NE2 1 
ATOM   147  N N   . LEU A 1 19 ? 1.040   -21.798 5.204   1.00 2.00  ? 19  LEU A N   1 
ATOM   148  C CA  . LEU A 1 19 ? 1.844   -20.631 5.591   1.00 2.00  ? 19  LEU A CA  1 
ATOM   149  C C   . LEU A 1 19 ? 2.215   -19.761 4.389   1.00 3.47  ? 19  LEU A C   1 
ATOM   150  O O   . LEU A 1 19 ? 2.678   -20.355 3.395   1.00 6.90  ? 19  LEU A O   1 
ATOM   151  C CB  . LEU A 1 19 ? 3.068   -21.141 6.356   1.00 5.54  ? 19  LEU A CB  1 
ATOM   152  C CG  . LEU A 1 19 ? 2.817   -21.650 7.770   1.00 12.65 ? 19  LEU A CG  1 
ATOM   153  C CD1 . LEU A 1 19 ? 4.080   -22.370 8.273   1.00 11.26 ? 19  LEU A CD1 1 
ATOM   154  C CD2 . LEU A 1 19 ? 2.556   -20.423 8.648   1.00 11.67 ? 19  LEU A CD2 1 
ATOM   155  N N   . LYS A 1 20 ? 2.107   -18.443 4.429   1.00 3.26  ? 20  LYS A N   1 
ATOM   156  C CA  . LYS A 1 20 ? 2.535   -17.628 3.282   1.00 4.92  ? 20  LYS A CA  1 
ATOM   157  C C   . LYS A 1 20 ? 3.237   -16.370 3.805   1.00 7.51  ? 20  LYS A C   1 
ATOM   158  O O   . LYS A 1 20 ? 3.114   -16.043 4.976   1.00 9.95  ? 20  LYS A O   1 
ATOM   159  C CB  . LYS A 1 20 ? 1.449   -17.204 2.340   1.00 2.00  ? 20  LYS A CB  1 
ATOM   160  C CG  . LYS A 1 20 ? 0.250   -18.060 2.055   1.00 2.81  ? 20  LYS A CG  1 
ATOM   161  C CD  . LYS A 1 20 ? 0.543   -19.311 1.273   1.00 14.45 ? 20  LYS A CD  1 
ATOM   162  C CE  . LYS A 1 20 ? -0.629  -20.274 1.183   1.00 20.29 ? 20  LYS A CE  1 
ATOM   163  N NZ  . LYS A 1 20 ? -0.036  -21.641 0.961   1.00 13.89 ? 20  LYS A NZ  1 
ATOM   164  N N   . GLU A 1 21 ? 3.955   -15.712 2.922   1.00 11.23 ? 21  GLU A N   1 
ATOM   165  C CA  . GLU A 1 21 ? 4.650   -14.440 3.153   1.00 11.12 ? 21  GLU A CA  1 
ATOM   166  C C   . GLU A 1 21 ? 3.724   -13.338 2.674   1.00 7.90  ? 21  GLU A C   1 
ATOM   167  O O   . GLU A 1 21 ? 3.371   -13.421 1.478   1.00 14.97 ? 21  GLU A O   1 
ATOM   168  C CB  . GLU A 1 21 ? 5.951   -14.333 2.375   1.00 22.94 ? 21  GLU A CB  1 
ATOM   169  C CG  . GLU A 1 21 ? 7.250   -14.748 3.046   1.00 45.49 ? 21  GLU A CG  1 
ATOM   170  C CD  . GLU A 1 21 ? 7.756   -14.069 4.281   1.00 59.44 ? 21  GLU A CD  1 
ATOM   171  O OE1 . GLU A 1 21 ? 7.124   -13.047 4.654   1.00 66.60 ? 21  GLU A OE1 1 
ATOM   172  O OE2 . GLU A 1 21 ? 8.723   -14.460 4.938   1.00 64.09 ? 21  GLU A OE2 1 
ATOM   173  N N   . ALA A 1 22 ? 3.213   -12.427 3.446   1.00 4.69  ? 22  ALA A N   1 
ATOM   174  C CA  . ALA A 1 22 ? 2.306   -11.415 2.891   1.00 2.00  ? 22  ALA A CA  1 
ATOM   175  C C   . ALA A 1 22 ? 2.886   -10.070 3.299   1.00 2.00  ? 22  ALA A C   1 
ATOM   176  O O   . ALA A 1 22 ? 3.630   -10.017 4.259   1.00 2.00  ? 22  ALA A O   1 
ATOM   177  C CB  . ALA A 1 22 ? 0.902   -11.521 3.417   1.00 2.00  ? 22  ALA A CB  1 
ATOM   178  N N   . LEU A 1 23 ? 2.414   -9.079  2.621   1.00 2.17  ? 23  LEU A N   1 
ATOM   179  C CA  . LEU A 1 23 ? 2.781   -7.670  2.756   1.00 6.32  ? 23  LEU A CA  1 
ATOM   180  C C   . LEU A 1 23 ? 1.741   -6.783  3.446   1.00 2.87  ? 23  LEU A C   1 
ATOM   181  O O   . LEU A 1 23 ? 0.602   -6.679  2.989   1.00 2.00  ? 23  LEU A O   1 
ATOM   182  C CB  . LEU A 1 23 ? 3.026   -7.183  1.307   1.00 5.69  ? 23  LEU A CB  1 
ATOM   183  C CG  . LEU A 1 23 ? 3.704   -5.840  1.115   1.00 12.05 ? 23  LEU A CG  1 
ATOM   184  C CD1 . LEU A 1 23 ? 5.226   -5.998  1.061   1.00 7.79  ? 23  LEU A CD1 1 
ATOM   185  C CD2 . LEU A 1 23 ? 3.186   -5.170  -0.167  1.00 2.00  ? 23  LEU A CD2 1 
ATOM   186  N N   . LEU A 1 24 ? 2.225   -6.140  4.495   1.00 3.16  ? 24  LEU A N   1 
ATOM   187  C CA  . LEU A 1 24 ? 1.452   -5.158  5.276   1.00 3.72  ? 24  LEU A CA  1 
ATOM   188  C C   . LEU A 1 24 ? 1.390   -3.816  4.515   1.00 3.04  ? 24  LEU A C   1 
ATOM   189  O O   . LEU A 1 24 ? 2.180   -2.902  4.629   1.00 2.00  ? 24  LEU A O   1 
ATOM   190  C CB  . LEU A 1 24 ? 2.192   -4.972  6.599   1.00 2.00  ? 24  LEU A CB  1 
ATOM   191  C CG  . LEU A 1 24 ? 2.656   -6.199  7.315   1.00 2.07  ? 24  LEU A CG  1 
ATOM   192  C CD1 . LEU A 1 24 ? 3.656   -5.808  8.409   1.00 4.92  ? 24  LEU A CD1 1 
ATOM   193  C CD2 . LEU A 1 24 ? 1.391   -6.866  7.807   1.00 2.00  ? 24  LEU A CD2 1 
ATOM   194  N N   . ASP A 1 25 ? 0.443   -3.715  3.665   1.00 2.09  ? 25  ASP A N   1 
ATOM   195  C CA  . ASP A 1 25 ? 0.086   -2.656  2.764   1.00 2.00  ? 25  ASP A CA  1 
ATOM   196  C C   . ASP A 1 25 ? -1.062  -1.843  3.382   1.00 3.53  ? 25  ASP A C   1 
ATOM   197  O O   . ASP A 1 25 ? -2.240  -2.236  3.335   1.00 2.00  ? 25  ASP A O   1 
ATOM   198  C CB  . ASP A 1 25 ? -0.193  -3.299  1.419   1.00 2.00  ? 25  ASP A CB  1 
ATOM   199  C CG  . ASP A 1 25 ? -0.472  -2.368  0.284   1.00 15.58 ? 25  ASP A CG  1 
ATOM   200  O OD1 . ASP A 1 25 ? -0.154  -1.159  0.333   1.00 20.52 ? 25  ASP A OD1 1 
ATOM   201  O OD2 . ASP A 1 25 ? -1.012  -2.793  -0.756  1.00 21.05 ? 25  ASP A OD2 1 
ATOM   202  N N   . THR A 1 26 ? -0.652  -0.719  3.995   1.00 2.00  ? 26  THR A N   1 
ATOM   203  C CA  . THR A 1 26 ? -1.647  0.216   4.519   1.00 5.15  ? 26  THR A CA  1 
ATOM   204  C C   . THR A 1 26 ? -2.280  1.101   3.424   1.00 6.87  ? 26  THR A C   1 
ATOM   205  O O   . THR A 1 26 ? -3.034  2.025   3.782   1.00 7.76  ? 26  THR A O   1 
ATOM   206  C CB  . THR A 1 26 ? -0.924  1.193   5.508   1.00 2.00  ? 26  THR A CB  1 
ATOM   207  O OG1 . THR A 1 26 ? -0.034  1.843   4.545   1.00 17.12 ? 26  THR A OG1 1 
ATOM   208  C CG2 . THR A 1 26 ? -0.183  0.525   6.648   1.00 3.59  ? 26  THR A CG2 1 
ATOM   209  N N   . GLY A 1 27 ? -2.006  0.856   2.144   1.00 5.41  ? 27  GLY A N   1 
ATOM   210  C CA  . GLY A 1 27 ? -2.567  1.607   1.026   1.00 2.00  ? 27  GLY A CA  1 
ATOM   211  C C   . GLY A 1 27 ? -3.693  0.809   0.371   1.00 2.00  ? 27  GLY A C   1 
ATOM   212  O O   . GLY A 1 27 ? -4.379  1.274   -0.546  1.00 2.00  ? 27  GLY A O   1 
ATOM   213  N N   . ALA A 1 28 ? -3.892  -0.366  0.865   1.00 2.00  ? 28  ALA A N   1 
ATOM   214  C CA  . ALA A 1 28 ? -4.845  -1.379  0.435   1.00 2.00  ? 28  ALA A CA  1 
ATOM   215  C C   . ALA A 1 28 ? -6.026  -1.356  1.393   1.00 2.00  ? 28  ALA A C   1 
ATOM   216  O O   . ALA A 1 28 ? -5.845  -1.374  2.622   1.00 2.25  ? 28  ALA A O   1 
ATOM   217  C CB  . ALA A 1 28 ? -4.177  -2.750  0.453   1.00 2.00  ? 28  ALA A CB  1 
ATOM   218  N N   . ASP A 1 29 ? -7.203  -1.346  0.815   1.00 2.00  ? 29  ASP A N   1 
ATOM   219  C CA  . ASP A 1 29 ? -8.451  -1.319  1.618   1.00 2.00  ? 29  ASP A CA  1 
ATOM   220  C C   . ASP A 1 29 ? -8.738  -2.719  2.160   1.00 2.61  ? 29  ASP A C   1 
ATOM   221  O O   . ASP A 1 29 ? -9.236  -2.902  3.286   1.00 3.70  ? 29  ASP A O   1 
ATOM   222  C CB  . ASP A 1 29 ? -9.541  -0.861  0.626   1.00 2.00  ? 29  ASP A CB  1 
ATOM   223  C CG  . ASP A 1 29 ? -9.338  0.613   0.328   1.00 9.16  ? 29  ASP A CG  1 
ATOM   224  O OD1 . ASP A 1 29 ? -8.322  1.313   0.328   1.00 11.36 ? 29  ASP A OD1 1 
ATOM   225  O OD2 . ASP A 1 29 ? -10.415 1.141   0.143   1.00 2.00  ? 29  ASP A OD2 1 
ATOM   226  N N   . ASP A 1 30 ? -8.457  -3.679  1.290   1.00 2.00  ? 30  ASP A N   1 
ATOM   227  C CA  . ASP A 1 30 ? -8.679  -5.083  1.474   1.00 3.29  ? 30  ASP A CA  1 
ATOM   228  C C   . ASP A 1 30 ? -7.360  -5.890  1.432   1.00 3.40  ? 30  ASP A C   1 
ATOM   229  O O   . ASP A 1 30 ? -6.348  -5.318  1.068   1.00 2.00  ? 30  ASP A O   1 
ATOM   230  C CB  . ASP A 1 30 ? -9.635  -5.611  0.386   1.00 14.10 ? 30  ASP A CB  1 
ATOM   231  C CG  . ASP A 1 30 ? -11.017 -4.999  0.361   1.00 5.79  ? 30  ASP A CG  1 
ATOM   232  O OD1 . ASP A 1 30 ? -11.857 -5.416  1.187   1.00 15.54 ? 30  ASP A OD1 1 
ATOM   233  O OD2 . ASP A 1 30 ? -11.225 -4.137  -0.506  1.00 4.06  ? 30  ASP A OD2 1 
ATOM   234  N N   . THR A 1 31 ? -7.572  -7.165  1.730   1.00 2.00  ? 31  THR A N   1 
ATOM   235  C CA  . THR A 1 31 ? -6.613  -8.238  1.761   1.00 2.00  ? 31  THR A CA  1 
ATOM   236  C C   . THR A 1 31 ? -6.825  -9.094  0.523   1.00 3.56  ? 31  THR A C   1 
ATOM   237  O O   . THR A 1 31 ? -7.909  -9.690  0.398   1.00 2.00  ? 31  THR A O   1 
ATOM   238  C CB  . THR A 1 31 ? -6.763  -9.090  3.076   1.00 2.00  ? 31  THR A CB  1 
ATOM   239  O OG1 . THR A 1 31 ? -6.591  -8.112  4.143   1.00 4.30  ? 31  THR A OG1 1 
ATOM   240  C CG2 . THR A 1 31 ? -5.724  -10.223 3.215   1.00 4.26  ? 31  THR A CG2 1 
ATOM   241  N N   . VAL A 1 32 ? -5.841  -9.078  -0.357  1.00 3.84  ? 32  VAL A N   1 
ATOM   242  C CA  . VAL A 1 32 ? -5.869  -9.789  -1.635  1.00 3.65  ? 32  VAL A CA  1 
ATOM   243  C C   . VAL A 1 32 ? -4.796  -10.883 -1.683  1.00 5.26  ? 32  VAL A C   1 
ATOM   244  O O   . VAL A 1 32 ? -3.585  -10.632 -1.685  1.00 8.26  ? 32  VAL A O   1 
ATOM   245  C CB  . VAL A 1 32 ? -5.726  -8.856  -2.852  1.00 2.00  ? 32  VAL A CB  1 
ATOM   246  C CG1 . VAL A 1 32 ? -5.628  -9.709  -4.139  1.00 2.00  ? 32  VAL A CG1 1 
ATOM   247  C CG2 . VAL A 1 32 ? -6.754  -7.787  -3.079  1.00 2.00  ? 32  VAL A CG2 1 
ATOM   248  N N   . LEU A 1 33 ? -5.211  -12.130 -1.774  1.00 8.12  ? 33  LEU A N   1 
ATOM   249  C CA  . LEU A 1 33 ? -4.223  -13.218 -1.881  1.00 9.44  ? 33  LEU A CA  1 
ATOM   250  C C   . LEU A 1 33 ? -4.055  -13.684 -3.317  1.00 11.79 ? 33  LEU A C   1 
ATOM   251  O O   . LEU A 1 33 ? -4.887  -13.492 -4.231  1.00 13.91 ? 33  LEU A O   1 
ATOM   252  C CB  . LEU A 1 33 ? -4.609  -14.201 -0.788  1.00 13.84 ? 33  LEU A CB  1 
ATOM   253  C CG  . LEU A 1 33 ? -4.577  -13.779 0.669   1.00 10.78 ? 33  LEU A CG  1 
ATOM   254  C CD1 . LEU A 1 33 ? -3.918  -14.891 1.496   1.00 14.10 ? 33  LEU A CD1 1 
ATOM   255  C CD2 . LEU A 1 33 ? -3.796  -12.498 0.914   1.00 8.06  ? 33  LEU A CD2 1 
ATOM   256  N N   . GLU A 1 34 ? -2.879  -14.242 -3.545  1.00 13.04 ? 34  GLU A N   1 
ATOM   257  C CA  . GLU A 1 34 ? -2.536  -14.803 -4.868  1.00 20.97 ? 34  GLU A CA  1 
ATOM   258  C C   . GLU A 1 34 ? -3.479  -16.014 -5.010  1.00 26.23 ? 34  GLU A C   1 
ATOM   259  O O   . GLU A 1 34 ? -3.811  -16.552 -3.926  1.00 26.64 ? 34  GLU A O   1 
ATOM   260  C CB  . GLU A 1 34 ? -1.132  -15.328 -4.949  1.00 24.11 ? 34  GLU A CB  1 
ATOM   261  C CG  . GLU A 1 34 ? 0.110   -14.501 -4.663  1.00 33.56 ? 34  GLU A CG  1 
ATOM   262  C CD  . GLU A 1 34 ? 1.347   -15.323 -4.409  1.00 39.68 ? 34  GLU A CD  1 
ATOM   263  O OE1 . GLU A 1 34 ? 1.338   -16.477 -3.980  1.00 50.11 ? 34  GLU A OE1 1 
ATOM   264  O OE2 . GLU A 1 34 ? 2.408   -14.717 -4.647  1.00 38.53 ? 34  GLU A OE2 1 
ATOM   265  N N   . GLU A 1 35 ? -3.851  -16.403 -6.223  1.00 29.97 ? 35  GLU A N   1 
ATOM   266  C CA  . GLU A 1 35 ? -4.779  -17.523 -6.436  1.00 30.84 ? 35  GLU A CA  1 
ATOM   267  C C   . GLU A 1 35 ? -4.575  -18.630 -5.409  1.00 33.78 ? 35  GLU A C   1 
ATOM   268  O O   . GLU A 1 35 ? -3.452  -19.078 -5.091  1.00 35.01 ? 35  GLU A O   1 
ATOM   269  C CB  . GLU A 1 35 ? -4.681  -18.106 -7.831  1.00 37.69 ? 35  GLU A CB  1 
ATOM   270  C CG  . GLU A 1 35 ? -5.606  -19.313 -8.099  1.00 47.54 ? 35  GLU A CG  1 
ATOM   271  C CD  . GLU A 1 35 ? -7.050  -18.876 -8.162  1.00 54.43 ? 35  GLU A CD  1 
ATOM   272  O OE1 . GLU A 1 35 ? -7.308  -17.751 -8.584  1.00 59.79 ? 35  GLU A OE1 1 
ATOM   273  O OE2 . GLU A 1 35 ? -7.851  -19.745 -7.759  1.00 51.62 ? 35  GLU A OE2 1 
ATOM   274  N N   . MET A 1 36 ? -5.686  -19.057 -4.825  1.00 35.17 ? 36  MET A N   1 
ATOM   275  C CA  . MET A 1 36 ? -5.744  -20.050 -3.736  1.00 34.80 ? 36  MET A CA  1 
ATOM   276  C C   . MET A 1 36 ? -7.181  -20.529 -3.539  1.00 33.96 ? 36  MET A C   1 
ATOM   277  O O   . MET A 1 36 ? -8.194  -19.926 -3.917  1.00 35.00 ? 36  MET A O   1 
ATOM   278  C CB  . MET A 1 36 ? -5.109  -19.509 -2.457  1.00 39.18 ? 36  MET A CB  1 
ATOM   279  C CG  . MET A 1 36 ? -5.481  -20.206 -1.191  1.00 43.69 ? 36  MET A CG  1 
ATOM   280  S SD  . MET A 1 36 ? -4.429  -19.736 0.215   1.00 42.64 ? 36  MET A SD  1 
ATOM   281  C CE  . MET A 1 36 ? -5.281  -18.274 0.827   1.00 43.05 ? 36  MET A CE  1 
ATOM   282  N N   . ASN A 1 37 ? -7.208  -21.727 -2.977  1.00 33.16 ? 37  ASN A N   1 
ATOM   283  C CA  . ASN A 1 37 ? -8.432  -22.470 -2.669  1.00 30.97 ? 37  ASN A CA  1 
ATOM   284  C C   . ASN A 1 37 ? -8.657  -22.301 -1.169  1.00 25.69 ? 37  ASN A C   1 
ATOM   285  O O   . ASN A 1 37 ? -7.762  -22.492 -0.355  1.00 24.78 ? 37  ASN A O   1 
ATOM   286  C CB  . ASN A 1 37 ? -8.418  -23.911 -3.159  1.00 39.66 ? 37  ASN A CB  1 
ATOM   287  C CG  . ASN A 1 37 ? -8.674  -24.077 -4.651  1.00 47.27 ? 37  ASN A CG  1 
ATOM   288  O OD1 . ASN A 1 37 ? -7.752  -24.347 -5.448  1.00 45.86 ? 37  ASN A OD1 1 
ATOM   289  N ND2 . ASN A 1 37 ? -9.949  -23.935 -5.050  1.00 51.14 ? 37  ASN A ND2 1 
ATOM   290  N N   . LEU A 1 38 ? -9.851  -21.814 -0.914  1.00 24.97 ? 38  LEU A N   1 
ATOM   291  C CA  . LEU A 1 38 ? -10.263 -21.597 0.480   1.00 24.99 ? 38  LEU A CA  1 
ATOM   292  C C   . LEU A 1 38 ? -11.580 -22.352 0.571   1.00 26.54 ? 38  LEU A C   1 
ATOM   293  O O   . LEU A 1 38 ? -12.185 -22.565 -0.479  1.00 27.63 ? 38  LEU A O   1 
ATOM   294  C CB  . LEU A 1 38 ? -10.243 -20.131 0.829   1.00 9.19  ? 38  LEU A CB  1 
ATOM   295  C CG  . LEU A 1 38 ? -8.875  -19.475 0.947   1.00 7.97  ? 38  LEU A CG  1 
ATOM   296  C CD1 . LEU A 1 38 ? -9.041  -17.952 0.959   1.00 3.35  ? 38  LEU A CD1 1 
ATOM   297  C CD2 . LEU A 1 38 ? -8.148  -19.923 2.208   1.00 2.00  ? 38  LEU A CD2 1 
ATOM   298  N N   . PRO A 1 39 ? -11.853 -22.765 1.780   1.00 28.28 ? 39  PRO A N   1 
ATOM   299  C CA  . PRO A 1 39 ? -13.123 -23.481 2.028   1.00 31.06 ? 39  PRO A CA  1 
ATOM   300  C C   . PRO A 1 39 ? -14.187 -22.397 1.900   1.00 31.57 ? 39  PRO A C   1 
ATOM   301  O O   . PRO A 1 39 ? -13.869 -21.268 2.327   1.00 34.27 ? 39  PRO A O   1 
ATOM   302  C CB  . PRO A 1 39 ? -12.916 -24.088 3.407   1.00 29.25 ? 39  PRO A CB  1 
ATOM   303  C CG  . PRO A 1 39 ? -11.541 -23.725 3.872   1.00 28.19 ? 39  PRO A CG  1 
ATOM   304  C CD  . PRO A 1 39 ? -11.137 -22.512 3.039   1.00 28.38 ? 39  PRO A CD  1 
ATOM   305  N N   . GLY A 1 40 ? -15.321 -22.637 1.282   1.00 32.44 ? 40  GLY A N   1 
ATOM   306  C CA  . GLY A 1 40 ? -16.349 -21.600 1.199   1.00 33.97 ? 40  GLY A CA  1 
ATOM   307  C C   . GLY A 1 40 ? -16.920 -21.221 -0.149  1.00 34.68 ? 40  GLY A C   1 
ATOM   308  O O   . GLY A 1 40 ? -16.366 -21.482 -1.225  1.00 35.21 ? 40  GLY A O   1 
ATOM   309  N N   . LYS A 1 41 ? -18.096 -20.605 -0.056  1.00 35.81 ? 41  LYS A N   1 
ATOM   310  C CA  . LYS A 1 41 ? -18.828 -20.059 -1.212  1.00 36.30 ? 41  LYS A CA  1 
ATOM   311  C C   . LYS A 1 41 ? -18.218 -18.665 -1.486  1.00 33.40 ? 41  LYS A C   1 
ATOM   312  O O   . LYS A 1 41 ? -18.173 -17.789 -0.602  1.00 35.77 ? 41  LYS A O   1 
ATOM   313  C CB  . LYS A 1 41 ? -20.294 -19.820 -0.974  1.00 49.20 ? 41  LYS A CB  1 
ATOM   314  C CG  . LYS A 1 41 ? -21.426 -20.769 -1.310  1.00 58.64 ? 41  LYS A CG  1 
ATOM   315  C CD  . LYS A 1 41 ? -22.748 -20.094 -0.904  1.00 64.83 ? 41  LYS A CD  1 
ATOM   316  C CE  . LYS A 1 41 ? -23.836 -21.108 -0.630  1.00 72.01 ? 41  LYS A CE  1 
ATOM   317  N NZ  . LYS A 1 41 ? -24.654 -20.726 0.554   1.00 73.29 ? 41  LYS A NZ  1 
ATOM   318  N N   . TRP A 1 42 ? -17.734 -18.453 -2.682  1.00 29.59 ? 42  TRP A N   1 
ATOM   319  C CA  . TRP A 1 42 ? -17.179 -17.116 -2.997  1.00 22.94 ? 42  TRP A CA  1 
ATOM   320  C C   . TRP A 1 42 ? -18.233 -16.451 -3.892  1.00 20.11 ? 42  TRP A C   1 
ATOM   321  O O   . TRP A 1 42 ? -19.233 -17.052 -4.349  1.00 14.17 ? 42  TRP A O   1 
ATOM   322  C CB  . TRP A 1 42 ? -15.776 -17.331 -3.557  1.00 28.31 ? 42  TRP A CB  1 
ATOM   323  C CG  . TRP A 1 42 ? -15.763 -18.165 -4.801  1.00 33.50 ? 42  TRP A CG  1 
ATOM   324  C CD1 . TRP A 1 42 ? -15.475 -19.496 -4.939  1.00 32.54 ? 42  TRP A CD1 1 
ATOM   325  C CD2 . TRP A 1 42 ? -16.110 -17.708 -6.116  1.00 33.46 ? 42  TRP A CD2 1 
ATOM   326  N NE1 . TRP A 1 42 ? -15.613 -19.902 -6.245  1.00 20.81 ? 42  TRP A NE1 1 
ATOM   327  C CE2 . TRP A 1 42 ? -16.003 -18.815 -6.981  1.00 33.44 ? 42  TRP A CE2 1 
ATOM   328  C CE3 . TRP A 1 42 ? -16.546 -16.494 -6.628  1.00 41.85 ? 42  TRP A CE3 1 
ATOM   329  C CZ2 . TRP A 1 42 ? -16.299 -18.699 -8.334  1.00 39.65 ? 42  TRP A CZ2 1 
ATOM   330  C CZ3 . TRP A 1 42 ? -16.864 -16.402 -7.973  1.00 42.57 ? 42  TRP A CZ3 1 
ATOM   331  C CH2 . TRP A 1 42 ? -16.742 -17.484 -8.831  1.00 34.13 ? 42  TRP A CH2 1 
ATOM   332  N N   . LYS A 1 43 ? -17.997 -15.169 -4.107  1.00 15.53 ? 43  LYS A N   1 
ATOM   333  C CA  . LYS A 1 43 ? -18.863 -14.351 -5.022  1.00 12.02 ? 43  LYS A CA  1 
ATOM   334  C C   . LYS A 1 43 ? -17.778 -13.590 -5.745  1.00 7.46  ? 43  LYS A C   1 
ATOM   335  O O   . LYS A 1 43 ? -16.711 -13.647 -5.073  1.00 3.03  ? 43  LYS A O   1 
ATOM   336  C CB  . LYS A 1 43 ? -19.936 -13.611 -4.252  1.00 28.19 ? 43  LYS A CB  1 
ATOM   337  C CG  . LYS A 1 43 ? -20.879 -14.670 -3.619  1.00 40.71 ? 43  LYS A CG  1 
ATOM   338  C CD  . LYS A 1 43 ? -21.475 -14.356 -2.265  1.00 44.03 ? 43  LYS A CD  1 
ATOM   339  C CE  . LYS A 1 43 ? -22.013 -15.565 -1.523  1.00 40.79 ? 43  LYS A CE  1 
ATOM   340  N NZ  . LYS A 1 43 ? -21.021 -16.204 -0.626  1.00 31.16 ? 43  LYS A NZ  1 
ATOM   341  N N   . PRO A 1 44 ? -17.975 -13.213 -6.989  1.00 2.00  ? 44  PRO A N   1 
ATOM   342  C CA  . PRO A 1 44 ? -16.935 -12.538 -7.767  1.00 2.00  ? 44  PRO A CA  1 
ATOM   343  C C   . PRO A 1 44 ? -16.972 -11.044 -7.501  1.00 2.00  ? 44  PRO A C   1 
ATOM   344  O O   . PRO A 1 44 ? -18.134 -10.572 -7.653  1.00 3.68  ? 44  PRO A O   1 
ATOM   345  C CB  . PRO A 1 44 ? -17.357 -12.643 -9.228  1.00 2.00  ? 44  PRO A CB  1 
ATOM   346  C CG  . PRO A 1 44 ? -18.567 -13.555 -9.207  1.00 2.00  ? 44  PRO A CG  1 
ATOM   347  C CD  . PRO A 1 44 ? -19.198 -13.324 -7.815  1.00 5.60  ? 44  PRO A CD  1 
ATOM   348  N N   . LYS A 1 45 ? -15.845 -10.417 -7.312  1.00 2.35  ? 45  LYS A N   1 
ATOM   349  C CA  . LYS A 1 45 ? -15.770 -8.965  -7.134  1.00 2.00  ? 45  LYS A CA  1 
ATOM   350  C C   . LYS A 1 45 ? -14.799 -8.325  -8.099  1.00 2.00  ? 45  LYS A C   1 
ATOM   351  O O   . LYS A 1 45 ? -14.092 -9.150  -8.685  1.00 7.09  ? 45  LYS A O   1 
ATOM   352  C CB  . LYS A 1 45 ? -15.346 -8.669  -5.679  1.00 2.00  ? 45  LYS A CB  1 
ATOM   353  C CG  . LYS A 1 45 ? -16.533 -9.111  -4.818  1.00 13.15 ? 45  LYS A CG  1 
ATOM   354  C CD  . LYS A 1 45 ? -17.761 -8.231  -5.018  1.00 22.65 ? 45  LYS A CD  1 
ATOM   355  C CE  . LYS A 1 45 ? -17.813 -7.058  -4.061  1.00 35.40 ? 45  LYS A CE  1 
ATOM   356  N NZ  . LYS A 1 45 ? -18.031 -7.408  -2.634  1.00 34.17 ? 45  LYS A NZ  1 
ATOM   357  N N   . MET A 1 46 ? -14.732 -7.020  -8.256  1.00 2.93  ? 46  MET A N   1 
ATOM   358  C CA  . MET A 1 46 ? -13.781 -6.295  -9.063  1.00 2.00  ? 46  MET A CA  1 
ATOM   359  C C   . MET A 1 46 ? -13.241 -5.147  -8.141  1.00 4.68  ? 46  MET A C   1 
ATOM   360  O O   . MET A 1 46 ? -13.983 -4.222  -7.762  1.00 2.00  ? 46  MET A O   1 
ATOM   361  C CB  . MET A 1 46 ? -14.160 -5.549  -10.298 1.00 2.00  ? 46  MET A CB  1 
ATOM   362  C CG  . MET A 1 46 ? -15.464 -5.906  -10.948 1.00 15.83 ? 46  MET A CG  1 
ATOM   363  S SD  . MET A 1 46 ? -15.067 -5.696  -12.741 1.00 17.98 ? 46  MET A SD  1 
ATOM   364  C CE  . MET A 1 46 ? -13.921 -7.072  -12.879 1.00 19.37 ? 46  MET A CE  1 
ATOM   365  N N   . ILE A 1 47 ? -11.914 -5.271  -8.037  1.00 5.17  ? 47  ILE A N   1 
ATOM   366  C CA  . ILE A 1 47 ? -11.202 -4.229  -7.226  1.00 4.11  ? 47  ILE A CA  1 
ATOM   367  C C   . ILE A 1 47 ? -10.174 -3.576  -8.157  1.00 2.00  ? 47  ILE A C   1 
ATOM   368  O O   . ILE A 1 47 ? -9.839  -4.313  -9.111  1.00 2.00  ? 47  ILE A O   1 
ATOM   369  C CB  . ILE A 1 47 ? -10.537 -4.944  -5.992  1.00 5.25  ? 47  ILE A CB  1 
ATOM   370  C CG1 . ILE A 1 47 ? -9.271  -5.663  -6.526  1.00 2.75  ? 47  ILE A CG1 1 
ATOM   371  C CG2 . ILE A 1 47 ? -11.538 -5.934  -5.341  1.00 2.00  ? 47  ILE A CG2 1 
ATOM   372  C CD1 . ILE A 1 47 ? -8.283  -6.122  -5.418  1.00 2.00  ? 47  ILE A CD1 1 
ATOM   373  N N   . GLY A 1 48 ? -9.657  -2.447  -7.730  1.00 2.00  ? 48  GLY A N   1 
ATOM   374  C CA  . GLY A 1 48 ? -8.684  -1.666  -8.452  1.00 2.00  ? 48  GLY A CA  1 
ATOM   375  C C   . GLY A 1 48 ? -7.402  -1.433  -7.682  1.00 2.00  ? 48  GLY A C   1 
ATOM   376  O O   . GLY A 1 48 ? -7.362  -1.458  -6.467  1.00 2.00  ? 48  GLY A O   1 
ATOM   377  N N   . GLY A 1 49 ? -6.365  -1.185  -8.411  1.00 2.62  ? 49  GLY A N   1 
ATOM   378  C CA  . GLY A 1 49 ? -4.945  -0.945  -8.260  1.00 5.23  ? 49  GLY A CA  1 
ATOM   379  C C   . GLY A 1 49 ? -4.453  0.239   -9.120  1.00 5.87  ? 49  GLY A C   1 
ATOM   380  O O   . GLY A 1 49 ? -5.284  0.985   -9.667  1.00 2.00  ? 49  GLY A O   1 
ATOM   381  N N   . ILE A 1 50 ? -3.140  0.443   -9.263  1.00 7.18  ? 50  ILE A N   1 
ATOM   382  C CA  . ILE A 1 50 ? -2.649  1.569   -10.068 1.00 8.75  ? 50  ILE A CA  1 
ATOM   383  C C   . ILE A 1 50 ? -2.865  1.249   -11.571 1.00 10.38 ? 50  ILE A C   1 
ATOM   384  O O   . ILE A 1 50 ? -2.807  2.224   -12.360 1.00 14.18 ? 50  ILE A O   1 
ATOM   385  C CB  . ILE A 1 50 ? -1.151  2.010   -10.017 1.00 3.20  ? 50  ILE A CB  1 
ATOM   386  C CG1 . ILE A 1 50 ? -0.268  0.732   -10.078 1.00 7.88  ? 50  ILE A CG1 1 
ATOM   387  C CG2 . ILE A 1 50 ? -0.646  2.993   -8.935  1.00 2.00  ? 50  ILE A CG2 1 
ATOM   388  C CD1 . ILE A 1 50 ? 1.133   1.123   -10.636 1.00 7.33  ? 50  ILE A CD1 1 
ATOM   389  N N   . GLY A 1 51 ? -2.935  -0.030  -11.866 1.00 5.35  ? 51  GLY A N   1 
ATOM   390  C CA  . GLY A 1 51 ? -3.015  -0.440  -13.274 1.00 7.47  ? 51  GLY A CA  1 
ATOM   391  C C   . GLY A 1 51 ? -4.414  -0.415  -13.847 1.00 5.78  ? 51  GLY A C   1 
ATOM   392  O O   . GLY A 1 51 ? -4.479  -0.357  -15.063 1.00 5.82  ? 51  GLY A O   1 
ATOM   393  N N   . GLY A 1 52 ? -5.419  -0.540  -13.017 1.00 9.54  ? 52  GLY A N   1 
ATOM   394  C CA  . GLY A 1 52 ? -6.859  -0.547  -13.312 1.00 9.17  ? 52  GLY A CA  1 
ATOM   395  C C   . GLY A 1 52 ? -7.515  -1.621  -12.418 1.00 14.31 ? 52  GLY A C   1 
ATOM   396  O O   . GLY A 1 52 ? -6.909  -2.027  -11.393 1.00 11.31 ? 52  GLY A O   1 
ATOM   397  N N   . PHE A 1 53 ? -8.667  -2.111  -12.890 1.00 13.41 ? 53  PHE A N   1 
ATOM   398  C CA  . PHE A 1 53 ? -9.473  -3.149  -12.249 1.00 7.22  ? 53  PHE A CA  1 
ATOM   399  C C   . PHE A 1 53 ? -9.215  -4.597  -12.671 1.00 5.57  ? 53  PHE A C   1 
ATOM   400  O O   . PHE A 1 53 ? -9.013  -4.930  -13.837 1.00 2.00  ? 53  PHE A O   1 
ATOM   401  C CB  . PHE A 1 53 ? -10.961 -2.827  -12.435 1.00 14.11 ? 53  PHE A CB  1 
ATOM   402  C CG  . PHE A 1 53 ? -11.447 -1.683  -11.621 1.00 13.69 ? 53  PHE A CG  1 
ATOM   403  C CD1 . PHE A 1 53 ? -10.895 -0.411  -11.776 1.00 22.88 ? 53  PHE A CD1 1 
ATOM   404  C CD2 . PHE A 1 53 ? -12.434 -1.880  -10.663 1.00 18.71 ? 53  PHE A CD2 1 
ATOM   405  C CE1 . PHE A 1 53 ? -11.340 0.685   -11.018 1.00 14.77 ? 53  PHE A CE1 1 
ATOM   406  C CE2 . PHE A 1 53 ? -12.864 -0.844  -9.850  1.00 21.08 ? 53  PHE A CE2 1 
ATOM   407  C CZ  . PHE A 1 53 ? -12.328 0.432   -10.034 1.00 23.64 ? 53  PHE A CZ  1 
ATOM   408  N N   . ILE A 1 54 ? -9.298  -5.464  -11.673 1.00 4.36  ? 54  ILE A N   1 
ATOM   409  C CA  . ILE A 1 54 ? -9.187  -6.903  -11.667 1.00 3.22  ? 54  ILE A CA  1 
ATOM   410  C C   . ILE A 1 54 ? -10.490 -7.486  -11.040 1.00 2.00  ? 54  ILE A C   1 
ATOM   411  O O   . ILE A 1 54 ? -11.046 -6.888  -10.124 1.00 2.00  ? 54  ILE A O   1 
ATOM   412  C CB  . ILE A 1 54 ? -8.046  -7.632  -10.884 1.00 5.34  ? 54  ILE A CB  1 
ATOM   413  C CG1 . ILE A 1 54 ? -7.993  -7.214  -9.391  1.00 2.80  ? 54  ILE A CG1 1 
ATOM   414  C CG2 . ILE A 1 54 ? -6.627  -7.707  -11.493 1.00 2.77  ? 54  ILE A CG2 1 
ATOM   415  C CD1 . ILE A 1 54 ? -7.000  -8.138  -8.579  1.00 2.00  ? 54  ILE A CD1 1 
ATOM   416  N N   . LYS A 1 55 ? -10.901 -8.611  -11.587 1.00 2.00  ? 55  LYS A N   1 
ATOM   417  C CA  . LYS A 1 55 ? -12.087 -9.329  -11.099 1.00 2.00  ? 55  LYS A CA  1 
ATOM   418  C C   . LYS A 1 55 ? -11.537 -10.271 -10.020 1.00 2.00  ? 55  LYS A C   1 
ATOM   419  O O   . LYS A 1 55 ? -10.602 -10.905 -10.516 1.00 2.00  ? 55  LYS A O   1 
ATOM   420  C CB  . LYS A 1 55 ? -12.832 -10.216 -12.097 1.00 2.00  ? 55  LYS A CB  1 
ATOM   421  C CG  . LYS A 1 55 ? -14.066 -10.811 -11.406 1.00 19.34 ? 55  LYS A CG  1 
ATOM   422  C CD  . LYS A 1 55 ? -14.706 -11.976 -12.137 1.00 31.54 ? 55  LYS A CD  1 
ATOM   423  C CE  . LYS A 1 55 ? -15.635 -11.535 -13.251 1.00 41.63 ? 55  LYS A CE  1 
ATOM   424  N NZ  . LYS A 1 55 ? -16.552 -10.464 -12.757 1.00 43.89 ? 55  LYS A NZ  1 
ATOM   425  N N   . VAL A 1 56 ? -12.024 -10.277 -8.802  1.00 2.00  ? 56  VAL A N   1 
ATOM   426  C CA  . VAL A 1 56 ? -11.533 -11.152 -7.728  1.00 3.51  ? 56  VAL A CA  1 
ATOM   427  C C   . VAL A 1 56 ? -12.617 -12.078 -7.190  1.00 2.00  ? 56  VAL A C   1 
ATOM   428  O O   . VAL A 1 56 ? -13.821 -11.865 -7.469  1.00 2.00  ? 56  VAL A O   1 
ATOM   429  C CB  . VAL A 1 56 ? -10.944 -10.277 -6.605  1.00 13.97 ? 56  VAL A CB  1 
ATOM   430  C CG1 . VAL A 1 56 ? -9.638  -9.587  -6.985  1.00 20.53 ? 56  VAL A CG1 1 
ATOM   431  C CG2 . VAL A 1 56 ? -11.944 -9.245  -6.101  1.00 20.25 ? 56  VAL A CG2 1 
ATOM   432  N N   . ARG A 1 57 ? -12.241 -13.138 -6.494  1.00 2.00  ? 57  ARG A N   1 
ATOM   433  C CA  . ARG A 1 57 ? -13.301 -14.031 -5.920  1.00 2.00  ? 57  ARG A CA  1 
ATOM   434  C C   . ARG A 1 57 ? -13.060 -14.006 -4.399  1.00 2.00  ? 57  ARG A C   1 
ATOM   435  O O   . ARG A 1 57 ? -11.991 -14.410 -3.937  1.00 2.00  ? 57  ARG A O   1 
ATOM   436  C CB  . ARG A 1 57 ? -13.378 -15.437 -6.447  1.00 10.35 ? 57  ARG A CB  1 
ATOM   437  C CG  . ARG A 1 57 ? -12.604 -16.538 -5.801  1.00 21.42 ? 57  ARG A CG  1 
ATOM   438  C CD  . ARG A 1 57 ? -12.728 -17.870 -6.401  1.00 33.04 ? 57  ARG A CD  1 
ATOM   439  N NE  . ARG A 1 57 ? -12.120 -18.094 -7.696  1.00 46.89 ? 57  ARG A NE  1 
ATOM   440  C CZ  . ARG A 1 57 ? -12.018 -19.297 -8.292  1.00 58.68 ? 57  ARG A CZ  1 
ATOM   441  N NH1 . ARG A 1 57 ? -12.392 -20.452 -7.727  1.00 63.21 ? 57  ARG A NH1 1 
ATOM   442  N NH2 . ARG A 1 57 ? -11.564 -19.374 -9.552  1.00 60.66 ? 57  ARG A NH2 1 
ATOM   443  N N   . GLN A 1 58 ? -14.018 -13.504 -3.695  1.00 2.00  ? 58  GLN A N   1 
ATOM   444  C CA  . GLN A 1 58 ? -14.145 -13.203 -2.299  1.00 6.11  ? 58  GLN A CA  1 
ATOM   445  C C   . GLN A 1 58 ? -14.752 -14.202 -1.335  1.00 6.18  ? 58  GLN A C   1 
ATOM   446  O O   . GLN A 1 58 ? -15.801 -14.824 -1.584  1.00 8.69  ? 58  GLN A O   1 
ATOM   447  C CB  . GLN A 1 58 ? -15.109 -11.978 -2.282  1.00 2.00  ? 58  GLN A CB  1 
ATOM   448  C CG  . GLN A 1 58 ? -15.530 -11.624 -0.858  1.00 2.00  ? 58  GLN A CG  1 
ATOM   449  C CD  . GLN A 1 58 ? -16.519 -10.487 -0.813  1.00 7.49  ? 58  GLN A CD  1 
ATOM   450  O OE1 . GLN A 1 58 ? -16.869 -9.838  -1.797  1.00 2.00  ? 58  GLN A OE1 1 
ATOM   451  N NE2 . GLN A 1 58 ? -17.018 -10.251 0.405   1.00 13.29 ? 58  GLN A NE2 1 
ATOM   452  N N   . TYR A 1 59 ? -14.124 -14.260 -0.167  1.00 7.47  ? 59  TYR A N   1 
ATOM   453  C CA  . TYR A 1 59 ? -14.499 -15.126 0.947   1.00 4.02  ? 59  TYR A CA  1 
ATOM   454  C C   . TYR A 1 59 ? -14.576 -14.213 2.177   1.00 6.05  ? 59  TYR A C   1 
ATOM   455  O O   . TYR A 1 59 ? -13.577 -13.525 2.408   1.00 7.99  ? 59  TYR A O   1 
ATOM   456  C CB  . TYR A 1 59 ? -13.490 -16.238 1.262   1.00 3.56  ? 59  TYR A CB  1 
ATOM   457  C CG  . TYR A 1 59 ? -13.089 -17.086 0.087   1.00 3.34  ? 59  TYR A CG  1 
ATOM   458  C CD1 . TYR A 1 59 ? -13.941 -18.136 -0.278  1.00 4.20  ? 59  TYR A CD1 1 
ATOM   459  C CD2 . TYR A 1 59 ? -11.950 -16.834 -0.689  1.00 8.25  ? 59  TYR A CD2 1 
ATOM   460  C CE1 . TYR A 1 59 ? -13.653 -18.896 -1.397  1.00 2.00  ? 59  TYR A CE1 1 
ATOM   461  C CE2 . TYR A 1 59 ? -11.643 -17.622 -1.802  1.00 5.59  ? 59  TYR A CE2 1 
ATOM   462  C CZ  . TYR A 1 59 ? -12.494 -18.671 -2.130  1.00 2.59  ? 59  TYR A CZ  1 
ATOM   463  O OH  . TYR A 1 59 ? -12.231 -19.560 -3.132  1.00 3.97  ? 59  TYR A OH  1 
ATOM   464  N N   . ASP A 1 60 ? -15.688 -14.289 2.819   1.00 5.89  ? 60  ASP A N   1 
ATOM   465  C CA  . ASP A 1 60 ? -16.160 -13.628 4.011   1.00 6.71  ? 60  ASP A CA  1 
ATOM   466  C C   . ASP A 1 60 ? -15.788 -14.495 5.242   1.00 7.90  ? 60  ASP A C   1 
ATOM   467  O O   . ASP A 1 60 ? -15.588 -15.719 5.142   1.00 8.18  ? 60  ASP A O   1 
ATOM   468  C CB  . ASP A 1 60 ? -17.654 -13.359 3.942   1.00 9.56  ? 60  ASP A CB  1 
ATOM   469  C CG  . ASP A 1 60 ? -18.299 -12.826 2.687   1.00 22.85 ? 60  ASP A CG  1 
ATOM   470  O OD1 . ASP A 1 60 ? -18.086 -13.447 1.611   1.00 32.24 ? 60  ASP A OD1 1 
ATOM   471  O OD2 . ASP A 1 60 ? -19.116 -11.877 2.671   1.00 19.65 ? 60  ASP A OD2 1 
ATOM   472  N N   . GLN A 1 61 ? -15.726 -13.851 6.387   1.00 5.23  ? 61  GLN A N   1 
ATOM   473  C CA  . GLN A 1 61 ? -15.322 -14.469 7.656   1.00 8.26  ? 61  GLN A CA  1 
ATOM   474  C C   . GLN A 1 61 ? -14.324 -15.601 7.393   1.00 7.43  ? 61  GLN A C   1 
ATOM   475  O O   . GLN A 1 61 ? -14.786 -16.706 7.108   1.00 11.00 ? 61  GLN A O   1 
ATOM   476  C CB  . GLN A 1 61 ? -16.484 -14.877 8.536   1.00 12.02 ? 61  GLN A CB  1 
ATOM   477  C CG  . GLN A 1 61 ? -17.661 -13.975 8.789   1.00 22.18 ? 61  GLN A CG  1 
ATOM   478  C CD  . GLN A 1 61 ? -18.665 -14.486 9.808   1.00 31.81 ? 61  GLN A CD  1 
ATOM   479  O OE1 . GLN A 1 61 ? -19.800 -14.026 10.021  1.00 32.58 ? 61  GLN A OE1 1 
ATOM   480  N NE2 . GLN A 1 61 ? -18.239 -15.511 10.563  1.00 33.12 ? 61  GLN A NE2 1 
ATOM   481  N N   . ILE A 1 62 ? -13.026 -15.437 7.477   1.00 7.95  ? 62  ILE A N   1 
ATOM   482  C CA  . ILE A 1 62 ? -11.947 -16.402 7.274   1.00 3.16  ? 62  ILE A CA  1 
ATOM   483  C C   . ILE A 1 62 ? -10.820 -15.936 8.208   1.00 5.26  ? 62  ILE A C   1 
ATOM   484  O O   . ILE A 1 62 ? -10.352 -14.812 7.979   1.00 6.64  ? 62  ILE A O   1 
ATOM   485  C CB  . ILE A 1 62 ? -11.357 -16.419 5.815   1.00 2.00  ? 62  ILE A CB  1 
ATOM   486  C CG1 . ILE A 1 62 ? -12.349 -16.855 4.714   1.00 7.65  ? 62  ILE A CG1 1 
ATOM   487  C CG2 . ILE A 1 62 ? -10.063 -17.305 5.745   1.00 2.00  ? 62  ILE A CG2 1 
ATOM   488  C CD1 . ILE A 1 62 ? -12.745 -18.373 4.702   1.00 2.00  ? 62  ILE A CD1 1 
ATOM   489  N N   . PRO A 1 63 ? -10.415 -16.740 9.165   1.00 7.38  ? 63  PRO A N   1 
ATOM   490  C CA  . PRO A 1 63 ? -9.376  -16.402 10.155  1.00 3.35  ? 63  PRO A CA  1 
ATOM   491  C C   . PRO A 1 63 ? -8.011  -16.469 9.519   1.00 3.57  ? 63  PRO A C   1 
ATOM   492  O O   . PRO A 1 63 ? -7.743  -17.291 8.630   1.00 2.00  ? 63  PRO A O   1 
ATOM   493  C CB  . PRO A 1 63 ? -9.510  -17.378 11.303  1.00 3.75  ? 63  PRO A CB  1 
ATOM   494  C CG  . PRO A 1 63 ? -10.704 -18.238 10.985  1.00 7.00  ? 63  PRO A CG  1 
ATOM   495  C CD  . PRO A 1 63 ? -10.993 -18.067 9.483   1.00 8.19  ? 63  PRO A CD  1 
ATOM   496  N N   . VAL A 1 64 ? -7.175  -15.549 10.000  1.00 3.62  ? 64  VAL A N   1 
ATOM   497  C CA  . VAL A 1 64 ? -5.813  -15.477 9.410   1.00 2.00  ? 64  VAL A CA  1 
ATOM   498  C C   . VAL A 1 64 ? -4.865  -15.148 10.522  1.00 2.00  ? 64  VAL A C   1 
ATOM   499  O O   . VAL A 1 64 ? -5.271  -14.326 11.333  1.00 2.00  ? 64  VAL A O   1 
ATOM   500  C CB  . VAL A 1 64 ? -5.844  -14.393 8.318   1.00 4.74  ? 64  VAL A CB  1 
ATOM   501  C CG1 . VAL A 1 64 ? -4.496  -14.170 7.649   1.00 7.63  ? 64  VAL A CG1 1 
ATOM   502  C CG2 . VAL A 1 64 ? -6.963  -14.650 7.318   1.00 3.77  ? 64  VAL A CG2 1 
ATOM   503  N N   . GLU A 1 65 ? -3.699  -15.748 10.534  1.00 2.00  ? 65  GLU A N   1 
ATOM   504  C CA  . GLU A 1 65 ? -2.847  -15.358 11.690  1.00 4.11  ? 65  GLU A CA  1 
ATOM   505  C C   . GLU A 1 65 ? -1.654  -14.568 11.205  1.00 2.94  ? 65  GLU A C   1 
ATOM   506  O O   . GLU A 1 65 ? -0.824  -15.120 10.501  1.00 3.01  ? 65  GLU A O   1 
ATOM   507  C CB  . GLU A 1 65 ? -2.548  -16.572 12.530  1.00 10.50 ? 65  GLU A CB  1 
ATOM   508  C CG  . GLU A 1 65 ? -1.705  -16.312 13.779  1.00 20.47 ? 65  GLU A CG  1 
ATOM   509  C CD  . GLU A 1 65 ? -1.641  -17.522 14.676  1.00 26.07 ? 65  GLU A CD  1 
ATOM   510  O OE1 . GLU A 1 65 ? -2.796  -17.826 15.072  1.00 24.43 ? 65  GLU A OE1 1 
ATOM   511  O OE2 . GLU A 1 65 ? -0.581  -18.071 14.923  1.00 26.09 ? 65  GLU A OE2 1 
ATOM   512  N N   . ILE A 1 66 ? -1.746  -13.264 11.442  1.00 4.40  ? 66  ILE A N   1 
ATOM   513  C CA  . ILE A 1 66 ? -0.737  -12.304 11.029  1.00 2.43  ? 66  ILE A CA  1 
ATOM   514  C C   . ILE A 1 66 ? 0.294   -12.195 12.159  1.00 3.70  ? 66  ILE A C   1 
ATOM   515  O O   . ILE A 1 66 ? 0.229   -11.375 13.062  1.00 2.15  ? 66  ILE A O   1 
ATOM   516  C CB  . ILE A 1 66 ? -1.120  -10.875 10.569  1.00 5.92  ? 66  ILE A CB  1 
ATOM   517  C CG1 . ILE A 1 66 ? -1.874  -10.906 9.212   1.00 15.82 ? 66  ILE A CG1 1 
ATOM   518  C CG2 . ILE A 1 66 ? 0.102   -9.910  10.487  1.00 2.00  ? 66  ILE A CG2 1 
ATOM   519  C CD1 . ILE A 1 66 ? -3.365  -11.362 9.333   1.00 21.51 ? 66  ILE A CD1 1 
HETATM 520  N N   . ABA A 1 67 ? 1.268   -13.045 11.912  1.00 2.00  ? 67  ABA A N   1 
HETATM 521  C CA  . ABA A 1 67 ? 2.456   -13.215 12.736  1.00 2.00  ? 67  ABA A CA  1 
HETATM 522  C C   . ABA A 1 67 ? 1.992   -13.362 14.164  1.00 2.00  ? 67  ABA A C   1 
HETATM 523  O O   . ABA A 1 67 ? 2.341   -12.714 15.173  1.00 2.00  ? 67  ABA A O   1 
HETATM 524  C CB  . ABA A 1 67 ? 3.621   -12.324 12.471  1.00 2.00  ? 67  ABA A CB  1 
HETATM 525  C CG  . ABA A 1 67 ? 3.578   -10.850 12.194  1.00 2.00  ? 67  ABA A CG  1 
ATOM   526  N N   . GLY A 1 68 ? 1.100   -14.341 14.277  1.00 2.00  ? 68  GLY A N   1 
ATOM   527  C CA  . GLY A 1 68 ? 0.580   -14.804 15.549  1.00 2.00  ? 68  GLY A CA  1 
ATOM   528  C C   . GLY A 1 68 ? -0.312  -13.898 16.329  1.00 2.00  ? 68  GLY A C   1 
ATOM   529  O O   . GLY A 1 68 ? -0.196  -14.011 17.612  1.00 2.00  ? 68  GLY A O   1 
ATOM   530  N N   . HIS A 1 69 ? -1.071  -13.145 15.550  1.00 2.00  ? 69  HIS A N   1 
ATOM   531  C CA  . HIS A 1 69 ? -2.174  -12.258 15.900  1.00 2.00  ? 69  HIS A CA  1 
ATOM   532  C C   . HIS A 1 69 ? -3.324  -12.676 14.950  1.00 2.67  ? 69  HIS A C   1 
ATOM   533  O O   . HIS A 1 69 ? -3.232  -12.703 13.733  1.00 2.00  ? 69  HIS A O   1 
ATOM   534  C CB  . HIS A 1 69 ? -2.175  -10.728 15.666  1.00 2.00  ? 69  HIS A CB  1 
ATOM   535  C CG  . HIS A 1 69 ? -1.051  -10.123 16.443  1.00 4.09  ? 69  HIS A CG  1 
ATOM   536  N ND1 . HIS A 1 69 ? -1.147  -9.330  17.566  1.00 2.00  ? 69  HIS A ND1 1 
ATOM   537  C CD2 . HIS A 1 69 ? 0.254   -10.469 16.291  1.00 2.00  ? 69  HIS A CD2 1 
ATOM   538  C CE1 . HIS A 1 69 ? 0.051   -9.131  18.058  1.00 2.00  ? 69  HIS A CE1 1 
ATOM   539  N NE2 . HIS A 1 69 ? 0.890   -9.719  17.253  1.00 2.00  ? 69  HIS A NE2 1 
ATOM   540  N N   . LYS A 1 70 ? -4.455  -12.948 15.532  1.00 6.44  ? 70  LYS A N   1 
ATOM   541  C CA  . LYS A 1 70 ? -5.595  -13.428 14.769  1.00 8.83  ? 70  LYS A CA  1 
ATOM   542  C C   . LYS A 1 70 ? -6.540  -12.368 14.232  1.00 7.79  ? 70  LYS A C   1 
ATOM   543  O O   . LYS A 1 70 ? -7.136  -11.672 15.067  1.00 10.27 ? 70  LYS A O   1 
ATOM   544  C CB  . LYS A 1 70 ? -6.349  -14.330 15.747  1.00 22.25 ? 70  LYS A CB  1 
ATOM   545  C CG  . LYS A 1 70 ? -5.678  -15.551 16.357  1.00 29.40 ? 70  LYS A CG  1 
ATOM   546  C CD  . LYS A 1 70 ? -5.955  -16.846 15.616  1.00 37.56 ? 70  LYS A CD  1 
ATOM   547  C CE  . LYS A 1 70 ? -7.392  -17.286 15.510  1.00 37.79 ? 70  LYS A CE  1 
ATOM   548  N NZ  . LYS A 1 70 ? -8.110  -16.568 14.421  1.00 41.52 ? 70  LYS A NZ  1 
ATOM   549  N N   . ALA A 1 71 ? -6.799  -12.370 12.938  1.00 3.86  ? 71  ALA A N   1 
ATOM   550  C CA  . ALA A 1 71 ? -7.852  -11.573 12.310  1.00 2.78  ? 71  ALA A CA  1 
ATOM   551  C C   . ALA A 1 71 ? -8.924  -12.547 11.782  1.00 2.59  ? 71  ALA A C   1 
ATOM   552  O O   . ALA A 1 71 ? -8.611  -13.748 11.670  1.00 4.78  ? 71  ALA A O   1 
ATOM   553  C CB  . ALA A 1 71 ? -7.289  -10.718 11.202  1.00 4.57  ? 71  ALA A CB  1 
ATOM   554  N N   . ILE A 1 72 ? -10.135 -12.135 11.478  1.00 2.00  ? 72  ILE A N   1 
ATOM   555  C CA  . ILE A 1 72 ? -11.222 -12.915 10.908  1.00 2.00  ? 72  ILE A CA  1 
ATOM   556  C C   . ILE A 1 72 ? -12.041 -12.073 9.919   1.00 2.52  ? 72  ILE A C   1 
ATOM   557  O O   . ILE A 1 72 ? -12.964 -11.343 10.353  1.00 5.79  ? 72  ILE A O   1 
ATOM   558  C CB  . ILE A 1 72 ? -12.190 -13.579 11.942  1.00 6.76  ? 72  ILE A CB  1 
ATOM   559  C CG1 . ILE A 1 72 ? -11.406 -14.579 12.825  1.00 3.79  ? 72  ILE A CG1 1 
ATOM   560  C CG2 . ILE A 1 72 ? -13.424 -14.312 11.329  1.00 2.00  ? 72  ILE A CG2 1 
ATOM   561  C CD1 . ILE A 1 72 ? -12.268 -14.931 14.078  1.00 8.03  ? 72  ILE A CD1 1 
ATOM   562  N N   . GLY A 1 73 ? -11.788 -12.274 8.624   1.00 2.00  ? 73  GLY A N   1 
ATOM   563  C CA  . GLY A 1 73 ? -12.530 -11.452 7.704   1.00 3.83  ? 73  GLY A CA  1 
ATOM   564  C C   . GLY A 1 73 ? -12.405 -11.734 6.238   1.00 8.34  ? 73  GLY A C   1 
ATOM   565  O O   . GLY A 1 73 ? -11.926 -12.803 5.887   1.00 9.36  ? 73  GLY A O   1 
ATOM   566  N N   . THR A 1 74 ? -12.921 -10.776 5.460   1.00 10.69 ? 74  THR A N   1 
ATOM   567  C CA  . THR A 1 74 ? -12.966 -10.857 3.992   1.00 12.72 ? 74  THR A CA  1 
ATOM   568  C C   . THR A 1 74 ? -11.504 -11.091 3.614   1.00 11.88 ? 74  THR A C   1 
ATOM   569  O O   . THR A 1 74 ? -10.655 -10.613 4.366   1.00 15.49 ? 74  THR A O   1 
ATOM   570  C CB  . THR A 1 74 ? -13.613 -9.634  3.239   1.00 7.19  ? 74  THR A CB  1 
ATOM   571  O OG1 . THR A 1 74 ? -14.863 -9.279  3.946   1.00 2.00  ? 74  THR A OG1 1 
ATOM   572  C CG2 . THR A 1 74 ? -13.991 -9.892  1.754   1.00 2.00  ? 74  THR A CG2 1 
ATOM   573  N N   . VAL A 1 75 ? -11.278 -11.818 2.586   1.00 12.35 ? 75  VAL A N   1 
ATOM   574  C CA  . VAL A 1 75 ? -9.979  -12.181 2.010   1.00 9.52  ? 75  VAL A CA  1 
ATOM   575  C C   . VAL A 1 75 ? -10.384 -12.568 0.571   1.00 9.87  ? 75  VAL A C   1 
ATOM   576  O O   . VAL A 1 75 ? -11.217 -13.478 0.416   1.00 11.30 ? 75  VAL A O   1 
ATOM   577  C CB  . VAL A 1 75 ? -9.355  -13.282 2.850   1.00 2.00  ? 75  VAL A CB  1 
ATOM   578  C CG1 . VAL A 1 75 ? -8.044  -13.845 2.316   1.00 5.44  ? 75  VAL A CG1 1 
ATOM   579  C CG2 . VAL A 1 75 ? -9.118  -12.940 4.299   1.00 2.00  ? 75  VAL A CG2 1 
ATOM   580  N N   . LEU A 1 76 ? -9.924  -11.833 -0.388  1.00 8.47  ? 76  LEU A N   1 
ATOM   581  C CA  . LEU A 1 76 ? -10.145 -11.915 -1.824  1.00 8.80  ? 76  LEU A CA  1 
ATOM   582  C C   . LEU A 1 76 ? -9.014  -12.711 -2.468  1.00 6.70  ? 76  LEU A C   1 
ATOM   583  O O   . LEU A 1 76 ? -7.868  -12.594 -1.996  1.00 5.67  ? 76  LEU A O   1 
ATOM   584  C CB  . LEU A 1 76 ? -10.249 -10.463 -2.363  1.00 10.20 ? 76  LEU A CB  1 
ATOM   585  C CG  . LEU A 1 76 ? -10.922 -9.402  -1.514  1.00 12.70 ? 76  LEU A CG  1 
ATOM   586  C CD1 . LEU A 1 76 ? -10.526 -8.007  -1.991  1.00 20.05 ? 76  LEU A CD1 1 
ATOM   587  C CD2 . LEU A 1 76 ? -12.437 -9.560  -1.555  1.00 10.50 ? 76  LEU A CD2 1 
ATOM   588  N N   . VAL A 1 77 ? -9.280  -13.518 -3.483  1.00 7.51  ? 77  VAL A N   1 
ATOM   589  C CA  . VAL A 1 77 ? -8.161  -14.335 -4.044  1.00 8.48  ? 77  VAL A CA  1 
ATOM   590  C C   . VAL A 1 77 ? -8.158  -13.845 -5.498  1.00 8.66  ? 77  VAL A C   1 
ATOM   591  O O   . VAL A 1 77 ? -9.269  -13.625 -5.962  1.00 3.51  ? 77  VAL A O   1 
ATOM   592  C CB  . VAL A 1 77 ? -8.022  -15.833 -3.786  1.00 2.00  ? 77  VAL A CB  1 
ATOM   593  C CG1 . VAL A 1 77 ? -8.280  -16.157 -2.305  1.00 2.00  ? 77  VAL A CG1 1 
ATOM   594  C CG2 . VAL A 1 77 ? -8.750  -16.823 -4.650  1.00 2.00  ? 77  VAL A CG2 1 
ATOM   595  N N   . GLY A 1 78 ? -6.896  -13.592 -5.852  1.00 9.07  ? 78  GLY A N   1 
ATOM   596  C CA  . GLY A 1 78 ? -6.655  -13.065 -7.167  1.00 10.45 ? 78  GLY A CA  1 
ATOM   597  C C   . GLY A 1 78 ? -5.198  -12.891 -7.593  1.00 13.11 ? 78  GLY A C   1 
ATOM   598  O O   . GLY A 1 78 ? -4.234  -13.167 -6.868  1.00 8.30  ? 78  GLY A O   1 
ATOM   599  N N   . PRO A 1 79 ? -5.178  -12.382 -8.834  1.00 13.87 ? 79  PRO A N   1 
ATOM   600  C CA  . PRO A 1 79 ? -3.962  -12.098 -9.572  1.00 16.71 ? 79  PRO A CA  1 
ATOM   601  C C   . PRO A 1 79 ? -3.183  -10.867 -9.163  1.00 16.35 ? 79  PRO A C   1 
ATOM   602  O O   . PRO A 1 79 ? -3.027  -9.941  -9.992  1.00 21.24 ? 79  PRO A O   1 
ATOM   603  C CB  . PRO A 1 79 ? -4.395  -12.029 -11.051 1.00 15.48 ? 79  PRO A CB  1 
ATOM   604  C CG  . PRO A 1 79 ? -5.847  -11.663 -11.022 1.00 17.22 ? 79  PRO A CG  1 
ATOM   605  C CD  . PRO A 1 79 ? -6.373  -12.100 -9.667  1.00 15.67 ? 79  PRO A CD  1 
ATOM   606  N N   . THR A 1 80 ? -2.564  -10.919 -7.998  1.00 13.99 ? 80  THR A N   1 
ATOM   607  C CA  . THR A 1 80 ? -1.726  -9.843  -7.456  1.00 7.93  ? 80  THR A CA  1 
ATOM   608  C C   . THR A 1 80 ? -0.238  -10.095 -7.578  1.00 7.15  ? 80  THR A C   1 
ATOM   609  O O   . THR A 1 80 ? 0.230   -11.241 -7.607  1.00 7.15  ? 80  THR A O   1 
ATOM   610  C CB  . THR A 1 80 ? -2.133  -9.734  -5.923  1.00 3.57  ? 80  THR A CB  1 
ATOM   611  O OG1 . THR A 1 80 ? -1.129  -8.961  -5.194  1.00 3.18  ? 80  THR A OG1 1 
ATOM   612  C CG2 . THR A 1 80 ? -2.383  -11.112 -5.315  1.00 3.91  ? 80  THR A CG2 1 
ATOM   613  N N   . PRO A 1 81 ? 0.547   -9.020  -7.543  1.00 7.89  ? 81  PRO A N   1 
ATOM   614  C CA  . PRO A 1 81 ? 2.018   -9.147  -7.551  1.00 5.91  ? 81  PRO A CA  1 
ATOM   615  C C   . PRO A 1 81 ? 2.466   -9.956  -6.323  1.00 4.90  ? 81  PRO A C   1 
ATOM   616  O O   . PRO A 1 81 ? 3.543   -10.583 -6.442  1.00 2.72  ? 81  PRO A O   1 
ATOM   617  C CB  . PRO A 1 81 ? 2.609   -7.737  -7.588  1.00 2.00  ? 81  PRO A CB  1 
ATOM   618  C CG  . PRO A 1 81 ? 1.425   -6.860  -7.832  1.00 5.30  ? 81  PRO A CG  1 
ATOM   619  C CD  . PRO A 1 81 ? 0.150   -7.602  -7.503  1.00 4.56  ? 81  PRO A CD  1 
ATOM   620  N N   . VAL A 1 82 ? 1.686   -9.858  -5.264  1.00 2.00  ? 82  VAL A N   1 
ATOM   621  C CA  . VAL A 1 82 ? 2.016   -10.524 -4.003  1.00 2.23  ? 82  VAL A CA  1 
ATOM   622  C C   . VAL A 1 82 ? 0.780   -10.486 -3.100  1.00 4.19  ? 82  VAL A C   1 
ATOM   623  O O   . VAL A 1 82 ? -0.283  -9.914  -3.375  1.00 7.31  ? 82  VAL A O   1 
ATOM   624  C CB  . VAL A 1 82 ? 3.268   -9.878  -3.358  1.00 7.05  ? 82  VAL A CB  1 
ATOM   625  C CG1 . VAL A 1 82 ? 3.151   -8.397  -2.970  1.00 2.42  ? 82  VAL A CG1 1 
ATOM   626  C CG2 . VAL A 1 82 ? 3.806   -10.672 -2.165  1.00 2.00  ? 82  VAL A CG2 1 
ATOM   627  N N   . ASN A 1 83 ? 0.942   -11.119 -1.971  1.00 2.00  ? 83  ASN A N   1 
ATOM   628  C CA  . ASN A 1 83 ? -0.034  -11.219 -0.912  1.00 2.00  ? 83  ASN A CA  1 
ATOM   629  C C   . ASN A 1 83 ? -0.089  -9.886  -0.193  1.00 2.00  ? 83  ASN A C   1 
ATOM   630  O O   . ASN A 1 83 ? 0.969   -9.470  0.279   1.00 2.00  ? 83  ASN A O   1 
ATOM   631  C CB  . ASN A 1 83 ? 0.370   -12.395 0.003   1.00 2.77  ? 83  ASN A CB  1 
ATOM   632  C CG  . ASN A 1 83 ? 0.229   -13.751 -0.675  1.00 3.99  ? 83  ASN A CG  1 
ATOM   633  O OD1 . ASN A 1 83 ? -0.628  -14.002 -1.547  1.00 2.00  ? 83  ASN A OD1 1 
ATOM   634  N ND2 . ASN A 1 83 ? 1.090   -14.671 -0.251  1.00 3.16  ? 83  ASN A ND2 1 
ATOM   635  N N   . ILE A 1 84 ? -1.244  -9.270  -0.049  1.00 2.00  ? 84  ILE A N   1 
ATOM   636  C CA  . ILE A 1 84 ? -1.221  -8.021  0.737   1.00 2.00  ? 84  ILE A CA  1 
ATOM   637  C C   . ILE A 1 84 ? -2.255  -8.110  1.851   1.00 2.00  ? 84  ILE A C   1 
ATOM   638  O O   . ILE A 1 84 ? -3.370  -8.643  1.664   1.00 3.31  ? 84  ILE A O   1 
ATOM   639  C CB  . ILE A 1 84 ? -1.363  -6.814  -0.216  1.00 5.68  ? 84  ILE A CB  1 
ATOM   640  C CG1 . ILE A 1 84 ? -2.824  -6.683  -0.696  1.00 2.00  ? 84  ILE A CG1 1 
ATOM   641  C CG2 . ILE A 1 84 ? -0.384  -6.813  -1.436  1.00 2.00  ? 84  ILE A CG2 1 
ATOM   642  C CD1 . ILE A 1 84 ? -2.917  -5.871  -2.046  1.00 14.28 ? 84  ILE A CD1 1 
ATOM   643  N N   . ILE A 1 85 ? -1.797  -7.718  3.028   1.00 2.00  ? 85  ILE A N   1 
ATOM   644  C CA  . ILE A 1 85 ? -2.694  -7.635  4.169   1.00 2.00  ? 85  ILE A CA  1 
ATOM   645  C C   . ILE A 1 85 ? -3.175  -6.175  4.147   1.00 5.58  ? 85  ILE A C   1 
ATOM   646  O O   . ILE A 1 85 ? -2.353  -5.219  4.156   1.00 6.20  ? 85  ILE A O   1 
ATOM   647  C CB  . ILE A 1 85 ? -2.057  -8.178  5.471   1.00 5.40  ? 85  ILE A CB  1 
ATOM   648  C CG1 . ILE A 1 85 ? -1.667  -9.682  5.438   1.00 5.42  ? 85  ILE A CG1 1 
ATOM   649  C CG2 . ILE A 1 85 ? -3.002  -7.852  6.693   1.00 10.10 ? 85  ILE A CG2 1 
ATOM   650  C CD1 . ILE A 1 85 ? -2.660  -10.638 4.784   1.00 2.00  ? 85  ILE A CD1 1 
ATOM   651  N N   . GLY A 1 86 ? -4.490  -5.994  3.979   1.00 5.21  ? 86  GLY A N   1 
ATOM   652  C CA  . GLY A 1 86 ? -4.961  -4.591  3.900   1.00 3.26  ? 86  GLY A CA  1 
ATOM   653  C C   . GLY A 1 86 ? -5.519  -4.162  5.231   1.00 2.00  ? 86  GLY A C   1 
ATOM   654  O O   . GLY A 1 86 ? -5.658  -4.970  6.143   1.00 4.46  ? 86  GLY A O   1 
ATOM   655  N N   . ARG A 1 87 ? -6.007  -2.951  5.292   1.00 4.56  ? 87  ARG A N   1 
ATOM   656  C CA  . ARG A 1 87 ? -6.634  -2.364  6.477   1.00 4.66  ? 87  ARG A CA  1 
ATOM   657  C C   . ARG A 1 87 ? -7.866  -3.097  6.974   1.00 5.62  ? 87  ARG A C   1 
ATOM   658  O O   . ARG A 1 87 ? -8.385  -2.694  8.026   1.00 6.22  ? 87  ARG A O   1 
ATOM   659  C CB  . ARG A 1 87 ? -6.976  -0.902  6.197   1.00 3.84  ? 87  ARG A CB  1 
ATOM   660  C CG  . ARG A 1 87 ? -5.778  -0.133  5.633   1.00 5.19  ? 87  ARG A CG  1 
ATOM   661  C CD  . ARG A 1 87 ? -5.981  1.353   5.715   1.00 5.47  ? 87  ARG A CD  1 
ATOM   662  N NE  . ARG A 1 87 ? -7.037  1.745   4.787   1.00 2.00  ? 87  ARG A NE  1 
ATOM   663  C CZ  . ARG A 1 87 ? -8.340  1.723   4.979   1.00 7.29  ? 87  ARG A CZ  1 
ATOM   664  N NH1 . ARG A 1 87 ? -8.942  1.476   6.144   1.00 2.00  ? 87  ARG A NH1 1 
ATOM   665  N NH2 . ARG A 1 87 ? -9.094  1.900   3.887   1.00 2.00  ? 87  ARG A NH2 1 
ATOM   666  N N   . ASN A 1 88 ? -8.309  -4.144  6.299   1.00 7.72  ? 88  ASN A N   1 
ATOM   667  C CA  . ASN A 1 88 ? -9.475  -4.929  6.758   1.00 3.58  ? 88  ASN A CA  1 
ATOM   668  C C   . ASN A 1 88 ? -9.028  -5.784  7.955   1.00 3.98  ? 88  ASN A C   1 
ATOM   669  O O   . ASN A 1 88 ? -9.609  -5.704  9.036   1.00 2.18  ? 88  ASN A O   1 
ATOM   670  C CB  . ASN A 1 88 ? -10.139 -5.675  5.627   1.00 2.00  ? 88  ASN A CB  1 
ATOM   671  C CG  . ASN A 1 88 ? -9.488  -6.876  5.037   1.00 2.00  ? 88  ASN A CG  1 
ATOM   672  O OD1 . ASN A 1 88 ? -8.432  -6.870  4.415   1.00 4.63  ? 88  ASN A OD1 1 
ATOM   673  N ND2 . ASN A 1 88 ? -10.044 -8.077  5.242   1.00 9.19  ? 88  ASN A ND2 1 
ATOM   674  N N   . LEU A 1 89 ? -7.998  -6.575  7.719   1.00 3.27  ? 89  LEU A N   1 
ATOM   675  C CA  . LEU A 1 89 ? -7.421  -7.466  8.725   1.00 2.44  ? 89  LEU A CA  1 
ATOM   676  C C   . LEU A 1 89 ? -6.446  -6.638  9.555   1.00 2.55  ? 89  LEU A C   1 
ATOM   677  O O   . LEU A 1 89 ? -6.370  -6.940  10.739  1.00 3.74  ? 89  LEU A O   1 
ATOM   678  C CB  . LEU A 1 89 ? -6.794  -8.723  8.107   1.00 2.00  ? 89  LEU A CB  1 
ATOM   679  C CG  . LEU A 1 89 ? -7.504  -9.495  7.011   1.00 2.00  ? 89  LEU A CG  1 
ATOM   680  C CD1 . LEU A 1 89 ? -6.786  -10.736 6.500   1.00 2.00  ? 89  LEU A CD1 1 
ATOM   681  C CD2 . LEU A 1 89 ? -8.893  -9.851  7.560   1.00 2.00  ? 89  LEU A CD2 1 
ATOM   682  N N   . LEU A 1 90 ? -5.746  -5.700  8.964   1.00 4.39  ? 90  LEU A N   1 
ATOM   683  C CA  . LEU A 1 90 ? -4.773  -4.787  9.569   1.00 3.40  ? 90  LEU A CA  1 
ATOM   684  C C   . LEU A 1 90 ? -5.229  -4.019  10.799  1.00 3.55  ? 90  LEU A C   1 
ATOM   685  O O   . LEU A 1 90 ? -4.334  -3.659  11.565  1.00 7.46  ? 90  LEU A O   1 
ATOM   686  C CB  . LEU A 1 90 ? -4.214  -3.822  8.519   1.00 2.00  ? 90  LEU A CB  1 
ATOM   687  C CG  . LEU A 1 90 ? -2.998  -4.144  7.681   1.00 2.96  ? 90  LEU A CG  1 
ATOM   688  C CD1 . LEU A 1 90 ? -2.499  -2.948  6.884   1.00 2.00  ? 90  LEU A CD1 1 
ATOM   689  C CD2 . LEU A 1 90 ? -1.834  -4.492  8.616   1.00 5.53  ? 90  LEU A CD2 1 
ATOM   690  N N   . THR A 1 91 ? -6.493  -3.736  11.017  1.00 2.00  ? 91  THR A N   1 
ATOM   691  C CA  . THR A 1 91 ? -7.024  -2.989  12.133  1.00 2.00  ? 91  THR A CA  1 
ATOM   692  C C   . THR A 1 91 ? -7.591  -4.021  13.117  1.00 2.00  ? 91  THR A C   1 
ATOM   693  O O   . THR A 1 91 ? -7.921  -3.781  14.293  1.00 3.25  ? 91  THR A O   1 
ATOM   694  C CB  . THR A 1 91 ? -8.183  -1.993  11.772  1.00 4.96  ? 91  THR A CB  1 
ATOM   695  O OG1 . THR A 1 91 ? -9.407  -2.834  11.606  1.00 17.62 ? 91  THR A OG1 1 
ATOM   696  C CG2 . THR A 1 91 ? -8.181  -1.046  10.605  1.00 2.00  ? 91  THR A CG2 1 
ATOM   697  N N   . GLN A 1 92 ? -7.862  -5.230  12.655  1.00 2.02  ? 92  GLN A N   1 
ATOM   698  C CA  . GLN A 1 92 ? -8.351  -6.215  13.625  1.00 3.23  ? 92  GLN A CA  1 
ATOM   699  C C   . GLN A 1 92 ? -7.168  -6.383  14.606  1.00 5.73  ? 92  GLN A C   1 
ATOM   700  O O   . GLN A 1 92 ? -7.350  -6.317  15.830  1.00 5.39  ? 92  GLN A O   1 
ATOM   701  C CB  . GLN A 1 92 ? -8.775  -7.584  13.142  1.00 7.97  ? 92  GLN A CB  1 
ATOM   702  C CG  . GLN A 1 92 ? -9.596  -7.643  11.873  1.00 4.65  ? 92  GLN A CG  1 
ATOM   703  C CD  . GLN A 1 92 ? -10.526 -8.819  11.797  1.00 5.71  ? 92  GLN A CD  1 
ATOM   704  O OE1 . GLN A 1 92 ? -10.306 -9.794  12.519  1.00 16.81 ? 92  GLN A OE1 1 
ATOM   705  N NE2 . GLN A 1 92 ? -11.594 -8.715  11.009  1.00 2.61  ? 92  GLN A NE2 1 
ATOM   706  N N   . ILE A 1 93 ? -5.977  -6.606  14.054  1.00 5.24  ? 93  ILE A N   1 
ATOM   707  C CA  . ILE A 1 93 ? -4.756  -6.890  14.807  1.00 3.10  ? 93  ILE A CA  1 
ATOM   708  C C   . ILE A 1 93 ? -4.074  -5.698  15.495  1.00 4.44  ? 93  ILE A C   1 
ATOM   709  O O   . ILE A 1 93 ? -2.984  -5.922  16.091  1.00 3.21  ? 93  ILE A O   1 
ATOM   710  C CB  . ILE A 1 93 ? -3.718  -7.710  13.968  1.00 2.00  ? 93  ILE A CB  1 
ATOM   711  C CG1 . ILE A 1 93 ? -2.725  -6.740  13.248  1.00 2.32  ? 93  ILE A CG1 1 
ATOM   712  C CG2 . ILE A 1 93 ? -4.271  -8.666  12.899  1.00 2.00  ? 93  ILE A CG2 1 
ATOM   713  C CD1 . ILE A 1 93 ? -1.481  -7.547  12.765  1.00 2.00  ? 93  ILE A CD1 1 
ATOM   714  N N   . GLY A 1 94 ? -4.624  -4.525  15.416  1.00 3.49  ? 94  GLY A N   1 
ATOM   715  C CA  . GLY A 1 94 ? -4.298  -3.202  15.861  1.00 3.23  ? 94  GLY A CA  1 
ATOM   716  C C   . GLY A 1 94 ? -3.047  -2.543  15.342  1.00 5.18  ? 94  GLY A C   1 
ATOM   717  O O   . GLY A 1 94 ? -2.344  -1.927  16.172  1.00 6.47  ? 94  GLY A O   1 
HETATM 718  N N   . ABA A 1 95 ? -2.671  -2.602  14.090  1.00 6.81  ? 95  ABA A N   1 
HETATM 719  C CA  . ABA A 1 95 ? -1.444  -1.998  13.487  1.00 7.01  ? 95  ABA A CA  1 
HETATM 720  C C   . ABA A 1 95 ? -1.571  -0.475  13.437  1.00 7.48  ? 95  ABA A C   1 
HETATM 721  O O   . ABA A 1 95 ? -2.653  0.104   13.187  1.00 8.83  ? 95  ABA A O   1 
HETATM 722  C CB  . ABA A 1 95 ? -1.199  -2.582  12.099  1.00 4.08  ? 95  ABA A CB  1 
HETATM 723  C CG  . ABA A 1 95 ? -0.022  -2.463  11.200  1.00 2.00  ? 95  ABA A CG  1 
ATOM   724  N N   . THR A 1 96 ? -0.501  0.272   13.689  1.00 8.14  ? 96  THR A N   1 
ATOM   725  C CA  . THR A 1 96 ? -0.586  1.715   13.555  1.00 6.16  ? 96  THR A CA  1 
ATOM   726  C C   . THR A 1 96 ? 0.648   2.261   12.829  1.00 8.82  ? 96  THR A C   1 
ATOM   727  O O   . THR A 1 96 ? 1.717   1.640   12.995  1.00 10.15 ? 96  THR A O   1 
ATOM   728  C CB  . THR A 1 96 ? -0.677  2.533   14.890  1.00 2.00  ? 96  THR A CB  1 
ATOM   729  O OG1 . THR A 1 96 ? 0.706   2.463   15.342  1.00 2.00  ? 96  THR A OG1 1 
ATOM   730  C CG2 . THR A 1 96 ? -1.773  2.106   15.819  1.00 2.00  ? 96  THR A CG2 1 
ATOM   731  N N   . LEU A 1 97 ? 0.447   3.392   12.151  1.00 4.92  ? 97  LEU A N   1 
ATOM   732  C CA  . LEU A 1 97 ? 1.603   4.016   11.528  1.00 3.00  ? 97  LEU A CA  1 
ATOM   733  C C   . LEU A 1 97 ? 1.973   5.174   12.483  1.00 4.93  ? 97  LEU A C   1 
ATOM   734  O O   . LEU A 1 97 ? 1.175   6.099   12.601  1.00 2.00  ? 97  LEU A O   1 
ATOM   735  C CB  . LEU A 1 97 ? 1.379   4.696   10.211  1.00 5.81  ? 97  LEU A CB  1 
ATOM   736  C CG  . LEU A 1 97 ? 0.906   3.880   9.033   1.00 17.78 ? 97  LEU A CG  1 
ATOM   737  C CD1 . LEU A 1 97 ? -0.024  4.783   8.205   1.00 15.15 ? 97  LEU A CD1 1 
ATOM   738  C CD2 . LEU A 1 97 ? 2.142   3.412   8.260   1.00 2.00  ? 97  LEU A CD2 1 
ATOM   739  N N   . ASN A 1 98 ? 3.156   5.017   12.970  1.00 2.00  ? 98  ASN A N   1 
ATOM   740  C CA  . ASN A 1 98 ? 3.889   5.919   13.812  1.00 2.00  ? 98  ASN A CA  1 
ATOM   741  C C   . ASN A 1 98 ? 5.053   6.531   13.026  1.00 2.00  ? 98  ASN A C   1 
ATOM   742  O O   . ASN A 1 98 ? 5.782   6.006   12.191  1.00 2.00  ? 98  ASN A O   1 
ATOM   743  C CB  . ASN A 1 98 ? 4.432   5.217   15.045  1.00 2.00  ? 98  ASN A CB  1 
ATOM   744  C CG  . ASN A 1 98 ? 3.569   4.275   15.833  1.00 2.00  ? 98  ASN A CG  1 
ATOM   745  O OD1 . ASN A 1 98 ? 2.855   4.692   16.738  1.00 2.00  ? 98  ASN A OD1 1 
ATOM   746  N ND2 . ASN A 1 98 ? 3.664   2.979   15.587  1.00 2.00  ? 98  ASN A ND2 1 
ATOM   747  N N   . PHE A 1 99 ? 5.271   7.763   13.431  1.00 2.30  ? 99  PHE A N   1 
ATOM   748  C CA  . PHE A 1 99 ? 6.311   8.727   12.977  1.00 2.00  ? 99  PHE A CA  1 
ATOM   749  C C   . PHE A 1 99 ? 6.225   10.069  13.724  1.00 2.00  ? 99  PHE A C   1 
ATOM   750  O O   . PHE A 1 99 ? 6.932   10.980  13.242  1.00 2.00  ? 99  PHE A O   1 
ATOM   751  C CB  . PHE A 1 99 ? 6.112   9.004   11.508  1.00 5.09  ? 99  PHE A CB  1 
ATOM   752  C CG  . PHE A 1 99 ? 5.001   9.903   11.060  1.00 3.95  ? 99  PHE A CG  1 
ATOM   753  C CD1 . PHE A 1 99 ? 5.206   11.266  10.930  1.00 13.06 ? 99  PHE A CD1 1 
ATOM   754  C CD2 . PHE A 1 99 ? 3.803   9.354   10.596  1.00 13.99 ? 99  PHE A CD2 1 
ATOM   755  C CE1 . PHE A 1 99 ? 4.247   12.134  10.416  1.00 15.26 ? 99  PHE A CE1 1 
ATOM   756  C CE2 . PHE A 1 99 ? 2.853   10.188  10.047  1.00 16.96 ? 99  PHE A CE2 1 
ATOM   757  C CZ  . PHE A 1 99 ? 3.049   11.562  9.978   1.00 18.46 ? 99  PHE A CZ  1 
ATOM   758  O OXT . PHE A 1 99 ? 5.442   10.294  14.669  1.00 8.17  ? 99  PHE A OXT 1 
ATOM   759  N N   . PRO B 1 1  ? 2.891   11.992  14.919  1.00 22.23 ? 1   PRO B N   1 
ATOM   760  C CA  . PRO B 1 1  ? 1.776   11.060  14.897  1.00 19.96 ? 1   PRO B CA  1 
ATOM   761  C C   . PRO B 1 1  ? 2.061   9.666   15.449  1.00 20.06 ? 1   PRO B C   1 
ATOM   762  O O   . PRO B 1 1  ? 3.060   9.249   16.029  1.00 17.36 ? 1   PRO B O   1 
ATOM   763  C CB  . PRO B 1 1  ? 1.439   10.968  13.393  1.00 21.73 ? 1   PRO B CB  1 
ATOM   764  C CG  . PRO B 1 1  ? 1.852   12.312  12.849  1.00 20.36 ? 1   PRO B CG  1 
ATOM   765  C CD  . PRO B 1 1  ? 3.205   12.495  13.560  1.00 22.67 ? 1   PRO B CD  1 
ATOM   766  N N   . GLN B 1 2  ? 1.067   8.874   15.203  1.00 21.74 ? 2   GLN B N   1 
ATOM   767  C CA  . GLN B 1 2  ? 0.475   7.573   15.351  1.00 20.96 ? 2   GLN B CA  1 
ATOM   768  C C   . GLN B 1 2  ? -0.822  7.562   14.500  1.00 19.81 ? 2   GLN B C   1 
ATOM   769  O O   . GLN B 1 2  ? -1.875  7.966   15.051  1.00 20.13 ? 2   GLN B O   1 
ATOM   770  C CB  . GLN B 1 2  ? 0.075   7.257   16.810  1.00 11.77 ? 2   GLN B CB  1 
ATOM   771  C CG  . GLN B 1 2  ? -0.471  5.894   17.061  1.00 21.59 ? 2   GLN B CG  1 
ATOM   772  C CD  . GLN B 1 2  ? -0.484  5.221   18.398  1.00 29.24 ? 2   GLN B CD  1 
ATOM   773  O OE1 . GLN B 1 2  ? 0.488   4.593   18.848  1.00 30.58 ? 2   GLN B OE1 1 
ATOM   774  N NE2 . GLN B 1 2  ? -1.653  5.189   19.063  1.00 33.48 ? 2   GLN B NE2 1 
ATOM   775  N N   . ILE B 1 3  ? -0.771  7.230   13.221  1.00 18.52 ? 3   ILE B N   1 
ATOM   776  C CA  . ILE B 1 3  ? -1.996  7.245   12.385  1.00 15.36 ? 3   ILE B CA  1 
ATOM   777  C C   . ILE B 1 3  ? -2.692  5.894   12.617  1.00 15.34 ? 3   ILE B C   1 
ATOM   778  O O   . ILE B 1 3  ? -2.062  4.892   13.012  1.00 14.19 ? 3   ILE B O   1 
ATOM   779  C CB  . ILE B 1 3  ? -1.871  7.584   10.869  1.00 4.31  ? 3   ILE B CB  1 
ATOM   780  C CG1 . ILE B 1 3  ? -1.176  8.970   10.707  1.00 2.00  ? 3   ILE B CG1 1 
ATOM   781  C CG2 . ILE B 1 3  ? -3.159  7.557   10.023  1.00 7.74  ? 3   ILE B CG2 1 
ATOM   782  C CD1 . ILE B 1 3  ? 0.357   8.741   10.860  1.00 2.00  ? 3   ILE B CD1 1 
ATOM   783  N N   . THR B 1 4  ? -3.981  6.004   12.341  1.00 13.82 ? 4   THR B N   1 
ATOM   784  C CA  . THR B 1 4  ? -4.921  4.879   12.565  1.00 11.46 ? 4   THR B CA  1 
ATOM   785  C C   . THR B 1 4  ? -5.364  4.395   11.207  1.00 7.87  ? 4   THR B C   1 
ATOM   786  O O   . THR B 1 4  ? -5.428  5.203   10.279  1.00 6.67  ? 4   THR B O   1 
ATOM   787  C CB  . THR B 1 4  ? -6.070  5.340   13.554  1.00 14.61 ? 4   THR B CB  1 
ATOM   788  O OG1 . THR B 1 4  ? -6.537  4.185   14.330  1.00 2.27  ? 4   THR B OG1 1 
ATOM   789  C CG2 . THR B 1 4  ? -7.156  6.204   12.896  1.00 9.91  ? 4   THR B CG2 1 
ATOM   790  N N   . LEU B 1 5  ? -5.642  3.101   11.156  1.00 7.96  ? 5   LEU B N   1 
ATOM   791  C CA  . LEU B 1 5  ? -6.077  2.530   9.867   1.00 8.46  ? 5   LEU B CA  1 
ATOM   792  C C   . LEU B 1 5  ? -7.563  2.391   9.661   1.00 6.62  ? 5   LEU B C   1 
ATOM   793  O O   . LEU B 1 5  ? -7.941  1.771   8.655   1.00 5.80  ? 5   LEU B O   1 
ATOM   794  C CB  . LEU B 1 5  ? -5.204  1.263   9.768   1.00 14.06 ? 5   LEU B CB  1 
ATOM   795  C CG  . LEU B 1 5  ? -3.690  1.547   9.743   1.00 13.25 ? 5   LEU B CG  1 
ATOM   796  C CD1 . LEU B 1 5  ? -2.952  0.214   9.725   1.00 2.00  ? 5   LEU B CD1 1 
ATOM   797  C CD2 . LEU B 1 5  ? -3.372  2.448   8.544   1.00 2.00  ? 5   LEU B CD2 1 
ATOM   798  N N   . TRP B 1 6  ? -8.431  2.978   10.471  1.00 8.33  ? 6   TRP B N   1 
ATOM   799  C CA  . TRP B 1 6  ? -9.895  2.828   10.385  1.00 6.13  ? 6   TRP B CA  1 
ATOM   800  C C   . TRP B 1 6  ? -10.386 3.349   9.020   1.00 7.83  ? 6   TRP B C   1 
ATOM   801  O O   . TRP B 1 6  ? -11.244 2.827   8.312   1.00 5.80  ? 6   TRP B O   1 
ATOM   802  C CB  . TRP B 1 6  ? -10.599 3.459   11.552  1.00 2.70  ? 6   TRP B CB  1 
ATOM   803  C CG  . TRP B 1 6  ? -10.575 2.844   12.894  1.00 8.01  ? 6   TRP B CG  1 
ATOM   804  C CD1 . TRP B 1 6  ? -10.000 3.399   14.000  1.00 4.80  ? 6   TRP B CD1 1 
ATOM   805  C CD2 . TRP B 1 6  ? -11.092 1.567   13.314  1.00 12.18 ? 6   TRP B CD2 1 
ATOM   806  N NE1 . TRP B 1 6  ? -10.115 2.551   15.070  1.00 13.10 ? 6   TRP B NE1 1 
ATOM   807  C CE2 . TRP B 1 6  ? -10.783 1.422   14.688  1.00 12.26 ? 6   TRP B CE2 1 
ATOM   808  C CE3 . TRP B 1 6  ? -11.792 0.549   12.670  1.00 9.93  ? 6   TRP B CE3 1 
ATOM   809  C CZ2 . TRP B 1 6  ? -11.127 0.298   15.433  1.00 5.70  ? 6   TRP B CZ2 1 
ATOM   810  C CZ3 . TRP B 1 6  ? -12.147 -0.569  13.409  1.00 11.20 ? 6   TRP B CZ3 1 
ATOM   811  C CH2 . TRP B 1 6  ? -11.840 -0.676  14.767  1.00 4.84  ? 6   TRP B CH2 1 
ATOM   812  N N   . GLN B 1 7  ? -9.726  4.426   8.704   1.00 9.46  ? 7   GLN B N   1 
ATOM   813  C CA  . GLN B 1 7  ? -9.743  5.263   7.533   1.00 6.51  ? 7   GLN B CA  1 
ATOM   814  C C   . GLN B 1 7  ? -8.334  5.207   6.952   1.00 6.44  ? 7   GLN B C   1 
ATOM   815  O O   . GLN B 1 7  ? -7.310  5.046   7.649   1.00 14.42 ? 7   GLN B O   1 
ATOM   816  C CB  . GLN B 1 7  ? -10.066 6.705   7.914   1.00 10.65 ? 7   GLN B CB  1 
ATOM   817  C CG  . GLN B 1 7  ? -11.440 6.867   8.551   1.00 11.70 ? 7   GLN B CG  1 
ATOM   818  C CD  . GLN B 1 7  ? -11.371 6.593   10.041  1.00 18.36 ? 7   GLN B CD  1 
ATOM   819  O OE1 . GLN B 1 7  ? -10.452 6.968   10.761  1.00 18.82 ? 7   GLN B OE1 1 
ATOM   820  N NE2 . GLN B 1 7  ? -12.381 5.874   10.503  1.00 16.66 ? 7   GLN B NE2 1 
ATOM   821  N N   . ARG B 1 8  ? -8.261  5.323   5.667   1.00 2.00  ? 8   ARG B N   1 
ATOM   822  C CA  . ARG B 1 8  ? -7.006  5.327   4.935   1.00 2.47  ? 8   ARG B CA  1 
ATOM   823  C C   . ARG B 1 8  ? -6.092  6.309   5.615   1.00 2.00  ? 8   ARG B C   1 
ATOM   824  O O   . ARG B 1 8  ? -6.596  7.267   6.217   1.00 4.59  ? 8   ARG B O   1 
ATOM   825  C CB  . ARG B 1 8  ? -7.302  5.965   3.564   1.00 2.00  ? 8   ARG B CB  1 
ATOM   826  C CG  . ARG B 1 8  ? -8.251  5.056   2.823   1.00 4.99  ? 8   ARG B CG  1 
ATOM   827  C CD  . ARG B 1 8  ? -8.647  5.821   1.578   1.00 11.69 ? 8   ARG B CD  1 
ATOM   828  N NE  . ARG B 1 8  ? -9.249  4.805   0.743   1.00 18.34 ? 8   ARG B NE  1 
ATOM   829  C CZ  . ARG B 1 8  ? -10.037 4.988   -0.303  1.00 20.17 ? 8   ARG B CZ  1 
ATOM   830  N NH1 . ARG B 1 8  ? -10.330 6.152   -0.852  1.00 29.34 ? 8   ARG B NH1 1 
ATOM   831  N NH2 . ARG B 1 8  ? -10.622 3.876   -0.744  1.00 18.36 ? 8   ARG B NH2 1 
ATOM   832  N N   . PRO B 1 9  ? -4.810  6.158   5.384   1.00 4.14  ? 9   PRO B N   1 
ATOM   833  C CA  . PRO B 1 9  ? -3.822  7.070   5.995   1.00 2.00  ? 9   PRO B CA  1 
ATOM   834  C C   . PRO B 1 9  ? -3.540  8.290   5.124   1.00 3.36  ? 9   PRO B C   1 
ATOM   835  O O   . PRO B 1 9  ? -2.424  8.550   4.600   1.00 4.57  ? 9   PRO B O   1 
ATOM   836  C CB  . PRO B 1 9  ? -2.666  6.112   6.285   1.00 2.00  ? 9   PRO B CB  1 
ATOM   837  C CG  . PRO B 1 9  ? -3.111  4.763   5.768   1.00 2.00  ? 9   PRO B CG  1 
ATOM   838  C CD  . PRO B 1 9  ? -4.128  5.071   4.666   1.00 2.00  ? 9   PRO B CD  1 
ATOM   839  N N   . LEU B 1 10 ? -4.536  9.147   4.951   1.00 2.00  ? 10  LEU B N   1 
ATOM   840  C CA  . LEU B 1 10 ? -4.357  10.405  4.209   1.00 2.00  ? 10  LEU B CA  1 
ATOM   841  C C   . LEU B 1 10 ? -3.698  11.484  5.076   1.00 2.00  ? 10  LEU B C   1 
ATOM   842  O O   . LEU B 1 10 ? -4.171  11.837  6.178   1.00 2.00  ? 10  LEU B O   1 
ATOM   843  C CB  . LEU B 1 10 ? -5.650  10.907  3.632   1.00 2.00  ? 10  LEU B CB  1 
ATOM   844  C CG  . LEU B 1 10 ? -6.039  10.411  2.261   1.00 2.00  ? 10  LEU B CG  1 
ATOM   845  C CD1 . LEU B 1 10 ? -7.418  10.956  1.921   1.00 8.81  ? 10  LEU B CD1 1 
ATOM   846  C CD2 . LEU B 1 10 ? -4.973  10.892  1.285   1.00 12.85 ? 10  LEU B CD2 1 
ATOM   847  N N   . VAL B 1 11 ? -2.713  12.119  4.524   1.00 2.00  ? 11  VAL B N   1 
ATOM   848  C CA  . VAL B 1 11 ? -1.976  13.196  5.200   1.00 6.05  ? 11  VAL B CA  1 
ATOM   849  C C   . VAL B 1 11 ? -1.786  14.346  4.225   1.00 4.35  ? 11  VAL B C   1 
ATOM   850  O O   . VAL B 1 11 ? -2.401  14.286  3.153   1.00 10.00 ? 11  VAL B O   1 
ATOM   851  C CB  . VAL B 1 11 ? -0.662  12.595  5.720   1.00 2.00  ? 11  VAL B CB  1 
ATOM   852  C CG1 . VAL B 1 11 ? -0.895  11.577  6.833   1.00 2.00  ? 11  VAL B CG1 1 
ATOM   853  C CG2 . VAL B 1 11 ? 0.156   12.040  4.570   1.00 2.00  ? 11  VAL B CG2 1 
ATOM   854  N N   . THR B 1 12 ? -0.941  15.265  4.608   1.00 3.92  ? 12  THR B N   1 
ATOM   855  C CA  . THR B 1 12 ? -0.760  16.466  3.747   1.00 6.27  ? 12  THR B CA  1 
ATOM   856  C C   . THR B 1 12 ? 0.708   16.698  3.507   1.00 7.20  ? 12  THR B C   1 
ATOM   857  O O   . THR B 1 12 ? 1.500   16.602  4.442   1.00 2.07  ? 12  THR B O   1 
ATOM   858  C CB  . THR B 1 12 ? -1.569  17.607  4.494   1.00 2.00  ? 12  THR B CB  1 
ATOM   859  O OG1 . THR B 1 12 ? -2.137  18.475  3.500   1.00 5.09  ? 12  THR B OG1 1 
ATOM   860  C CG2 . THR B 1 12 ? -0.686  18.298  5.551   1.00 2.00  ? 12  THR B CG2 1 
ATOM   861  N N   . ILE B 1 13 ? 1.098   16.969  2.285   1.00 11.31 ? 13  ILE B N   1 
ATOM   862  C CA  . ILE B 1 13 ? 2.516   17.185  1.902   1.00 16.39 ? 13  ILE B CA  1 
ATOM   863  C C   . ILE B 1 13 ? 2.810   18.544  1.298   1.00 17.43 ? 13  ILE B C   1 
ATOM   864  O O   . ILE B 1 13 ? 1.835   19.199  0.811   1.00 16.05 ? 13  ILE B O   1 
ATOM   865  C CB  . ILE B 1 13 ? 2.813   15.980  0.899   1.00 17.54 ? 13  ILE B CB  1 
ATOM   866  C CG1 . ILE B 1 13 ? 1.764   16.052  -0.238  1.00 18.07 ? 13  ILE B CG1 1 
ATOM   867  C CG2 . ILE B 1 13 ? 2.815   14.598  1.600   1.00 11.02 ? 13  ILE B CG2 1 
ATOM   868  C CD1 . ILE B 1 13 ? 2.175   15.441  -1.600  1.00 19.66 ? 13  ILE B CD1 1 
ATOM   869  N N   . ARG B 1 14 ? 4.057   19.029  1.293   1.00 19.20 ? 14  ARG B N   1 
ATOM   870  C CA  . ARG B 1 14 ? 4.290   20.322  0.591   1.00 25.30 ? 14  ARG B CA  1 
ATOM   871  C C   . ARG B 1 14 ? 5.229   19.915  -0.582  1.00 26.26 ? 14  ARG B C   1 
ATOM   872  O O   . ARG B 1 14 ? 6.219   19.260  -0.223  1.00 28.15 ? 14  ARG B O   1 
ATOM   873  C CB  . ARG B 1 14 ? 5.051   21.497  1.117   1.00 34.20 ? 14  ARG B CB  1 
ATOM   874  C CG  . ARG B 1 14 ? 5.283   21.999  2.494   1.00 46.14 ? 14  ARG B CG  1 
ATOM   875  C CD  . ARG B 1 14 ? 6.202   23.152  2.700   1.00 43.75 ? 14  ARG B CD  1 
ATOM   876  N NE  . ARG B 1 14 ? 5.809   24.379  2.041   1.00 43.33 ? 14  ARG B NE  1 
ATOM   877  C CZ  . ARG B 1 14 ? 6.009   24.649  0.745   1.00 45.45 ? 14  ARG B CZ  1 
ATOM   878  N NH1 . ARG B 1 14 ? 6.697   23.915  -0.115  1.00 38.71 ? 14  ARG B NH1 1 
ATOM   879  N NH2 . ARG B 1 14 ? 5.345   25.684  0.219   1.00 51.01 ? 14  ARG B NH2 1 
ATOM   880  N N   . ILE B 1 15 ? 4.931   20.326  -1.784  1.00 28.90 ? 15  ILE B N   1 
ATOM   881  C CA  . ILE B 1 15 ? 5.832   20.058  -2.919  1.00 31.28 ? 15  ILE B CA  1 
ATOM   882  C C   . ILE B 1 15 ? 5.855   21.347  -3.744  1.00 31.86 ? 15  ILE B C   1 
ATOM   883  O O   . ILE B 1 15 ? 4.795   21.570  -4.344  1.00 34.27 ? 15  ILE B O   1 
ATOM   884  C CB  . ILE B 1 15 ? 5.425   18.920  -3.913  1.00 27.40 ? 15  ILE B CB  1 
ATOM   885  C CG1 . ILE B 1 15 ? 4.622   17.840  -3.150  1.00 30.83 ? 15  ILE B CG1 1 
ATOM   886  C CG2 . ILE B 1 15 ? 6.684   18.376  -4.659  1.00 23.72 ? 15  ILE B CG2 1 
ATOM   887  C CD1 . ILE B 1 15 ? 3.291   17.446  -3.864  1.00 31.58 ? 15  ILE B CD1 1 
ATOM   888  N N   . GLY B 1 16 ? 6.934   22.082  -3.760  1.00 33.66 ? 16  GLY B N   1 
ATOM   889  C CA  . GLY B 1 16 ? 6.969   23.329  -4.539  1.00 36.17 ? 16  GLY B CA  1 
ATOM   890  C C   . GLY B 1 16 ? 5.753   24.227  -4.298  1.00 38.23 ? 16  GLY B C   1 
ATOM   891  O O   . GLY B 1 16 ? 5.138   24.744  -5.271  1.00 38.72 ? 16  GLY B O   1 
ATOM   892  N N   . GLY B 1 17 ? 5.390   24.437  -3.029  1.00 37.56 ? 17  GLY B N   1 
ATOM   893  C CA  . GLY B 1 17 ? 4.252   25.322  -2.717  1.00 36.56 ? 17  GLY B CA  1 
ATOM   894  C C   . GLY B 1 17 ? 2.873   24.747  -3.028  1.00 34.87 ? 17  GLY B C   1 
ATOM   895  O O   . GLY B 1 17 ? 1.824   25.412  -3.000  1.00 32.49 ? 17  GLY B O   1 
ATOM   896  N N   . GLN B 1 18 ? 2.912   23.472  -3.345  1.00 31.88 ? 18  GLN B N   1 
ATOM   897  C CA  . GLN B 1 18 ? 1.690   22.693  -3.517  1.00 32.64 ? 18  GLN B CA  1 
ATOM   898  C C   . GLN B 1 18 ? 1.538   22.078  -2.108  1.00 31.59 ? 18  GLN B C   1 
ATOM   899  O O   . GLN B 1 18 ? 2.511   21.469  -1.623  1.00 29.27 ? 18  GLN B O   1 
ATOM   900  C CB  . GLN B 1 18 ? 1.776   21.592  -4.558  1.00 47.57 ? 18  GLN B CB  1 
ATOM   901  C CG  . GLN B 1 18 ? 2.103   22.159  -5.949  1.00 57.60 ? 18  GLN B CG  1 
ATOM   902  C CD  . GLN B 1 18 ? 0.858   22.828  -6.511  1.00 61.19 ? 18  GLN B CD  1 
ATOM   903  O OE1 . GLN B 1 18 ? 0.558   23.958  -6.127  1.00 64.28 ? 18  GLN B OE1 1 
ATOM   904  N NE2 . GLN B 1 18 ? 0.185   22.044  -7.351  1.00 59.60 ? 18  GLN B NE2 1 
ATOM   905  N N   . LEU B 1 19 ? 0.426   22.411  -1.499  1.00 29.82 ? 19  LEU B N   1 
ATOM   906  C CA  . LEU B 1 19 ? 0.076   21.804  -0.184  1.00 29.89 ? 19  LEU B CA  1 
ATOM   907  C C   . LEU B 1 19 ? -0.773  20.641  -0.687  1.00 27.07 ? 19  LEU B C   1 
ATOM   908  O O   . LEU B 1 19 ? -1.583  21.004  -1.570  1.00 30.34 ? 19  LEU B O   1 
ATOM   909  C CB  . LEU B 1 19 ? -0.568  22.843  0.703   1.00 29.62 ? 19  LEU B CB  1 
ATOM   910  C CG  . LEU B 1 19 ? 0.169   23.462  1.876   1.00 32.57 ? 19  LEU B CG  1 
ATOM   911  C CD1 . LEU B 1 19 ? 0.178   22.534  3.103   1.00 26.91 ? 19  LEU B CD1 1 
ATOM   912  C CD2 . LEU B 1 19 ? 1.603   23.851  1.492   1.00 31.34 ? 19  LEU B CD2 1 
ATOM   913  N N   . LYS B 1 20 ? -0.525  19.397  -0.354  1.00 26.45 ? 20  LYS B N   1 
ATOM   914  C CA  . LYS B 1 20 ? -1.376  18.324  -0.963  1.00 22.28 ? 20  LYS B CA  1 
ATOM   915  C C   . LYS B 1 20 ? -1.637  17.155  -0.031  1.00 20.11 ? 20  LYS B C   1 
ATOM   916  O O   . LYS B 1 20 ? -1.056  17.008  1.075   1.00 16.11 ? 20  LYS B O   1 
ATOM   917  C CB  . LYS B 1 20 ? -0.853  17.933  -2.344  1.00 19.56 ? 20  LYS B CB  1 
ATOM   918  C CG  . LYS B 1 20 ? -1.966  17.492  -3.320  1.00 27.74 ? 20  LYS B CG  1 
ATOM   919  C CD  . LYS B 1 20 ? -1.965  18.123  -4.692  1.00 26.62 ? 20  LYS B CD  1 
ATOM   920  C CE  . LYS B 1 20 ? -0.815  18.919  -5.218  1.00 18.42 ? 20  LYS B CE  1 
ATOM   921  N NZ  . LYS B 1 20 ? 0.439   18.226  -5.535  1.00 16.64 ? 20  LYS B NZ  1 
ATOM   922  N N   . GLU B 1 21 ? -2.576  16.306  -0.473  1.00 17.43 ? 21  GLU B N   1 
ATOM   923  C CA  . GLU B 1 21 ? -2.954  15.115  0.312   1.00 13.51 ? 21  GLU B CA  1 
ATOM   924  C C   . GLU B 1 21 ? -2.373  13.816  -0.200  1.00 8.57  ? 21  GLU B C   1 
ATOM   925  O O   . GLU B 1 21 ? -2.355  13.481  -1.372  1.00 3.48  ? 21  GLU B O   1 
ATOM   926  C CB  . GLU B 1 21 ? -4.462  14.926  0.466   1.00 26.89 ? 21  GLU B CB  1 
ATOM   927  C CG  . GLU B 1 21 ? -5.069  15.620  1.707   1.00 33.60 ? 21  GLU B CG  1 
ATOM   928  C CD  . GLU B 1 21 ? -6.467  15.092  1.976   1.00 40.53 ? 21  GLU B CD  1 
ATOM   929  O OE1 . GLU B 1 21 ? -7.031  14.539  1.033   1.00 35.62 ? 21  GLU B OE1 1 
ATOM   930  O OE2 . GLU B 1 21 ? -6.831  15.269  3.161   1.00 34.83 ? 21  GLU B OE2 1 
ATOM   931  N N   . ALA B 1 22 ? -1.904  13.032  0.751   1.00 8.69  ? 22  ALA B N   1 
ATOM   932  C CA  . ALA B 1 22 ? -1.275  11.754  0.436   1.00 8.62  ? 22  ALA B CA  1 
ATOM   933  C C   . ALA B 1 22 ? -1.649  10.637  1.390   1.00 7.93  ? 22  ALA B C   1 
ATOM   934  O O   . ALA B 1 22 ? -2.089  10.837  2.519   1.00 4.79  ? 22  ALA B O   1 
ATOM   935  C CB  . ALA B 1 22 ? 0.217   12.059  0.416   1.00 2.50  ? 22  ALA B CB  1 
ATOM   936  N N   . LEU B 1 23 ? -1.478  9.446   0.878   1.00 8.97  ? 23  LEU B N   1 
ATOM   937  C CA  . LEU B 1 23 ? -1.767  8.155   1.460   1.00 6.82  ? 23  LEU B CA  1 
ATOM   938  C C   . LEU B 1 23 ? -0.380  7.612   1.848   1.00 10.95 ? 23  LEU B C   1 
ATOM   939  O O   . LEU B 1 23 ? 0.392   7.458   0.879   1.00 10.10 ? 23  LEU B O   1 
ATOM   940  C CB  . LEU B 1 23 ? -2.339  7.283   0.347   1.00 2.00  ? 23  LEU B CB  1 
ATOM   941  C CG  . LEU B 1 23 ? -3.114  6.015   0.508   1.00 2.00  ? 23  LEU B CG  1 
ATOM   942  C CD1 . LEU B 1 23 ? -4.550  6.371   0.957   1.00 2.00  ? 23  LEU B CD1 1 
ATOM   943  C CD2 . LEU B 1 23 ? -3.408  5.296   -0.802  1.00 2.16  ? 23  LEU B CD2 1 
ATOM   944  N N   . LEU B 1 24 ? -0.147  7.448   3.128   1.00 10.43 ? 24  LEU B N   1 
ATOM   945  C CA  . LEU B 1 24 ? 1.094   6.793   3.584   1.00 12.28 ? 24  LEU B CA  1 
ATOM   946  C C   . LEU B 1 24 ? 0.914   5.324   3.143   1.00 9.36  ? 24  LEU B C   1 
ATOM   947  O O   . LEU B 1 24 ? 0.040   4.670   3.721   1.00 12.60 ? 24  LEU B O   1 
ATOM   948  C CB  . LEU B 1 24 ? 1.254   6.871   5.112   1.00 7.17  ? 24  LEU B CB  1 
ATOM   949  C CG  . LEU B 1 24 ? 1.062   8.241   5.749   1.00 5.54  ? 24  LEU B CG  1 
ATOM   950  C CD1 . LEU B 1 24 ? 1.491   8.160   7.198   1.00 9.55  ? 24  LEU B CD1 1 
ATOM   951  C CD2 . LEU B 1 24 ? 1.829   9.273   4.915   1.00 2.00  ? 24  LEU B CD2 1 
ATOM   952  N N   . ASP B 1 25 ? 1.722   4.876   2.220   1.00 8.50  ? 25  ASP B N   1 
ATOM   953  C CA  . ASP B 1 25 ? 1.632   3.514   1.682   1.00 5.50  ? 25  ASP B CA  1 
ATOM   954  C C   . ASP B 1 25 ? 2.746   2.550   2.081   1.00 2.68  ? 25  ASP B C   1 
ATOM   955  O O   . ASP B 1 25 ? 3.634   2.312   1.252   1.00 2.00  ? 25  ASP B O   1 
ATOM   956  C CB  . ASP B 1 25 ? 1.530   3.700   0.132   1.00 2.00  ? 25  ASP B CB  1 
ATOM   957  C CG  . ASP B 1 25 ? 0.928   2.409   -0.400  1.00 12.58 ? 25  ASP B CG  1 
ATOM   958  O OD1 . ASP B 1 25 ? 1.062   1.347   0.289   1.00 2.00  ? 25  ASP B OD1 1 
ATOM   959  O OD2 . ASP B 1 25 ? 0.259   2.401   -1.455  1.00 2.00  ? 25  ASP B OD2 1 
ATOM   960  N N   . THR B 1 26 ? 2.661   1.859   3.211   1.00 2.88  ? 26  THR B N   1 
ATOM   961  C CA  . THR B 1 26 ? 3.764   0.935   3.559   1.00 4.04  ? 26  THR B CA  1 
ATOM   962  C C   . THR B 1 26 ? 3.962   -0.153  2.502   1.00 4.48  ? 26  THR B C   1 
ATOM   963  O O   . THR B 1 26 ? 4.951   -0.909  2.562   1.00 2.00  ? 26  THR B O   1 
ATOM   964  C CB  . THR B 1 26 ? 3.649   0.209   4.955   1.00 2.00  ? 26  THR B CB  1 
ATOM   965  O OG1 . THR B 1 26 ? 2.364   -0.448  4.890   1.00 2.00  ? 26  THR B OG1 1 
ATOM   966  C CG2 . THR B 1 26 ? 3.794   1.157   6.138   1.00 2.00  ? 26  THR B CG2 1 
ATOM   967  N N   . GLY B 1 27 ? 3.022   -0.155  1.575   1.00 2.00  ? 27  GLY B N   1 
ATOM   968  C CA  . GLY B 1 27 ? 3.023   -1.149  0.510   1.00 2.00  ? 27  GLY B CA  1 
ATOM   969  C C   . GLY B 1 27 ? 3.514   -0.584  -0.802  1.00 3.33  ? 27  GLY B C   1 
ATOM   970  O O   . GLY B 1 27 ? 3.459   -1.363  -1.780  1.00 7.98  ? 27  GLY B O   1 
ATOM   971  N N   . ALA B 1 28 ? 3.965   0.653   -0.828  1.00 3.25  ? 28  ALA B N   1 
ATOM   972  C CA  . ALA B 1 28 ? 4.480   1.305   -2.033  1.00 2.00  ? 28  ALA B CA  1 
ATOM   973  C C   . ALA B 1 28 ? 6.004   1.406   -1.976  1.00 2.00  ? 28  ALA B C   1 
ATOM   974  O O   . ALA B 1 28 ? 6.608   1.943   -1.052  1.00 2.00  ? 28  ALA B O   1 
ATOM   975  C CB  . ALA B 1 28 ? 3.989   2.698   -2.322  1.00 2.00  ? 28  ALA B CB  1 
ATOM   976  N N   . ASP B 1 29 ? 6.537   0.841   -3.032  1.00 2.00  ? 29  ASP B N   1 
ATOM   977  C CA  . ASP B 1 29 ? 7.968   0.827   -3.299  1.00 4.80  ? 29  ASP B CA  1 
ATOM   978  C C   . ASP B 1 29 ? 8.542   2.243   -3.488  1.00 5.96  ? 29  ASP B C   1 
ATOM   979  O O   . ASP B 1 29 ? 9.657   2.504   -3.009  1.00 5.93  ? 29  ASP B O   1 
ATOM   980  C CB  . ASP B 1 29 ? 8.231   -0.106  -4.489  1.00 7.65  ? 29  ASP B CB  1 
ATOM   981  C CG  . ASP B 1 29 ? 8.723   -1.478  -4.117  1.00 16.24 ? 29  ASP B CG  1 
ATOM   982  O OD1 . ASP B 1 29 ? 8.135   -2.067  -3.198  1.00 26.97 ? 29  ASP B OD1 1 
ATOM   983  O OD2 . ASP B 1 29 ? 9.709   -1.977  -4.712  1.00 19.75 ? 29  ASP B OD2 1 
ATOM   984  N N   . ASP B 1 30 ? 7.861   3.055   -4.264  1.00 7.34  ? 30  ASP B N   1 
ATOM   985  C CA  . ASP B 1 30 ? 8.058   4.383   -4.800  1.00 4.67  ? 30  ASP B CA  1 
ATOM   986  C C   . ASP B 1 30 ? 6.975   5.372   -4.377  1.00 2.00  ? 30  ASP B C   1 
ATOM   987  O O   . ASP B 1 30 ? 5.947   4.957   -3.826  1.00 2.00  ? 30  ASP B O   1 
ATOM   988  C CB  . ASP B 1 30 ? 7.930   4.331   -6.363  1.00 2.00  ? 30  ASP B CB  1 
ATOM   989  C CG  . ASP B 1 30 ? 8.925   3.309   -6.884  1.00 19.35 ? 30  ASP B CG  1 
ATOM   990  O OD1 . ASP B 1 30 ? 10.037  3.442   -6.293  1.00 28.54 ? 30  ASP B OD1 1 
ATOM   991  O OD2 . ASP B 1 30 ? 8.647   2.411   -7.703  1.00 18.48 ? 30  ASP B OD2 1 
ATOM   992  N N   . THR B 1 31 ? 7.137   6.627   -4.789  1.00 6.35  ? 31  THR B N   1 
ATOM   993  C CA  . THR B 1 31 ? 6.202   7.732   -4.513  1.00 2.45  ? 31  THR B CA  1 
ATOM   994  C C   . THR B 1 31 ? 5.684   8.242   -5.847  1.00 2.57  ? 31  THR B C   1 
ATOM   995  O O   . THR B 1 31 ? 6.408   8.712   -6.699  1.00 2.38  ? 31  THR B O   1 
ATOM   996  C CB  . THR B 1 31 ? 6.863   8.890   -3.674  1.00 8.53  ? 31  THR B CB  1 
ATOM   997  O OG1 . THR B 1 31 ? 7.538   8.196   -2.570  1.00 2.64  ? 31  THR B OG1 1 
ATOM   998  C CG2 . THR B 1 31 ? 5.931   10.011  -3.187  1.00 2.00  ? 31  THR B CG2 1 
ATOM   999  N N   . VAL B 1 32 ? 4.389   8.152   -6.020  1.00 3.43  ? 32  VAL B N   1 
ATOM   1000 C CA  . VAL B 1 32 ? 3.678   8.492   -7.238  1.00 2.00  ? 32  VAL B CA  1 
ATOM   1001 C C   . VAL B 1 32 ? 2.626   9.532   -6.888  1.00 3.55  ? 32  VAL B C   1 
ATOM   1002 O O   . VAL B 1 32 ? 1.686   9.208   -6.160  1.00 5.13  ? 32  VAL B O   1 
ATOM   1003 C CB  . VAL B 1 32 ? 3.001   7.262   -7.860  1.00 3.44  ? 32  VAL B CB  1 
ATOM   1004 C CG1 . VAL B 1 32 ? 2.565   7.528   -9.298  1.00 2.00  ? 32  VAL B CG1 1 
ATOM   1005 C CG2 . VAL B 1 32 ? 3.901   6.018   -7.758  1.00 2.00  ? 32  VAL B CG2 1 
ATOM   1006 N N   . LEU B 1 33 ? 2.837   10.687  -7.469  1.00 2.00  ? 33  LEU B N   1 
ATOM   1007 C CA  . LEU B 1 33 ? 1.928   11.837  -7.227  1.00 4.39  ? 33  LEU B CA  1 
ATOM   1008 C C   . LEU B 1 33 ? 1.272   11.945  -8.601  1.00 2.00  ? 33  LEU B C   1 
ATOM   1009 O O   . LEU B 1 33 ? 1.944   11.467  -9.498  1.00 2.00  ? 33  LEU B O   1 
ATOM   1010 C CB  . LEU B 1 33 ? 2.851   12.935  -6.702  1.00 2.00  ? 33  LEU B CB  1 
ATOM   1011 C CG  . LEU B 1 33 ? 3.299   12.931  -5.263  1.00 2.00  ? 33  LEU B CG  1 
ATOM   1012 C CD1 . LEU B 1 33 ? 4.794   12.648  -5.084  1.00 2.00  ? 33  LEU B CD1 1 
ATOM   1013 C CD2 . LEU B 1 33 ? 3.107   14.387  -4.815  1.00 13.97 ? 33  LEU B CD2 1 
ATOM   1014 N N   . GLU B 1 34 ? 0.041   12.335  -8.681  1.00 11.86 ? 34  GLU B N   1 
ATOM   1015 C CA  . GLU B 1 34 ? -0.699  12.531  -9.955  1.00 19.66 ? 34  GLU B CA  1 
ATOM   1016 C C   . GLU B 1 34 ? 0.054   13.479  -10.892 1.00 21.70 ? 34  GLU B C   1 
ATOM   1017 O O   . GLU B 1 34 ? 1.296   13.588  -10.850 1.00 23.50 ? 34  GLU B O   1 
ATOM   1018 C CB  . GLU B 1 34 ? -1.979  13.376  -9.611  1.00 24.09 ? 34  GLU B CB  1 
ATOM   1019 C CG  . GLU B 1 34 ? -1.478  14.513  -8.721  1.00 41.99 ? 34  GLU B CG  1 
ATOM   1020 C CD  . GLU B 1 34 ? -2.157  15.781  -8.428  1.00 54.75 ? 34  GLU B CD  1 
ATOM   1021 O OE1 . GLU B 1 34 ? -3.301  15.823  -8.930  1.00 66.31 ? 34  GLU B OE1 1 
ATOM   1022 O OE2 . GLU B 1 34 ? -1.623  16.678  -7.776  1.00 60.98 ? 34  GLU B OE2 1 
ATOM   1023 N N   . GLU B 1 35 ? -0.717  14.219  -11.703 1.00 23.86 ? 35  GLU B N   1 
ATOM   1024 C CA  . GLU B 1 35 ? -0.142  15.194  -12.622 1.00 25.01 ? 35  GLU B CA  1 
ATOM   1025 C C   . GLU B 1 35 ? 0.274   16.539  -12.007 1.00 24.91 ? 35  GLU B C   1 
ATOM   1026 O O   . GLU B 1 35 ? -0.604  17.301  -11.549 1.00 24.28 ? 35  GLU B O   1 
ATOM   1027 C CB  . GLU B 1 35 ? -1.003  15.612  -13.817 1.00 30.71 ? 35  GLU B CB  1 
ATOM   1028 C CG  . GLU B 1 35 ? -1.186  14.575  -14.910 1.00 26.17 ? 35  GLU B CG  1 
ATOM   1029 C CD  . GLU B 1 35 ? -0.110  13.527  -14.917 1.00 30.32 ? 35  GLU B CD  1 
ATOM   1030 O OE1 . GLU B 1 35 ? 1.045   13.992  -14.808 1.00 30.03 ? 35  GLU B OE1 1 
ATOM   1031 O OE2 . GLU B 1 35 ? -0.474  12.364  -14.982 1.00 30.07 ? 35  GLU B OE2 1 
ATOM   1032 N N   . MET B 1 36 ? 1.578   16.738  -12.132 1.00 20.99 ? 36  MET B N   1 
ATOM   1033 C CA  . MET B 1 36 ? 2.231   17.961  -11.668 1.00 21.40 ? 36  MET B CA  1 
ATOM   1034 C C   . MET B 1 36 ? 3.517   18.228  -12.466 1.00 21.96 ? 36  MET B C   1 
ATOM   1035 O O   . MET B 1 36 ? 4.371   17.376  -12.793 1.00 18.06 ? 36  MET B O   1 
ATOM   1036 C CB  . MET B 1 36 ? 2.366   18.016  -10.161 1.00 12.31 ? 36  MET B CB  1 
ATOM   1037 C CG  . MET B 1 36 ? 3.545   17.256  -9.665  1.00 20.81 ? 36  MET B CG  1 
ATOM   1038 S SD  . MET B 1 36 ? 3.420   17.369  -7.843  1.00 41.04 ? 36  MET B SD  1 
ATOM   1039 C CE  . MET B 1 36 ? 3.547   19.176  -7.684  1.00 21.74 ? 36  MET B CE  1 
ATOM   1040 N N   . ASN B 1 37 ? 3.601   19.528  -12.748 1.00 22.96 ? 37  ASN B N   1 
ATOM   1041 C CA  . ASN B 1 37 ? 4.657   20.134  -13.587 1.00 26.45 ? 37  ASN B CA  1 
ATOM   1042 C C   . ASN B 1 37 ? 5.988   20.420  -12.914 1.00 24.22 ? 37  ASN B C   1 
ATOM   1043 O O   . ASN B 1 37 ? 6.426   21.592  -12.867 1.00 27.66 ? 37  ASN B O   1 
ATOM   1044 C CB  . ASN B 1 37 ? 4.001   21.402  -14.173 1.00 35.13 ? 37  ASN B CB  1 
ATOM   1045 C CG  . ASN B 1 37 ? 4.654   21.775  -15.490 1.00 43.47 ? 37  ASN B CG  1 
ATOM   1046 O OD1 . ASN B 1 37 ? 5.384   20.894  -15.989 1.00 51.18 ? 37  ASN B OD1 1 
ATOM   1047 N ND2 . ASN B 1 37 ? 4.355   22.983  -15.969 1.00 42.91 ? 37  ASN B ND2 1 
ATOM   1048 N N   . LEU B 1 38 ? 6.677   19.399  -12.446 1.00 22.53 ? 38  LEU B N   1 
ATOM   1049 C CA  . LEU B 1 38 ? 7.917   19.670  -11.704 1.00 21.71 ? 38  LEU B CA  1 
ATOM   1050 C C   . LEU B 1 38 ? 8.924   20.240  -12.690 1.00 21.57 ? 38  LEU B C   1 
ATOM   1051 O O   . LEU B 1 38 ? 8.740   20.129  -13.897 1.00 20.06 ? 38  LEU B O   1 
ATOM   1052 C CB  . LEU B 1 38 ? 8.301   18.497  -10.795 1.00 22.38 ? 38  LEU B CB  1 
ATOM   1053 C CG  . LEU B 1 38 ? 7.231   18.120  -9.769  1.00 17.47 ? 38  LEU B CG  1 
ATOM   1054 C CD1 . LEU B 1 38 ? 7.271   16.661  -9.356  1.00 18.42 ? 38  LEU B CD1 1 
ATOM   1055 C CD2 . LEU B 1 38 ? 7.351   19.000  -8.539  1.00 13.96 ? 38  LEU B CD2 1 
ATOM   1056 N N   . PRO B 1 39 ? 9.896   20.902  -12.102 1.00 23.87 ? 39  PRO B N   1 
ATOM   1057 C CA  . PRO B 1 39 ? 10.993  21.526  -12.836 1.00 24.03 ? 39  PRO B CA  1 
ATOM   1058 C C   . PRO B 1 39 ? 12.108  20.493  -12.997 1.00 22.54 ? 39  PRO B C   1 
ATOM   1059 O O   . PRO B 1 39 ? 12.506  19.913  -11.968 1.00 18.45 ? 39  PRO B O   1 
ATOM   1060 C CB  . PRO B 1 39 ? 11.464  22.665  -11.938 1.00 24.63 ? 39  PRO B CB  1 
ATOM   1061 C CG  . PRO B 1 39 ? 11.029  22.281  -10.549 1.00 24.98 ? 39  PRO B CG  1 
ATOM   1062 C CD  . PRO B 1 39 ? 10.099  21.090  -10.646 1.00 24.62 ? 39  PRO B CD  1 
ATOM   1063 N N   . GLY B 1 40 ? 12.508  20.329  -14.242 1.00 20.94 ? 40  GLY B N   1 
ATOM   1064 C CA  . GLY B 1 40 ? 13.605  19.436  -14.522 1.00 28.11 ? 40  GLY B CA  1 
ATOM   1065 C C   . GLY B 1 40 ? 13.586  18.315  -15.528 1.00 29.39 ? 40  GLY B C   1 
ATOM   1066 O O   . GLY B 1 40 ? 12.721  18.170  -16.415 1.00 33.81 ? 40  GLY B O   1 
ATOM   1067 N N   . LYS B 1 41 ? 14.641  17.530  -15.342 1.00 28.89 ? 41  LYS B N   1 
ATOM   1068 C CA  . LYS B 1 41 ? 15.011  16.307  -16.031 1.00 27.88 ? 41  LYS B CA  1 
ATOM   1069 C C   . LYS B 1 41 ? 14.289  15.145  -15.302 1.00 27.43 ? 41  LYS B C   1 
ATOM   1070 O O   . LYS B 1 41 ? 14.233  15.045  -14.064 1.00 28.52 ? 41  LYS B O   1 
ATOM   1071 C CB  . LYS B 1 41 ? 16.456  15.901  -15.922 1.00 36.31 ? 41  LYS B CB  1 
ATOM   1072 C CG  . LYS B 1 41 ? 17.750  16.482  -16.376 1.00 30.73 ? 41  LYS B CG  1 
ATOM   1073 C CD  . LYS B 1 41 ? 17.833  16.851  -17.835 1.00 29.28 ? 41  LYS B CD  1 
ATOM   1074 C CE  . LYS B 1 41 ? 16.955  16.051  -18.774 1.00 31.88 ? 41  LYS B CE  1 
ATOM   1075 N NZ  . LYS B 1 41 ? 17.359  16.310  -20.178 1.00 27.56 ? 41  LYS B NZ  1 
ATOM   1076 N N   . TRP B 1 42 ? 13.890  14.245  -16.150 1.00 27.58 ? 42  TRP B N   1 
ATOM   1077 C CA  . TRP B 1 42 ? 13.211  13.005  -15.766 1.00 28.24 ? 42  TRP B CA  1 
ATOM   1078 C C   . TRP B 1 42 ? 13.594  12.009  -16.855 1.00 27.17 ? 42  TRP B C   1 
ATOM   1079 O O   . TRP B 1 42 ? 14.277  12.337  -17.818 1.00 25.95 ? 42  TRP B O   1 
ATOM   1080 C CB  . TRP B 1 42 ? 11.728  13.214  -15.523 1.00 37.00 ? 42  TRP B CB  1 
ATOM   1081 C CG  . TRP B 1 42 ? 11.027  13.801  -16.695 1.00 46.23 ? 42  TRP B CG  1 
ATOM   1082 C CD1 . TRP B 1 42 ? 10.512  15.063  -16.817 1.00 49.04 ? 42  TRP B CD1 1 
ATOM   1083 C CD2 . TRP B 1 42 ? 10.818  13.149  -17.958 1.00 49.52 ? 42  TRP B CD2 1 
ATOM   1084 N NE1 . TRP B 1 42 ? 9.967   15.237  -18.071 1.00 49.97 ? 42  TRP B NE1 1 
ATOM   1085 C CE2 . TRP B 1 42 ? 10.152  14.086  -18.786 1.00 52.47 ? 42  TRP B CE2 1 
ATOM   1086 C CE3 . TRP B 1 42 ? 11.094  11.884  -18.453 1.00 47.48 ? 42  TRP B CE3 1 
ATOM   1087 C CZ2 . TRP B 1 42 ? 9.779   13.771  -20.084 1.00 56.71 ? 42  TRP B CZ2 1 
ATOM   1088 C CZ3 . TRP B 1 42 ? 10.729  11.587  -19.741 1.00 51.28 ? 42  TRP B CZ3 1 
ATOM   1089 C CH2 . TRP B 1 42 ? 10.073  12.498  -20.553 1.00 54.84 ? 42  TRP B CH2 1 
ATOM   1090 N N   . LYS B 1 43 ? 13.149  10.807  -16.664 1.00 29.09 ? 43  LYS B N   1 
ATOM   1091 C CA  . LYS B 1 43 ? 13.358  9.562   -17.386 1.00 26.73 ? 43  LYS B CA  1 
ATOM   1092 C C   . LYS B 1 43 ? 12.169  8.646   -17.139 1.00 26.40 ? 43  LYS B C   1 
ATOM   1093 O O   . LYS B 1 43 ? 11.869  8.273   -15.987 1.00 25.74 ? 43  LYS B O   1 
ATOM   1094 C CB  . LYS B 1 43 ? 14.604  8.850   -16.783 1.00 28.42 ? 43  LYS B CB  1 
ATOM   1095 C CG  . LYS B 1 43 ? 15.075  9.510   -15.491 1.00 30.96 ? 43  LYS B CG  1 
ATOM   1096 C CD  . LYS B 1 43 ? 15.731  8.735   -14.409 1.00 33.44 ? 43  LYS B CD  1 
ATOM   1097 C CE  . LYS B 1 43 ? 17.148  8.279   -14.571 1.00 33.13 ? 43  LYS B CE  1 
ATOM   1098 N NZ  . LYS B 1 43 ? 17.624  7.554   -13.358 1.00 27.94 ? 43  LYS B NZ  1 
ATOM   1099 N N   . PRO B 1 44 ? 11.485  8.300   -18.212 1.00 27.94 ? 44  PRO B N   1 
ATOM   1100 C CA  . PRO B 1 44 ? 10.347  7.364   -18.122 1.00 27.06 ? 44  PRO B CA  1 
ATOM   1101 C C   . PRO B 1 44 ? 10.783  6.071   -17.422 1.00 23.74 ? 44  PRO B C   1 
ATOM   1102 O O   . PRO B 1 44 ? 11.945  5.633   -17.308 1.00 23.37 ? 44  PRO B O   1 
ATOM   1103 C CB  . PRO B 1 44 ? 9.842   7.200   -19.550 1.00 27.32 ? 44  PRO B CB  1 
ATOM   1104 C CG  . PRO B 1 44 ? 11.047  7.529   -20.393 1.00 28.58 ? 44  PRO B CG  1 
ATOM   1105 C CD  . PRO B 1 44 ? 11.781  8.622   -19.616 1.00 28.32 ? 44  PRO B CD  1 
ATOM   1106 N N   . LYS B 1 45 ? 9.746   5.476   -16.845 1.00 18.28 ? 45  LYS B N   1 
ATOM   1107 C CA  . LYS B 1 45 ? 9.820   4.247   -16.080 1.00 10.05 ? 45  LYS B CA  1 
ATOM   1108 C C   . LYS B 1 45 ? 8.397   3.676   -15.989 1.00 5.88  ? 45  LYS B C   1 
ATOM   1109 O O   . LYS B 1 45 ? 7.367   4.349   -16.213 1.00 3.74  ? 45  LYS B O   1 
ATOM   1110 C CB  . LYS B 1 45 ? 10.371  4.485   -14.673 1.00 5.89  ? 45  LYS B CB  1 
ATOM   1111 C CG  . LYS B 1 45 ? 10.299  3.204   -13.864 1.00 3.10  ? 45  LYS B CG  1 
ATOM   1112 C CD  . LYS B 1 45 ? 10.399  3.302   -12.388 1.00 3.91  ? 45  LYS B CD  1 
ATOM   1113 C CE  . LYS B 1 45 ? 11.843  3.184   -11.908 1.00 3.48  ? 45  LYS B CE  1 
ATOM   1114 N NZ  . LYS B 1 45 ? 11.748  3.154   -10.411 1.00 2.00  ? 45  LYS B NZ  1 
ATOM   1115 N N   . MET B 1 46 ? 8.443   2.393   -15.643 1.00 2.04  ? 46  MET B N   1 
ATOM   1116 C CA  . MET B 1 46 ? 7.229   1.625   -15.431 1.00 2.00  ? 46  MET B CA  1 
ATOM   1117 C C   . MET B 1 46 ? 6.959   0.993   -14.085 1.00 2.00  ? 46  MET B C   1 
ATOM   1118 O O   . MET B 1 46 ? 7.895   0.482   -13.452 1.00 2.00  ? 46  MET B O   1 
ATOM   1119 C CB  . MET B 1 46 ? 7.047   0.651   -16.617 1.00 3.38  ? 46  MET B CB  1 
ATOM   1120 C CG  . MET B 1 46 ? 6.210   1.385   -17.635 1.00 2.00  ? 46  MET B CG  1 
ATOM   1121 S SD  . MET B 1 46 ? 5.802   0.255   -18.976 1.00 12.32 ? 46  MET B SD  1 
ATOM   1122 C CE  . MET B 1 46 ? 4.887   1.422   -19.996 1.00 2.00  ? 46  MET B CE  1 
ATOM   1123 N N   . ILE B 1 47 ? 5.729   1.155   -13.643 1.00 2.00  ? 47  ILE B N   1 
ATOM   1124 C CA  . ILE B 1 47 ? 5.381   0.542   -12.363 1.00 4.30  ? 47  ILE B CA  1 
ATOM   1125 C C   . ILE B 1 47 ? 3.996   -0.047  -12.547 1.00 4.03  ? 47  ILE B C   1 
ATOM   1126 O O   . ILE B 1 47 ? 3.307   0.398   -13.459 1.00 3.63  ? 47  ILE B O   1 
ATOM   1127 C CB  . ILE B 1 47 ? 5.564   1.497   -11.132 1.00 9.07  ? 47  ILE B CB  1 
ATOM   1128 C CG1 . ILE B 1 47 ? 4.566   2.619   -11.182 1.00 2.00  ? 47  ILE B CG1 1 
ATOM   1129 C CG2 . ILE B 1 47 ? 7.015   2.057   -11.042 1.00 2.00  ? 47  ILE B CG2 1 
ATOM   1130 C CD1 . ILE B 1 47 ? 4.043   3.705   -10.332 1.00 2.00  ? 47  ILE B CD1 1 
ATOM   1131 N N   . GLY B 1 48 ? 3.730   -1.012  -11.704 1.00 9.14  ? 48  GLY B N   1 
ATOM   1132 C CA  . GLY B 1 48 ? 2.413   -1.667  -11.734 1.00 10.44 ? 48  GLY B CA  1 
ATOM   1133 C C   . GLY B 1 48 ? 2.197   -2.348  -10.376 1.00 11.81 ? 48  GLY B C   1 
ATOM   1134 O O   . GLY B 1 48 ? 3.061   -2.253  -9.494  1.00 9.14  ? 48  GLY B O   1 
ATOM   1135 N N   . GLY B 1 49 ? 1.103   -3.098  -10.385 1.00 10.82 ? 49  GLY B N   1 
ATOM   1136 C CA  . GLY B 1 49 ? 0.645   -3.890  -9.236  1.00 9.96  ? 49  GLY B CA  1 
ATOM   1137 C C   . GLY B 1 49 ? -0.715  -4.484  -9.558  1.00 8.95  ? 49  GLY B C   1 
ATOM   1138 O O   . GLY B 1 49 ? -0.789  -5.152  -10.595 1.00 10.25 ? 49  GLY B O   1 
ATOM   1139 N N   . ILE B 1 50 ? -1.726  -4.293  -8.726  1.00 10.74 ? 50  ILE B N   1 
ATOM   1140 C CA  . ILE B 1 50 ? -3.053  -4.902  -9.055  1.00 8.35  ? 50  ILE B CA  1 
ATOM   1141 C C   . ILE B 1 50 ? -3.378  -4.184  -10.340 1.00 10.18 ? 50  ILE B C   1 
ATOM   1142 O O   . ILE B 1 50 ? -3.177  -2.954  -10.151 1.00 16.59 ? 50  ILE B O   1 
ATOM   1143 C CB  . ILE B 1 50 ? -4.087  -4.621  -7.915  1.00 2.25  ? 50  ILE B CB  1 
ATOM   1144 C CG1 . ILE B 1 50 ? -3.761  -5.540  -6.706  1.00 2.00  ? 50  ILE B CG1 1 
ATOM   1145 C CG2 . ILE B 1 50 ? -5.604  -4.780  -8.162  1.00 2.00  ? 50  ILE B CG2 1 
ATOM   1146 C CD1 . ILE B 1 50 ? -3.747  -7.047  -7.103  1.00 3.68  ? 50  ILE B CD1 1 
ATOM   1147 N N   . GLY B 1 51 ? -3.831  -4.743  -11.427 1.00 9.92  ? 51  GLY B N   1 
ATOM   1148 C CA  . GLY B 1 51 ? -4.228  -3.843  -12.547 1.00 7.18  ? 51  GLY B CA  1 
ATOM   1149 C C   . GLY B 1 51 ? -3.400  -3.979  -13.799 1.00 9.03  ? 51  GLY B C   1 
ATOM   1150 O O   . GLY B 1 51 ? -3.851  -4.238  -14.942 1.00 7.91  ? 51  GLY B O   1 
ATOM   1151 N N   . GLY B 1 52 ? -2.113  -3.788  -13.529 1.00 12.04 ? 52  GLY B N   1 
ATOM   1152 C CA  . GLY B 1 52 ? -0.999  -3.881  -14.500 1.00 8.63  ? 52  GLY B CA  1 
ATOM   1153 C C   . GLY B 1 52 ? -0.044  -2.725  -14.274 1.00 2.00  ? 52  GLY B C   1 
ATOM   1154 O O   . GLY B 1 52 ? -0.137  -2.078  -13.238 1.00 3.66  ? 52  GLY B O   1 
ATOM   1155 N N   . PHE B 1 53 ? 0.685   -2.384  -15.303 1.00 5.97  ? 53  PHE B N   1 
ATOM   1156 C CA  . PHE B 1 53 ? 1.703   -1.309  -15.316 1.00 2.93  ? 53  PHE B CA  1 
ATOM   1157 C C   . PHE B 1 53 ? 1.147   -0.053  -15.937 1.00 6.45  ? 53  PHE B C   1 
ATOM   1158 O O   . PHE B 1 53 ? 0.179   -0.206  -16.693 1.00 10.93 ? 53  PHE B O   1 
ATOM   1159 C CB  . PHE B 1 53 ? 2.986   -1.717  -16.071 1.00 4.32  ? 53  PHE B CB  1 
ATOM   1160 C CG  . PHE B 1 53 ? 3.744   -2.771  -15.292 1.00 6.51  ? 53  PHE B CG  1 
ATOM   1161 C CD1 . PHE B 1 53 ? 3.114   -3.983  -15.020 1.00 10.36 ? 53  PHE B CD1 1 
ATOM   1162 C CD2 . PHE B 1 53 ? 5.013   -2.572  -14.788 1.00 8.98  ? 53  PHE B CD2 1 
ATOM   1163 C CE1 . PHE B 1 53 ? 3.725   -4.995  -14.340 1.00 2.00  ? 53  PHE B CE1 1 
ATOM   1164 C CE2 . PHE B 1 53 ? 5.645   -3.600  -14.079 1.00 12.75 ? 53  PHE B CE2 1 
ATOM   1165 C CZ  . PHE B 1 53 ? 5.010   -4.820  -13.824 1.00 2.00  ? 53  PHE B CZ  1 
ATOM   1166 N N   . ILE B 1 54 ? 1.749   1.063   -15.663 1.00 7.04  ? 54  ILE B N   1 
ATOM   1167 C CA  . ILE B 1 54 ? 1.391   2.378   -16.204 1.00 7.76  ? 54  ILE B CA  1 
ATOM   1168 C C   . ILE B 1 54 ? 2.733   3.137   -16.292 1.00 7.51  ? 54  ILE B C   1 
ATOM   1169 O O   . ILE B 1 54 ? 3.588   2.797   -15.462 1.00 3.94  ? 54  ILE B O   1 
ATOM   1170 C CB  . ILE B 1 54 ? 0.390   3.135   -15.268 1.00 2.00  ? 54  ILE B CB  1 
ATOM   1171 C CG1 . ILE B 1 54 ? 1.167   3.402   -13.961 1.00 2.00  ? 54  ILE B CG1 1 
ATOM   1172 C CG2 . ILE B 1 54 ? -0.902  2.350   -15.060 1.00 2.00  ? 54  ILE B CG2 1 
ATOM   1173 C CD1 . ILE B 1 54 ? 0.771   4.703   -13.240 1.00 2.00  ? 54  ILE B CD1 1 
ATOM   1174 N N   . LYS B 1 55 ? 2.812   4.079   -17.195 1.00 4.94  ? 55  LYS B N   1 
ATOM   1175 C CA  . LYS B 1 55 ? 4.112   4.759   -17.333 1.00 9.23  ? 55  LYS B CA  1 
ATOM   1176 C C   . LYS B 1 55 ? 4.086   6.042   -16.496 1.00 9.31  ? 55  LYS B C   1 
ATOM   1177 O O   . LYS B 1 55 ? 3.063   6.752   -16.458 1.00 6.93  ? 55  LYS B O   1 
ATOM   1178 C CB  . LYS B 1 55 ? 4.445   5.079   -18.785 1.00 24.98 ? 55  LYS B CB  1 
ATOM   1179 C CG  . LYS B 1 55 ? 5.565   6.115   -18.913 1.00 43.02 ? 55  LYS B CG  1 
ATOM   1180 C CD  . LYS B 1 55 ? 5.758   6.615   -20.338 1.00 53.33 ? 55  LYS B CD  1 
ATOM   1181 C CE  . LYS B 1 55 ? 6.761   7.765   -20.379 1.00 57.93 ? 55  LYS B CE  1 
ATOM   1182 N NZ  . LYS B 1 55 ? 7.395   7.834   -21.722 1.00 57.35 ? 55  LYS B NZ  1 
ATOM   1183 N N   . VAL B 1 56 ? 5.232   6.317   -15.906 1.00 2.00  ? 56  VAL B N   1 
ATOM   1184 C CA  . VAL B 1 56 ? 5.350   7.495   -15.058 1.00 2.00  ? 56  VAL B CA  1 
ATOM   1185 C C   . VAL B 1 56 ? 6.696   8.150   -15.333 1.00 3.32  ? 56  VAL B C   1 
ATOM   1186 O O   . VAL B 1 56 ? 7.579   7.367   -15.717 1.00 6.46  ? 56  VAL B O   1 
ATOM   1187 C CB  . VAL B 1 56 ? 5.209   7.169   -13.556 1.00 7.22  ? 56  VAL B CB  1 
ATOM   1188 C CG1 . VAL B 1 56 ? 3.852   6.564   -13.243 1.00 9.44  ? 56  VAL B CG1 1 
ATOM   1189 C CG2 . VAL B 1 56 ? 6.392   6.350   -13.014 1.00 2.54  ? 56  VAL B CG2 1 
ATOM   1190 N N   . ARG B 1 57 ? 6.767   9.437   -15.082 1.00 2.00  ? 57  ARG B N   1 
ATOM   1191 C CA  . ARG B 1 57 ? 8.069   10.105  -15.224 1.00 4.67  ? 57  ARG B CA  1 
ATOM   1192 C C   . ARG B 1 57 ? 8.655   10.233  -13.804 1.00 5.22  ? 57  ARG B C   1 
ATOM   1193 O O   . ARG B 1 57 ? 7.921   10.609  -12.887 1.00 4.28  ? 57  ARG B O   1 
ATOM   1194 C CB  . ARG B 1 57 ? 7.998   11.465  -15.842 1.00 12.84 ? 57  ARG B CB  1 
ATOM   1195 C CG  . ARG B 1 57 ? 7.489   11.583  -17.270 1.00 12.46 ? 57  ARG B CG  1 
ATOM   1196 C CD  . ARG B 1 57 ? 7.089   13.009  -17.446 1.00 21.00 ? 57  ARG B CD  1 
ATOM   1197 N NE  . ARG B 1 57 ? 5.909   13.348  -16.653 1.00 35.91 ? 57  ARG B NE  1 
ATOM   1198 C CZ  . ARG B 1 57 ? 5.791   14.482  -15.935 1.00 41.63 ? 57  ARG B CZ  1 
ATOM   1199 N NH1 . ARG B 1 57 ? 6.890   15.222  -15.743 1.00 36.55 ? 57  ARG B NH1 1 
ATOM   1200 N NH2 . ARG B 1 57 ? 4.647   14.839  -15.327 1.00 42.40 ? 57  ARG B NH2 1 
ATOM   1201 N N   . GLN B 1 58 ? 9.911   9.864   -13.683 1.00 4.24  ? 58  GLN B N   1 
ATOM   1202 C CA  . GLN B 1 58 ? 10.769  9.842   -12.518 1.00 2.00  ? 58  GLN B CA  1 
ATOM   1203 C C   . GLN B 1 58 ? 11.663  11.100  -12.408 1.00 2.00  ? 58  GLN B C   1 
ATOM   1204 O O   . GLN B 1 58 ? 12.526  11.212  -13.329 1.00 2.00  ? 58  GLN B O   1 
ATOM   1205 C CB  . GLN B 1 58 ? 11.834  8.726   -12.662 1.00 2.00  ? 58  GLN B CB  1 
ATOM   1206 C CG  . GLN B 1 58 ? 12.639  8.598   -11.378 1.00 10.91 ? 58  GLN B CG  1 
ATOM   1207 C CD  . GLN B 1 58 ? 13.768  7.596   -11.436 1.00 14.93 ? 58  GLN B CD  1 
ATOM   1208 O OE1 . GLN B 1 58 ? 14.923  7.940   -11.198 1.00 21.50 ? 58  GLN B OE1 1 
ATOM   1209 N NE2 . GLN B 1 58 ? 13.529  6.325   -11.781 1.00 8.34  ? 58  GLN B NE2 1 
ATOM   1210 N N   . TYR B 1 59 ? 11.556  11.849  -11.311 1.00 2.46  ? 59  TYR B N   1 
ATOM   1211 C CA  . TYR B 1 59 ? 12.395  13.019  -11.023 1.00 2.00  ? 59  TYR B CA  1 
ATOM   1212 C C   . TYR B 1 59 ? 13.449  12.803  -9.933  1.00 2.00  ? 59  TYR B C   1 
ATOM   1213 O O   . TYR B 1 59 ? 13.085  12.282  -8.872  1.00 2.00  ? 59  TYR B O   1 
ATOM   1214 C CB  . TYR B 1 59 ? 11.497  14.209  -10.621 1.00 2.00  ? 59  TYR B CB  1 
ATOM   1215 C CG  . TYR B 1 59 ? 10.654  14.696  -11.768 1.00 6.62  ? 59  TYR B CG  1 
ATOM   1216 C CD1 . TYR B 1 59 ? 9.377   14.225  -12.051 1.00 2.00  ? 59  TYR B CD1 1 
ATOM   1217 C CD2 . TYR B 1 59 ? 11.196  15.807  -12.434 1.00 7.16  ? 59  TYR B CD2 1 
ATOM   1218 C CE1 . TYR B 1 59 ? 8.681   14.834  -13.116 1.00 13.21 ? 59  TYR B CE1 1 
ATOM   1219 C CE2 . TYR B 1 59 ? 10.500  16.420  -13.444 1.00 2.00  ? 59  TYR B CE2 1 
ATOM   1220 C CZ  . TYR B 1 59 ? 9.242   15.915  -13.800 1.00 10.93 ? 59  TYR B CZ  1 
ATOM   1221 O OH  . TYR B 1 59 ? 8.561   16.542  -14.803 1.00 18.08 ? 59  TYR B OH  1 
ATOM   1222 N N   . ASP B 1 60 ? 14.712  13.150  -10.084 1.00 2.88  ? 60  ASP B N   1 
ATOM   1223 C CA  . ASP B 1 60 ? 15.608  12.892  -8.922  1.00 10.69 ? 60  ASP B CA  1 
ATOM   1224 C C   . ASP B 1 60 ? 15.437  14.034  -7.915  1.00 12.02 ? 60  ASP B C   1 
ATOM   1225 O O   . ASP B 1 60 ? 14.551  14.898  -8.026  1.00 11.21 ? 60  ASP B O   1 
ATOM   1226 C CB  . ASP B 1 60 ? 17.013  12.457  -9.276  1.00 23.41 ? 60  ASP B CB  1 
ATOM   1227 C CG  . ASP B 1 60 ? 16.880  11.062  -9.900  1.00 35.13 ? 60  ASP B CG  1 
ATOM   1228 O OD1 . ASP B 1 60 ? 16.099  10.348  -9.227  1.00 39.29 ? 60  ASP B OD1 1 
ATOM   1229 O OD2 . ASP B 1 60 ? 17.451  10.717  -10.944 1.00 40.70 ? 60  ASP B OD2 1 
ATOM   1230 N N   . GLN B 1 61 ? 16.231  13.906  -6.875  1.00 9.58  ? 61  GLN B N   1 
ATOM   1231 C CA  . GLN B 1 61 ? 16.299  14.765  -5.716  1.00 8.24  ? 61  GLN B CA  1 
ATOM   1232 C C   . GLN B 1 61 ? 15.308  15.883  -5.536  1.00 6.58  ? 61  GLN B C   1 
ATOM   1233 O O   . GLN B 1 61 ? 15.694  17.038  -5.332  1.00 9.84  ? 61  GLN B O   1 
ATOM   1234 C CB  . GLN B 1 61 ? 17.754  15.195  -5.481  1.00 16.61 ? 61  GLN B CB  1 
ATOM   1235 C CG  . GLN B 1 61 ? 18.526  14.095  -4.750  1.00 26.01 ? 61  GLN B CG  1 
ATOM   1236 C CD  . GLN B 1 61 ? 19.797  14.558  -4.082  1.00 32.51 ? 61  GLN B CD  1 
ATOM   1237 O OE1 . GLN B 1 61 ? 19.872  14.664  -2.850  1.00 38.87 ? 61  GLN B OE1 1 
ATOM   1238 N NE2 . GLN B 1 61 ? 20.805  14.841  -4.907  1.00 31.15 ? 61  GLN B NE2 1 
ATOM   1239 N N   . ILE B 1 62 ? 14.024  15.603  -5.381  1.00 4.26  ? 62  ILE B N   1 
ATOM   1240 C CA  . ILE B 1 62 ? 12.958  16.559  -5.123  1.00 4.05  ? 62  ILE B CA  1 
ATOM   1241 C C   . ILE B 1 62 ? 12.637  16.631  -3.641  1.00 4.67  ? 62  ILE B C   1 
ATOM   1242 O O   . ILE B 1 62 ? 12.415  15.573  -3.031  1.00 8.81  ? 62  ILE B O   1 
ATOM   1243 C CB  . ILE B 1 62 ? 11.685  16.186  -5.991  1.00 8.11  ? 62  ILE B CB  1 
ATOM   1244 C CG1 . ILE B 1 62 ? 11.957  16.623  -7.456  1.00 9.08  ? 62  ILE B CG1 1 
ATOM   1245 C CG2 . ILE B 1 62 ? 10.387  16.775  -5.376  1.00 2.00  ? 62  ILE B CG2 1 
ATOM   1246 C CD1 . ILE B 1 62 ? 10.758  16.461  -8.411  1.00 5.72  ? 62  ILE B CD1 1 
ATOM   1247 N N   . PRO B 1 63 ? 12.649  17.830  -3.085  1.00 6.99  ? 63  PRO B N   1 
ATOM   1248 C CA  . PRO B 1 63 ? 12.360  18.124  -1.675  1.00 6.15  ? 63  PRO B CA  1 
ATOM   1249 C C   . PRO B 1 63 ? 10.877  17.975  -1.387  1.00 10.75 ? 63  PRO B C   1 
ATOM   1250 O O   . PRO B 1 63 ? 10.028  18.290  -2.268  1.00 18.39 ? 63  PRO B O   1 
ATOM   1251 C CB  . PRO B 1 63 ? 12.821  19.561  -1.443  1.00 4.93  ? 63  PRO B CB  1 
ATOM   1252 C CG  . PRO B 1 63 ? 13.568  19.944  -2.679  1.00 5.11  ? 63  PRO B CG  1 
ATOM   1253 C CD  . PRO B 1 63 ? 12.941  19.109  -3.804  1.00 7.62  ? 63  PRO B CD  1 
ATOM   1254 N N   . VAL B 1 64 ? 10.498  17.498  -0.220  1.00 9.55  ? 64  VAL B N   1 
ATOM   1255 C CA  . VAL B 1 64 ? 9.045   17.326  0.007   1.00 11.32 ? 64  VAL B CA  1 
ATOM   1256 C C   . VAL B 1 64 ? 8.954   17.464  1.523   1.00 16.28 ? 64  VAL B C   1 
ATOM   1257 O O   . VAL B 1 64 ? 9.959   17.296  2.248   1.00 12.69 ? 64  VAL B O   1 
ATOM   1258 C CB  . VAL B 1 64 ? 8.595   16.028  -0.673  1.00 19.36 ? 64  VAL B CB  1 
ATOM   1259 C CG1 . VAL B 1 64 ? 7.564   15.203  0.099   1.00 23.40 ? 64  VAL B CG1 1 
ATOM   1260 C CG2 . VAL B 1 64 ? 7.981   16.081  -2.076  1.00 8.04  ? 64  VAL B CG2 1 
ATOM   1261 N N   . GLU B 1 65 ? 7.716   17.777  1.922   1.00 17.51 ? 65  GLU B N   1 
ATOM   1262 C CA  . GLU B 1 65 ? 7.418   17.849  3.373   1.00 16.89 ? 65  GLU B CA  1 
ATOM   1263 C C   . GLU B 1 65 ? 6.219   16.990  3.770   1.00 12.66 ? 65  GLU B C   1 
ATOM   1264 O O   . GLU B 1 65 ? 5.046   17.306  3.468   1.00 9.45  ? 65  GLU B O   1 
ATOM   1265 C CB  . GLU B 1 65 ? 7.263   19.311  3.763   1.00 24.37 ? 65  GLU B CB  1 
ATOM   1266 C CG  . GLU B 1 65 ? 6.997   19.657  5.227   1.00 30.75 ? 65  GLU B CG  1 
ATOM   1267 C CD  . GLU B 1 65 ? 7.305   21.109  5.496   1.00 39.91 ? 65  GLU B CD  1 
ATOM   1268 O OE1 . GLU B 1 65 ? 8.551   21.271  5.439   1.00 44.11 ? 65  GLU B OE1 1 
ATOM   1269 O OE2 . GLU B 1 65 ? 6.470   21.970  5.696   1.00 37.32 ? 65  GLU B OE2 1 
ATOM   1270 N N   . ILE B 1 66 ? 6.510   15.883  4.454   1.00 11.61 ? 66  ILE B N   1 
ATOM   1271 C CA  . ILE B 1 66 ? 5.454   14.989  4.956   1.00 13.42 ? 66  ILE B CA  1 
ATOM   1272 C C   . ILE B 1 66 ? 5.075   15.345  6.391   1.00 11.36 ? 66  ILE B C   1 
ATOM   1273 O O   . ILE B 1 66 ? 5.671   14.823  7.338   1.00 15.10 ? 66  ILE B O   1 
ATOM   1274 C CB  . ILE B 1 66 ? 5.731   13.458  4.781   1.00 9.27  ? 66  ILE B CB  1 
ATOM   1275 C CG1 . ILE B 1 66 ? 5.923   13.133  3.279   1.00 2.00  ? 66  ILE B CG1 1 
ATOM   1276 C CG2 . ILE B 1 66 ? 4.591   12.583  5.389   1.00 8.85  ? 66  ILE B CG2 1 
ATOM   1277 C CD1 . ILE B 1 66 ? 7.366   13.480  2.829   1.00 7.34  ? 66  ILE B CD1 1 
HETATM 1278 N N   . ABA B 1 67 ? 4.089   16.175  6.527   1.00 13.30 ? 67  ABA B N   1 
HETATM 1279 C CA  . ABA B 1 67 ? 3.528   16.728  7.740   1.00 17.39 ? 67  ABA B CA  1 
HETATM 1280 C C   . ABA B 1 67 ? 4.515   17.311  8.760   1.00 21.03 ? 67  ABA B C   1 
HETATM 1281 O O   . ABA B 1 67 ? 4.473   16.931  9.952   1.00 22.00 ? 67  ABA B O   1 
HETATM 1282 C CB  . ABA B 1 67 ? 2.551   15.789  8.443   1.00 17.35 ? 67  ABA B CB  1 
HETATM 1283 C CG  . ABA B 1 67 ? 2.787   14.304  8.213   1.00 2.14  ? 67  ABA B CG  1 
ATOM   1284 N N   . GLY B 1 68 ? 5.272   18.315  8.325   1.00 20.94 ? 68  GLY B N   1 
ATOM   1285 C CA  . GLY B 1 68 ? 6.256   19.091  9.052   1.00 19.29 ? 68  GLY B CA  1 
ATOM   1286 C C   . GLY B 1 68 ? 7.573   18.373  9.314   1.00 21.25 ? 68  GLY B C   1 
ATOM   1287 O O   . GLY B 1 68 ? 8.290   18.545  10.318  1.00 19.60 ? 68  GLY B O   1 
ATOM   1288 N N   . HIS B 1 69 ? 7.875   17.480  8.395   1.00 21.09 ? 69  HIS B N   1 
ATOM   1289 C CA  . HIS B 1 69 ? 9.047   16.605  8.396   1.00 19.62 ? 69  HIS B CA  1 
ATOM   1290 C C   . HIS B 1 69 ? 9.597   16.737  6.974   1.00 22.76 ? 69  HIS B C   1 
ATOM   1291 O O   . HIS B 1 69 ? 8.796   16.345  6.100   1.00 26.88 ? 69  HIS B O   1 
ATOM   1292 C CB  . HIS B 1 69 ? 8.755   15.113  8.697   1.00 6.31  ? 69  HIS B CB  1 
ATOM   1293 C CG  . HIS B 1 69 ? 8.357   14.832  10.126  1.00 6.71  ? 69  HIS B CG  1 
ATOM   1294 N ND1 . HIS B 1 69 ? 9.014   14.062  11.094  1.00 2.00  ? 69  HIS B ND1 1 
ATOM   1295 C CD2 . HIS B 1 69 ? 7.203   15.312  10.707  1.00 4.67  ? 69  HIS B CD2 1 
ATOM   1296 C CE1 . HIS B 1 69 ? 8.298   14.134  12.169  1.00 2.00  ? 69  HIS B CE1 1 
ATOM   1297 N NE2 . HIS B 1 69 ? 7.189   14.862  11.987  1.00 2.00  ? 69  HIS B NE2 1 
ATOM   1298 N N   . LYS B 1 70 ? 10.765  17.329  6.760   1.00 21.04 ? 70  LYS B N   1 
ATOM   1299 C CA  . LYS B 1 70 ? 11.307  17.412  5.401   1.00 15.05 ? 70  LYS B CA  1 
ATOM   1300 C C   . LYS B 1 70 ? 11.880  16.028  5.053   1.00 14.48 ? 70  LYS B C   1 
ATOM   1301 O O   . LYS B 1 70 ? 12.272  15.240  5.906   1.00 17.68 ? 70  LYS B O   1 
ATOM   1302 C CB  . LYS B 1 70 ? 12.461  18.343  5.179   1.00 19.55 ? 70  LYS B CB  1 
ATOM   1303 C CG  . LYS B 1 70 ? 12.171  19.722  4.626   1.00 26.69 ? 70  LYS B CG  1 
ATOM   1304 C CD  . LYS B 1 70 ? 12.988  20.746  5.416   1.00 32.24 ? 70  LYS B CD  1 
ATOM   1305 C CE  . LYS B 1 70 ? 12.684  20.647  6.903   1.00 37.76 ? 70  LYS B CE  1 
ATOM   1306 N NZ  . LYS B 1 70 ? 11.239  20.337  7.121   1.00 41.20 ? 70  LYS B NZ  1 
ATOM   1307 N N   . ALA B 1 71 ? 11.943  15.853  3.779   1.00 11.10 ? 71  ALA B N   1 
ATOM   1308 C CA  . ALA B 1 71 ? 12.476  14.694  3.072   1.00 9.54  ? 71  ALA B CA  1 
ATOM   1309 C C   . ALA B 1 71 ? 12.508  15.082  1.560   1.00 7.05  ? 71  ALA B C   1 
ATOM   1310 O O   . ALA B 1 71 ? 11.669  15.854  1.046   1.00 2.34  ? 71  ALA B O   1 
ATOM   1311 C CB  . ALA B 1 71 ? 11.754  13.439  3.472   1.00 11.33 ? 71  ALA B CB  1 
ATOM   1312 N N   . ILE B 1 72 ? 13.527  14.546  0.915   1.00 2.00  ? 72  ILE B N   1 
ATOM   1313 C CA  . ILE B 1 72 ? 13.841  14.813  -0.472  1.00 5.49  ? 72  ILE B CA  1 
ATOM   1314 C C   . ILE B 1 72 ? 14.134  13.515  -1.196  1.00 6.66  ? 72  ILE B C   1 
ATOM   1315 O O   . ILE B 1 72 ? 15.067  12.853  -0.647  1.00 8.44  ? 72  ILE B O   1 
ATOM   1316 C CB  . ILE B 1 72 ? 15.150  15.704  -0.601  1.00 16.05 ? 72  ILE B CB  1 
ATOM   1317 C CG1 . ILE B 1 72 ? 15.411  15.909  -2.125  1.00 22.97 ? 72  ILE B CG1 1 
ATOM   1318 C CG2 . ILE B 1 72 ? 16.383  15.181  0.158   1.00 4.00  ? 72  ILE B CG2 1 
ATOM   1319 C CD1 . ILE B 1 72 ? 16.860  16.388  -2.435  1.00 29.98 ? 72  ILE B CD1 1 
ATOM   1320 N N   . GLY B 1 73 ? 13.427  13.252  -2.294  1.00 2.00  ? 73  GLY B N   1 
ATOM   1321 C CA  . GLY B 1 73 ? 13.807  11.953  -2.906  1.00 2.00  ? 73  GLY B CA  1 
ATOM   1322 C C   . GLY B 1 73 ? 13.355  11.861  -4.328  1.00 2.00  ? 73  GLY B C   1 
ATOM   1323 O O   . GLY B 1 73 ? 13.154  12.913  -4.916  1.00 2.00  ? 73  GLY B O   1 
ATOM   1324 N N   . THR B 1 74 ? 13.220  10.620  -4.764  1.00 5.86  ? 74  THR B N   1 
ATOM   1325 C CA  . THR B 1 74 ? 12.771  10.307  -6.123  1.00 4.20  ? 74  THR B CA  1 
ATOM   1326 C C   . THR B 1 74 ? 11.247  10.380  -5.952  1.00 10.15 ? 74  THR B C   1 
ATOM   1327 O O   . THR B 1 74 ? 10.709  10.050  -4.881  1.00 13.28 ? 74  THR B O   1 
ATOM   1328 C CB  . THR B 1 74 ? 13.203  8.936   -6.711  1.00 6.75  ? 74  THR B CB  1 
ATOM   1329 O OG1 . THR B 1 74 ? 14.551  8.572   -6.278  1.00 6.45  ? 74  THR B OG1 1 
ATOM   1330 C CG2 . THR B 1 74 ? 13.148  8.882   -8.252  1.00 8.22  ? 74  THR B CG2 1 
ATOM   1331 N N   . VAL B 1 75 ? 10.651  10.832  -7.020  1.00 10.13 ? 75  VAL B N   1 
ATOM   1332 C CA  . VAL B 1 75 ? 9.181   11.017  -6.991  1.00 10.03 ? 75  VAL B CA  1 
ATOM   1333 C C   . VAL B 1 75 ? 8.746   10.758  -8.425  1.00 11.32 ? 75  VAL B C   1 
ATOM   1334 O O   . VAL B 1 75 ? 9.424   11.301  -9.304  1.00 11.34 ? 75  VAL B O   1 
ATOM   1335 C CB  . VAL B 1 75 ? 8.962   12.426  -6.415  1.00 13.15 ? 75  VAL B CB  1 
ATOM   1336 C CG1 . VAL B 1 75 ? 7.895   13.195  -7.190  1.00 2.00  ? 75  VAL B CG1 1 
ATOM   1337 C CG2 . VAL B 1 75 ? 8.674   12.446  -4.913  1.00 4.38  ? 75  VAL B CG2 1 
ATOM   1338 N N   . LEU B 1 76 ? 7.723   9.933   -8.603  1.00 14.07 ? 76  LEU B N   1 
ATOM   1339 C CA  . LEU B 1 76 ? 7.181   9.575   -9.907  1.00 9.94  ? 76  LEU B CA  1 
ATOM   1340 C C   . LEU B 1 76 ? 5.864   10.360  -10.104 1.00 10.85 ? 76  LEU B C   1 
ATOM   1341 O O   . LEU B 1 76 ? 5.034   10.273  -9.178  1.00 11.91 ? 76  LEU B O   1 
ATOM   1342 C CB  . LEU B 1 76 ? 6.771   8.108   -10.003 1.00 2.00  ? 76  LEU B CB  1 
ATOM   1343 C CG  . LEU B 1 76 ? 7.609   7.003   -9.508  1.00 2.00  ? 76  LEU B CG  1 
ATOM   1344 C CD1 . LEU B 1 76 ? 7.046   5.604   -9.739  1.00 9.50  ? 76  LEU B CD1 1 
ATOM   1345 C CD2 . LEU B 1 76 ? 9.012   7.089   -10.093 1.00 2.00  ? 76  LEU B CD2 1 
ATOM   1346 N N   . VAL B 1 77 ? 5.773   10.905  -11.297 1.00 7.40  ? 77  VAL B N   1 
ATOM   1347 C CA  . VAL B 1 77 ? 4.535   11.580  -11.682 1.00 7.40  ? 77  VAL B CA  1 
ATOM   1348 C C   . VAL B 1 77 ? 3.853   10.672  -12.734 1.00 8.21  ? 77  VAL B C   1 
ATOM   1349 O O   . VAL B 1 77 ? 4.579   10.015  -13.513 1.00 7.68  ? 77  VAL B O   1 
ATOM   1350 C CB  . VAL B 1 77 ? 4.713   12.974  -12.263 1.00 13.92 ? 77  VAL B CB  1 
ATOM   1351 C CG1 . VAL B 1 77 ? 3.371   13.496  -12.811 1.00 11.45 ? 77  VAL B CG1 1 
ATOM   1352 C CG2 . VAL B 1 77 ? 5.342   13.921  -11.298 1.00 2.00  ? 77  VAL B CG2 1 
ATOM   1353 N N   . GLY B 1 78 ? 2.531   10.677  -12.726 1.00 2.90  ? 78  GLY B N   1 
ATOM   1354 C CA  . GLY B 1 78 ? 1.874   9.775   -13.704 1.00 4.68  ? 78  GLY B CA  1 
ATOM   1355 C C   . GLY B 1 78 ? 0.427   9.666   -13.323 1.00 6.60  ? 78  GLY B C   1 
ATOM   1356 O O   . GLY B 1 78 ? 0.082   10.291  -12.313 1.00 7.71  ? 78  GLY B O   1 
ATOM   1357 N N   . PRO B 1 79 ? -0.287  8.849   -14.076 1.00 10.98 ? 79  PRO B N   1 
ATOM   1358 C CA  . PRO B 1 79 ? -1.734  8.708   -13.944 1.00 11.80 ? 79  PRO B CA  1 
ATOM   1359 C C   . PRO B 1 79 ? -2.297  7.936   -12.777 1.00 12.03 ? 79  PRO B C   1 
ATOM   1360 O O   . PRO B 1 79 ? -3.185  7.084   -13.056 1.00 16.48 ? 79  PRO B O   1 
ATOM   1361 C CB  . PRO B 1 79 ? -2.219  8.108   -15.270 1.00 12.17 ? 79  PRO B CB  1 
ATOM   1362 C CG  . PRO B 1 79 ? -1.014  7.479   -15.902 1.00 13.14 ? 79  PRO B CG  1 
ATOM   1363 C CD  . PRO B 1 79 ? 0.205   8.107   -15.240 1.00 13.32 ? 79  PRO B CD  1 
ATOM   1364 N N   . THR B 1 80 ? -1.930  8.291   -11.566 1.00 7.91  ? 80  THR B N   1 
ATOM   1365 C CA  . THR B 1 80 ? -2.422  7.677   -10.347 1.00 2.64  ? 80  THR B CA  1 
ATOM   1366 C C   . THR B 1 80 ? -3.687  8.350   -9.803  1.00 3.39  ? 80  THR B C   1 
ATOM   1367 O O   . THR B 1 80 ? -3.821  9.594   -9.777  1.00 3.04  ? 80  THR B O   1 
ATOM   1368 C CB  . THR B 1 80 ? -1.345  7.747   -9.146  1.00 2.00  ? 80  THR B CB  1 
ATOM   1369 O OG1 . THR B 1 80 ? -2.113  7.366   -7.968  1.00 2.00  ? 80  THR B OG1 1 
ATOM   1370 C CG2 . THR B 1 80 ? -0.756  9.153   -9.071  1.00 4.77  ? 80  THR B CG2 1 
ATOM   1371 N N   . PRO B 1 81 ? -4.515  7.471   -9.230  1.00 2.00  ? 81  PRO B N   1 
ATOM   1372 C CA  . PRO B 1 81 ? -5.755  7.933   -8.595  1.00 2.97  ? 81  PRO B CA  1 
ATOM   1373 C C   . PRO B 1 81 ? -5.536  8.385   -7.183  1.00 5.81  ? 81  PRO B C   1 
ATOM   1374 O O   . PRO B 1 81 ? -6.588  8.667   -6.575  1.00 12.28 ? 81  PRO B O   1 
ATOM   1375 C CB  . PRO B 1 81 ? -6.702  6.738   -8.577  1.00 4.46  ? 81  PRO B CB  1 
ATOM   1376 C CG  . PRO B 1 81 ? -5.716  5.596   -8.410  1.00 2.00  ? 81  PRO B CG  1 
ATOM   1377 C CD  . PRO B 1 81 ? -4.458  6.016   -9.156  1.00 2.00  ? 81  PRO B CD  1 
ATOM   1378 N N   . VAL B 1 82 ? -4.336  8.364   -6.645  1.00 5.50  ? 82  VAL B N   1 
ATOM   1379 C CA  . VAL B 1 82 ? -4.141  8.852   -5.263  1.00 6.56  ? 82  VAL B CA  1 
ATOM   1380 C C   . VAL B 1 82 ? -2.645  9.178   -5.221  1.00 4.46  ? 82  VAL B C   1 
ATOM   1381 O O   . VAL B 1 82 ? -1.871  8.416   -5.795  1.00 5.73  ? 82  VAL B O   1 
ATOM   1382 C CB  . VAL B 1 82 ? -4.556  8.004   -4.071  1.00 2.00  ? 82  VAL B CB  1 
ATOM   1383 C CG1 . VAL B 1 82 ? -4.701  8.804   -2.746  1.00 2.00  ? 82  VAL B CG1 1 
ATOM   1384 C CG2 . VAL B 1 82 ? -5.828  7.188   -4.238  1.00 10.74 ? 82  VAL B CG2 1 
ATOM   1385 N N   . ASN B 1 83 ? -2.367  10.336  -4.658  1.00 4.25  ? 83  ASN B N   1 
ATOM   1386 C CA  . ASN B 1 83 ? -0.915  10.613  -4.557  1.00 3.60  ? 83  ASN B CA  1 
ATOM   1387 C C   . ASN B 1 83 ? -0.603  9.556   -3.467  1.00 5.95  ? 83  ASN B C   1 
ATOM   1388 O O   . ASN B 1 83 ? -1.453  9.409   -2.566  1.00 4.66  ? 83  ASN B O   1 
ATOM   1389 C CB  . ASN B 1 83 ? -0.608  12.000  -4.101  1.00 12.96 ? 83  ASN B CB  1 
ATOM   1390 C CG  . ASN B 1 83 ? -1.309  13.059  -4.921  1.00 11.76 ? 83  ASN B CG  1 
ATOM   1391 O OD1 . ASN B 1 83 ? -1.641  12.751  -6.072  1.00 27.72 ? 83  ASN B OD1 1 
ATOM   1392 N ND2 . ASN B 1 83 ? -1.420  14.236  -4.346  1.00 2.00  ? 83  ASN B ND2 1 
ATOM   1393 N N   . ILE B 1 84 ? 0.555   8.973   -3.608  1.00 2.00  ? 84  ILE B N   1 
ATOM   1394 C CA  . ILE B 1 84 ? 0.993   7.921   -2.714  1.00 2.00  ? 84  ILE B CA  1 
ATOM   1395 C C   . ILE B 1 84 ? 2.434   8.263   -2.357  1.00 2.00  ? 84  ILE B C   1 
ATOM   1396 O O   . ILE B 1 84 ? 3.155   8.444   -3.336  1.00 2.00  ? 84  ILE B O   1 
ATOM   1397 C CB  . ILE B 1 84 ? 0.936   6.677   -3.669  1.00 2.00  ? 84  ILE B CB  1 
ATOM   1398 C CG1 . ILE B 1 84 ? -0.514  6.303   -4.026  1.00 2.00  ? 84  ILE B CG1 1 
ATOM   1399 C CG2 . ILE B 1 84 ? 1.713   5.412   -3.240  1.00 9.06  ? 84  ILE B CG2 1 
ATOM   1400 C CD1 . ILE B 1 84 ? -0.373  5.259   -5.225  1.00 2.00  ? 84  ILE B CD1 1 
ATOM   1401 N N   . ILE B 1 85 ? 2.747   8.201   -1.103  1.00 2.34  ? 85  ILE B N   1 
ATOM   1402 C CA  . ILE B 1 85 ? 4.029   8.311   -0.410  1.00 2.00  ? 85  ILE B CA  1 
ATOM   1403 C C   . ILE B 1 85 ? 4.440   6.851   -0.092  1.00 2.00  ? 85  ILE B C   1 
ATOM   1404 O O   . ILE B 1 85 ? 3.839   6.146   0.726   1.00 2.00  ? 85  ILE B O   1 
ATOM   1405 C CB  . ILE B 1 85 ? 3.921   9.184   0.882   1.00 3.01  ? 85  ILE B CB  1 
ATOM   1406 C CG1 . ILE B 1 85 ? 3.054   10.414  0.492   1.00 2.00  ? 85  ILE B CG1 1 
ATOM   1407 C CG2 . ILE B 1 85 ? 5.203   9.700   1.589   1.00 2.00  ? 85  ILE B CG2 1 
ATOM   1408 C CD1 . ILE B 1 85 ? 3.787   11.499  -0.359  1.00 2.00  ? 85  ILE B CD1 1 
ATOM   1409 N N   . GLY B 1 86 ? 5.296   6.330   -0.905  1.00 2.00  ? 86  GLY B N   1 
ATOM   1410 C CA  . GLY B 1 86 ? 5.963   5.070   -0.881  1.00 2.00  ? 86  GLY B CA  1 
ATOM   1411 C C   . GLY B 1 86 ? 7.082   5.206   0.199   1.00 2.00  ? 86  GLY B C   1 
ATOM   1412 O O   . GLY B 1 86 ? 7.330   6.307   0.644   1.00 2.00  ? 86  GLY B O   1 
ATOM   1413 N N   . ARG B 1 87 ? 7.620   4.045   0.468   1.00 2.00  ? 87  ARG B N   1 
ATOM   1414 C CA  . ARG B 1 87 ? 8.627   3.776   1.457   1.00 2.00  ? 87  ARG B CA  1 
ATOM   1415 C C   . ARG B 1 87 ? 9.894   4.549   1.260   1.00 2.00  ? 87  ARG B C   1 
ATOM   1416 O O   . ARG B 1 87 ? 10.607  4.707   2.238   1.00 4.46  ? 87  ARG B O   1 
ATOM   1417 C CB  . ARG B 1 87 ? 9.066   2.314   1.327   1.00 2.00  ? 87  ARG B CB  1 
ATOM   1418 C CG  . ARG B 1 87 ? 7.924   1.414   1.707   1.00 5.98  ? 87  ARG B CG  1 
ATOM   1419 C CD  . ARG B 1 87 ? 8.450   0.055   2.015   1.00 11.70 ? 87  ARG B CD  1 
ATOM   1420 N NE  . ARG B 1 87 ? 8.888   -0.589  0.779   1.00 15.15 ? 87  ARG B NE  1 
ATOM   1421 C CZ  . ARG B 1 87 ? 10.194  -0.623  0.472   1.00 20.65 ? 87  ARG B CZ  1 
ATOM   1422 N NH1 . ARG B 1 87 ? 11.076  0.032   1.236   1.00 28.10 ? 87  ARG B NH1 1 
ATOM   1423 N NH2 . ARG B 1 87 ? 10.640  -1.421  -0.505  1.00 15.02 ? 87  ARG B NH2 1 
ATOM   1424 N N   . ASN B 1 88 ? 10.168  4.910   0.011   1.00 5.56  ? 88  ASN B N   1 
ATOM   1425 C CA  . ASN B 1 88 ? 11.468  5.606   -0.247  1.00 4.96  ? 88  ASN B CA  1 
ATOM   1426 C C   . ASN B 1 88 ? 11.622  6.773   0.720   1.00 6.07  ? 88  ASN B C   1 
ATOM   1427 O O   . ASN B 1 88 ? 12.607  6.960   1.463   1.00 5.28  ? 88  ASN B O   1 
ATOM   1428 C CB  . ASN B 1 88 ? 11.601  5.886   -1.729  1.00 2.00  ? 88  ASN B CB  1 
ATOM   1429 C CG  . ASN B 1 88 ? 10.580  6.844   -2.271  1.00 2.00  ? 88  ASN B CG  1 
ATOM   1430 O OD1 . ASN B 1 88 ? 9.530   6.962   -1.631  1.00 5.31  ? 88  ASN B OD1 1 
ATOM   1431 N ND2 . ASN B 1 88 ? 10.915  7.567   -3.330  1.00 2.22  ? 88  ASN B ND2 1 
ATOM   1432 N N   . LEU B 1 89 ? 10.618  7.628   0.662   1.00 7.26  ? 89  LEU B N   1 
ATOM   1433 C CA  . LEU B 1 89 ? 10.546  8.814   1.528   1.00 7.41  ? 89  LEU B CA  1 
ATOM   1434 C C   . LEU B 1 89 ? 10.002  8.384   2.895   1.00 7.21  ? 89  LEU B C   1 
ATOM   1435 O O   . LEU B 1 89 ? 10.294  9.018   3.897   1.00 5.18  ? 89  LEU B O   1 
ATOM   1436 C CB  . LEU B 1 89 ? 9.646   9.859   0.878   1.00 14.09 ? 89  LEU B CB  1 
ATOM   1437 C CG  . LEU B 1 89 ? 9.920   10.532  -0.437  1.00 12.91 ? 89  LEU B CG  1 
ATOM   1438 C CD1 . LEU B 1 89 ? 8.957   11.716  -0.621  1.00 15.14 ? 89  LEU B CD1 1 
ATOM   1439 C CD2 . LEU B 1 89 ? 11.356  11.029  -0.477  1.00 7.63  ? 89  LEU B CD2 1 
ATOM   1440 N N   . LEU B 1 90 ? 9.173   7.330   2.846   1.00 10.04 ? 90  LEU B N   1 
ATOM   1441 C CA  . LEU B 1 90 ? 8.578   6.863   4.111   1.00 12.16 ? 90  LEU B CA  1 
ATOM   1442 C C   . LEU B 1 90 ? 9.658   6.639   5.166   1.00 10.68 ? 90  LEU B C   1 
ATOM   1443 O O   . LEU B 1 90 ? 9.456   6.916   6.345   1.00 10.90 ? 90  LEU B O   1 
ATOM   1444 C CB  . LEU B 1 90 ? 7.642   5.683   3.826   1.00 14.64 ? 90  LEU B CB  1 
ATOM   1445 C CG  . LEU B 1 90 ? 6.224   6.073   3.442   1.00 7.36  ? 90  LEU B CG  1 
ATOM   1446 C CD1 . LEU B 1 90 ? 5.386   4.897   2.949   1.00 3.51  ? 90  LEU B CD1 1 
ATOM   1447 C CD2 . LEU B 1 90 ? 5.634   6.724   4.680   1.00 2.00  ? 90  LEU B CD2 1 
ATOM   1448 N N   . THR B 1 91 ? 10.757  6.095   4.709   1.00 8.44  ? 91  THR B N   1 
ATOM   1449 C CA  . THR B 1 91 ? 11.912  5.725   5.535   1.00 3.22  ? 91  THR B CA  1 
ATOM   1450 C C   . THR B 1 91 ? 12.644  6.962   5.989   1.00 9.25  ? 91  THR B C   1 
ATOM   1451 O O   . THR B 1 91 ? 13.589  6.832   6.812   1.00 14.93 ? 91  THR B O   1 
ATOM   1452 C CB  . THR B 1 91 ? 12.788  4.843   4.602   1.00 2.00  ? 91  THR B CB  1 
ATOM   1453 O OG1 . THR B 1 91 ? 11.762  4.146   3.752   1.00 5.45  ? 91  THR B OG1 1 
ATOM   1454 C CG2 . THR B 1 91 ? 13.468  3.635   5.177   1.00 2.00  ? 91  THR B CG2 1 
ATOM   1455 N N   . GLN B 1 92 ? 12.287  8.143   5.457   1.00 2.00  ? 92  GLN B N   1 
ATOM   1456 C CA  . GLN B 1 92 ? 13.070  9.315   5.912   1.00 2.00  ? 92  GLN B CA  1 
ATOM   1457 C C   . GLN B 1 92 ? 12.538  10.107  7.067   1.00 2.00  ? 92  GLN B C   1 
ATOM   1458 O O   . GLN B 1 92 ? 13.345  10.908  7.620   1.00 3.27  ? 92  GLN B O   1 
ATOM   1459 C CB  . GLN B 1 92 ? 13.252  10.268  4.726   1.00 9.30  ? 92  GLN B CB  1 
ATOM   1460 C CG  . GLN B 1 92 ? 14.153  9.613   3.684   1.00 9.24  ? 92  GLN B CG  1 
ATOM   1461 C CD  . GLN B 1 92 ? 14.508  10.633  2.603   1.00 17.32 ? 92  GLN B CD  1 
ATOM   1462 O OE1 . GLN B 1 92 ? 13.928  11.717  2.476   1.00 18.99 ? 92  GLN B OE1 1 
ATOM   1463 N NE2 . GLN B 1 92 ? 15.529  10.151  1.875   1.00 2.00  ? 92  GLN B NE2 1 
ATOM   1464 N N   . ILE B 1 93 ? 11.330  9.939   7.501   1.00 2.00  ? 93  ILE B N   1 
ATOM   1465 C CA  . ILE B 1 93 ? 10.610  10.643  8.547   1.00 2.00  ? 93  ILE B CA  1 
ATOM   1466 C C   . ILE B 1 93 ? 10.411  9.803   9.788   1.00 2.00  ? 93  ILE B C   1 
ATOM   1467 O O   . ILE B 1 93 ? 9.896   10.311  10.813  1.00 2.00  ? 93  ILE B O   1 
ATOM   1468 C CB  . ILE B 1 93 ? 9.247   11.153  7.920   1.00 2.81  ? 93  ILE B CB  1 
ATOM   1469 C CG1 . ILE B 1 93 ? 8.337   9.966   7.500   1.00 10.61 ? 93  ILE B CG1 1 
ATOM   1470 C CG2 . ILE B 1 93 ? 9.506   12.100  6.720   1.00 5.18  ? 93  ILE B CG2 1 
ATOM   1471 C CD1 . ILE B 1 93 ? 6.809   10.188  7.323   1.00 7.21  ? 93  ILE B CD1 1 
ATOM   1472 N N   . GLY B 1 94 ? 10.976  8.605   9.720   1.00 2.00  ? 94  GLY B N   1 
ATOM   1473 C CA  . GLY B 1 94 ? 10.967  7.676   10.812  1.00 2.98  ? 94  GLY B CA  1 
ATOM   1474 C C   . GLY B 1 94 ? 9.709   6.843   10.911  1.00 4.43  ? 94  GLY B C   1 
ATOM   1475 O O   . GLY B 1 94 ? 9.457   6.379   12.060  1.00 12.15 ? 94  GLY B O   1 
HETATM 1476 N N   . ABA B 1 95 ? 8.975   6.586   9.827   1.00 3.99  ? 95  ABA B N   1 
HETATM 1477 C CA  . ABA B 1 95 ? 7.777   5.729   9.987   1.00 2.00  ? 95  ABA B CA  1 
HETATM 1478 C C   . ABA B 1 95 ? 8.116   4.264   10.297  1.00 2.00  ? 95  ABA B C   1 
HETATM 1479 O O   . ABA B 1 95 ? 8.964   3.516   9.847   1.00 2.00  ? 95  ABA B O   1 
HETATM 1480 C CB  . ABA B 1 95 ? 6.891   5.761   8.771   1.00 10.70 ? 95  ABA B CB  1 
HETATM 1481 C CG  . ABA B 1 95 ? 5.375   5.645   8.974   1.00 2.00  ? 95  ABA B CG  1 
ATOM   1482 N N   . THR B 1 96 ? 7.348   3.738   11.244  1.00 2.00  ? 96  THR B N   1 
ATOM   1483 C CA  . THR B 1 96 ? 7.253   2.346   11.616  1.00 2.00  ? 96  THR B CA  1 
ATOM   1484 C C   . THR B 1 96 ? 5.729   2.011   11.587  1.00 2.00  ? 96  THR B C   1 
ATOM   1485 O O   . THR B 1 96 ? 4.918   2.924   11.634  1.00 2.00  ? 96  THR B O   1 
ATOM   1486 C CB  . THR B 1 96 ? 7.957   1.950   12.972  1.00 2.00  ? 96  THR B CB  1 
ATOM   1487 O OG1 . THR B 1 96 ? 7.366   2.759   14.000  1.00 2.00  ? 96  THR B OG1 1 
ATOM   1488 C CG2 . THR B 1 96 ? 9.468   2.033   12.854  1.00 2.00  ? 96  THR B CG2 1 
ATOM   1489 N N   . LEU B 1 97 ? 5.492   0.735   11.563  1.00 2.00  ? 97  LEU B N   1 
ATOM   1490 C CA  . LEU B 1 97 ? 4.199   0.051   11.717  1.00 2.76  ? 97  LEU B CA  1 
ATOM   1491 C C   . LEU B 1 97 ? 4.235   -0.613  13.114  1.00 2.00  ? 97  LEU B C   1 
ATOM   1492 O O   . LEU B 1 97 ? 5.282   -1.296  13.364  1.00 2.00  ? 97  LEU B O   1 
ATOM   1493 C CB  . LEU B 1 97 ? 4.020   -1.009  10.593  1.00 7.78  ? 97  LEU B CB  1 
ATOM   1494 C CG  . LEU B 1 97 ? 3.767   -0.477  9.189   1.00 9.06  ? 97  LEU B CG  1 
ATOM   1495 C CD1 . LEU B 1 97 ? 3.480   -1.561  8.156   1.00 4.90  ? 97  LEU B CD1 1 
ATOM   1496 C CD2 . LEU B 1 97 ? 2.534   0.435   9.223   1.00 5.54  ? 97  LEU B CD2 1 
ATOM   1497 N N   . ASN B 1 98 ? 3.288   -0.526  14.003  1.00 2.00  ? 98  ASN B N   1 
ATOM   1498 C CA  . ASN B 1 98 ? 3.458   -1.288  15.247  1.00 2.00  ? 98  ASN B CA  1 
ATOM   1499 C C   . ASN B 1 98 ? 2.160   -2.055  15.534  1.00 2.00  ? 98  ASN B C   1 
ATOM   1500 O O   . ASN B 1 98 ? 1.105   -1.475  15.293  1.00 2.00  ? 98  ASN B O   1 
ATOM   1501 C CB  . ASN B 1 98 ? 3.802   -0.506  16.517  1.00 2.00  ? 98  ASN B CB  1 
ATOM   1502 C CG  . ASN B 1 98 ? 4.939   0.446   16.310  1.00 7.17  ? 98  ASN B CG  1 
ATOM   1503 O OD1 . ASN B 1 98 ? 4.996   1.071   15.253  1.00 2.00  ? 98  ASN B OD1 1 
ATOM   1504 N ND2 . ASN B 1 98 ? 5.804   0.489   17.324  1.00 14.16 ? 98  ASN B ND2 1 
ATOM   1505 N N   . PHE B 1 99 ? 2.454   -3.233  16.096  1.00 2.00  ? 99  PHE B N   1 
ATOM   1506 C CA  . PHE B 1 99 ? 1.286   -4.024  16.567  1.00 2.68  ? 99  PHE B CA  1 
ATOM   1507 C C   . PHE B 1 99 ? 1.684   -4.875  17.781  1.00 6.92  ? 99  PHE B C   1 
ATOM   1508 O O   . PHE B 1 99 ? 0.736   -5.018  18.602  1.00 14.80 ? 99  PHE B O   1 
ATOM   1509 C CB  . PHE B 1 99 ? 0.478   -4.745  15.563  1.00 2.00  ? 99  PHE B CB  1 
ATOM   1510 C CG  . PHE B 1 99 ? 1.087   -5.765  14.716  1.00 2.45  ? 99  PHE B CG  1 
ATOM   1511 C CD1 . PHE B 1 99 ? 1.638   -5.367  13.484  1.00 2.00  ? 99  PHE B CD1 1 
ATOM   1512 C CD2 . PHE B 1 99 ? 1.096   -7.102  15.095  1.00 3.88  ? 99  PHE B CD2 1 
ATOM   1513 C CE1 . PHE B 1 99 ? 2.177   -6.276  12.586  1.00 2.00  ? 99  PHE B CE1 1 
ATOM   1514 C CE2 . PHE B 1 99 ? 1.615   -8.052  14.196  1.00 7.55  ? 99  PHE B CE2 1 
ATOM   1515 C CZ  . PHE B 1 99 ? 2.147   -7.617  12.978  1.00 2.00  ? 99  PHE B CZ  1 
ATOM   1516 O OXT . PHE B 1 99 ? 2.823   -5.335  17.899  1.00 2.00  ? 99  PHE B OXT 1 
ATOM   1517 N N   . VAL C 2 1  ? -15.144 -0.932  -6.441  1.00 33.69 ? 1   VAL I N   1 
ATOM   1518 C CA  . VAL C 2 1  ? -15.163 0.360   -5.693  1.00 33.44 ? 1   VAL I CA  1 
ATOM   1519 C C   . VAL C 2 1  ? -14.227 0.291   -4.475  1.00 28.16 ? 1   VAL I C   1 
ATOM   1520 O O   . VAL C 2 1  ? -14.141 1.202   -3.630  1.00 27.53 ? 1   VAL I O   1 
ATOM   1521 C CB  . VAL C 2 1  ? -16.609 0.868   -5.525  1.00 41.97 ? 1   VAL I CB  1 
ATOM   1522 C CG1 . VAL C 2 1  ? -17.392 0.308   -4.337  1.00 45.29 ? 1   VAL I CG1 1 
ATOM   1523 C CG2 . VAL C 2 1  ? -16.742 2.385   -5.565  1.00 41.45 ? 1   VAL I CG2 1 
ATOM   1524 N N   . SER C 2 2  ? -13.425 -0.752  -4.429  1.00 22.94 ? 2   SER I N   1 
ATOM   1525 C CA  . SER C 2 2  ? -12.387 -0.951  -3.412  1.00 18.94 ? 2   SER I CA  1 
ATOM   1526 C C   . SER C 2 2  ? -11.011 -0.689  -4.060  1.00 18.27 ? 2   SER I C   1 
ATOM   1527 O O   . SER C 2 2  ? -10.802 -1.368  -5.098  1.00 18.68 ? 2   SER I O   1 
ATOM   1528 C CB  . SER C 2 2  ? -12.538 -2.385  -2.910  1.00 4.46  ? 2   SER I CB  1 
ATOM   1529 O OG  . SER C 2 2  ? -11.235 -2.972  -2.838  1.00 10.63 ? 2   SER I OG  1 
ATOM   1530 N N   . GLN C 2 3  ? -10.115 0.179   -3.580  1.00 12.32 ? 3   GLN I N   1 
ATOM   1531 C CA  . GLN C 2 3  ? -8.788  0.374   -4.199  1.00 11.88 ? 3   GLN I CA  1 
ATOM   1532 C C   . GLN C 2 3  ? -7.627  -0.210  -3.359  1.00 7.48  ? 3   GLN I C   1 
ATOM   1533 O O   . GLN C 2 3  ? -7.722  -0.181  -2.145  1.00 4.65  ? 3   GLN I O   1 
ATOM   1534 C CB  . GLN C 2 3  ? -8.449  1.830   -4.542  1.00 10.50 ? 3   GLN I CB  1 
ATOM   1535 C CG  . GLN C 2 3  ? -8.216  2.633   -3.311  1.00 18.97 ? 3   GLN I CG  1 
ATOM   1536 C CD  . GLN C 2 3  ? -7.330  3.846   -3.311  1.00 28.03 ? 3   GLN I CD  1 
ATOM   1537 O OE1 . GLN C 2 3  ? -7.279  4.504   -2.250  1.00 22.68 ? 3   GLN I OE1 1 
ATOM   1538 N NE2 . GLN C 2 3  ? -6.637  4.114   -4.425  1.00 26.36 ? 3   GLN I NE2 1 
ATOM   1539 N N   . ASN C 2 4  ? -6.584  -0.681  -4.024  1.00 6.40  ? 4   ASN I N   1 
ATOM   1540 C CA  . ASN C 2 4  ? -5.380  -1.328  -3.542  1.00 5.82  ? 4   ASN I CA  1 
ATOM   1541 C C   . ASN C 2 4  ? -4.026  -0.972  -4.145  1.00 3.93  ? 4   ASN I C   1 
ATOM   1542 O O   . ASN C 2 4  ? -3.559  -1.569  -5.129  1.00 3.17  ? 4   ASN I O   1 
ATOM   1543 C CB  . ASN C 2 4  ? -5.457  -2.870  -3.767  1.00 2.00  ? 4   ASN I CB  1 
ATOM   1544 C CG  . ASN C 2 4  ? -6.669  -3.291  -2.960  1.00 17.75 ? 4   ASN I CG  1 
ATOM   1545 O OD1 . ASN C 2 4  ? -7.727  -3.506  -3.536  1.00 2.00  ? 4   ASN I OD1 1 
ATOM   1546 N ND2 . ASN C 2 4  ? -6.401  -3.244  -1.647  1.00 23.43 ? 4   ASN I ND2 1 
HETATM 1547 C CD1 . LOV C 2 5  ? -4.376  2.220   -4.646  1.00 2.00  ? 5   LOV I CD1 1 
HETATM 1548 C CD2 . LOV C 2 5  ? -3.089  4.128   -4.047  1.00 11.48 ? 5   LOV I CD2 1 
HETATM 1549 C C1G . LOV C 2 5  ? -2.940  2.685   -4.532  1.00 3.76  ? 5   LOV I C1G 1 
HETATM 1550 C C1B . LOV C 2 5  ? -2.112  1.900   -3.499  1.00 4.12  ? 5   LOV I C1B 1 
HETATM 1551 C CA  . LOV C 2 5  ? -1.995  0.397   -3.772  1.00 2.00  ? 5   LOV I CA  1 
HETATM 1552 C CS  . LOV C 2 5  ? -0.828  -0.346  -3.172  1.00 2.00  ? 5   LOV I CS  1 
HETATM 1553 N N   . LOV C 2 5  ? -3.326  -0.140  -3.403  1.00 6.07  ? 5   LOV I N   1 
HETATM 1554 O OS  . LOV C 2 5  ? -0.632  -0.142  -1.794  1.00 2.00  ? 5   LOV I OS  1 
HETATM 1555 C CT  . LOV C 2 5  ? -0.661  -1.788  -3.573  1.00 2.00  ? 5   LOV I CT  1 
HETATM 1556 C C1  . LOV C 2 5  ? 0.783   -2.140  -3.961  1.00 5.81  ? 5   LOV I C1  1 
HETATM 1557 C CB  . LOV C 2 5  ? 0.817   -3.664  -4.263  1.00 5.21  ? 5   LOV I CB  1 
HETATM 1558 C CG1 . LOV C 2 5  ? 1.791   -4.095  -5.363  1.00 4.64  ? 5   LOV I CG1 1 
HETATM 1559 C CG2 . LOV C 2 5  ? 1.182   -4.479  -3.040  1.00 12.50 ? 5   LOV I CG2 1 
HETATM 1560 C C   . LOV C 2 5  ? 1.373   -1.277  -5.081  1.00 7.18  ? 5   LOV I C   1 
HETATM 1561 O O   . LOV C 2 5  ? 0.683   -0.788  -6.016  1.00 10.72 ? 5   LOV I O   1 
ATOM   1562 N N   . ILE C 2 6  ? 2.668   -1.083  -5.044  1.00 3.60  ? 7   ILE I N   1 
ATOM   1563 C CA  . ILE C 2 6  ? 3.391   -0.410  -6.127  1.00 6.98  ? 7   ILE I CA  1 
ATOM   1564 C C   . ILE C 2 6  ? 4.673   -1.249  -6.266  1.00 7.58  ? 7   ILE I C   1 
ATOM   1565 O O   . ILE C 2 6  ? 5.322   -1.448  -5.227  1.00 10.06 ? 7   ILE I O   1 
ATOM   1566 C CB  . ILE C 2 6  ? 3.646   1.113   -6.085  1.00 3.23  ? 7   ILE I CB  1 
ATOM   1567 C CG1 . ILE C 2 6  ? 3.934   1.709   -7.497  1.00 2.00  ? 7   ILE I CG1 1 
ATOM   1568 C CG2 . ILE C 2 6  ? 4.994   1.499   -5.368  1.00 2.11  ? 7   ILE I CG2 1 
ATOM   1569 C CD1 . ILE C 2 6  ? 3.648   0.756   -8.686  1.00 17.88 ? 7   ILE I CD1 1 
ATOM   1570 N N   . VAL C 2 7  ? 4.981   -1.777  -7.427  1.00 8.36  ? 8   VAL I N   1 
ATOM   1571 C CA  . VAL C 2 7  ? 6.275   -2.520  -7.482  1.00 14.10 ? 8   VAL I CA  1 
ATOM   1572 C C   . VAL C 2 7  ? 7.069   -1.908  -8.649  1.00 17.57 ? 8   VAL I C   1 
ATOM   1573 O O   . VAL C 2 7  ? 6.435   -1.385  -9.601  1.00 18.47 ? 8   VAL I O   1 
ATOM   1574 C CB  . VAL C 2 7  ? 6.097   -4.026  -7.379  1.00 21.86 ? 8   VAL I CB  1 
ATOM   1575 C CG1 . VAL C 2 7  ? 5.788   -4.509  -5.947  1.00 19.23 ? 8   VAL I CG1 1 
ATOM   1576 C CG2 . VAL C 2 7  ? 5.127   -4.685  -8.352  1.00 22.28 ? 8   VAL I CG2 1 
ATOM   1577 O OXT . VAL C 2 7  ? 8.310   -2.065  -8.586  1.00 10.36 ? 8   VAL I OXT 1 
HETATM 1578 O O   . HOH D 3 .  ? -5.936  2.896   2.623   1.00 40.55 ? 100 HOH A O   1 
HETATM 1579 O O   . HOH D 3 .  ? -0.897  -13.693 -8.735  1.00 2.62  ? 101 HOH A O   1 
HETATM 1580 O O   . HOH D 3 .  ? 13.903  -9.805  0.355   1.00 30.76 ? 102 HOH A O   1 
HETATM 1581 O O   . HOH D 3 .  ? -3.174  -16.059 -9.742  1.00 9.96  ? 103 HOH A O   1 
HETATM 1582 O O   . HOH D 3 .  ? -9.813  -10.870 -13.354 1.00 22.74 ? 104 HOH A O   1 
HETATM 1583 O O   . HOH D 3 .  ? 7.053   6.344   16.244  1.00 20.98 ? 105 HOH A O   1 
HETATM 1584 O O   . HOH D 3 .  ? 12.614  -4.811  -0.710  1.00 3.47  ? 106 HOH A O   1 
HETATM 1585 O O   . HOH D 3 .  ? -7.136  -20.213 14.509  1.00 25.75 ? 107 HOH A O   1 
HETATM 1586 O O   . HOH D 3 .  ? 1.393   -16.320 11.966  1.00 13.33 ? 108 HOH A O   1 
HETATM 1587 O O   . HOH D 3 .  ? -5.825  -19.143 12.712  1.00 8.42  ? 109 HOH A O   1 
HETATM 1588 O O   . HOH D 3 .  ? -12.211 -2.835  9.829   1.00 23.80 ? 110 HOH A O   1 
HETATM 1589 O O   . HOH D 3 .  ? 3.676   -15.203 -0.906  1.00 31.21 ? 111 HOH A O   1 
HETATM 1590 O O   . HOH D 3 .  ? -10.859 -8.397  2.072   1.00 2.67  ? 112 HOH A O   1 
HETATM 1591 O O   . HOH D 3 .  ? -13.018 -7.821  7.208   1.00 2.00  ? 113 HOH A O   1 
HETATM 1592 O O   . HOH D 3 .  ? -6.956  -26.359 9.106   1.00 32.65 ? 114 HOH A O   1 
HETATM 1593 O O   . HOH D 3 .  ? -6.367  2.686   -0.386  1.00 11.19 ? 115 HOH A O   1 
HETATM 1594 O O   . HOH D 3 .  ? -4.389  -12.625 19.260  1.00 15.53 ? 116 HOH A O   1 
HETATM 1595 O O   . HOH D 3 .  ? -7.523  -4.035  -16.646 1.00 27.88 ? 117 HOH A O   1 
HETATM 1596 O O   . HOH D 3 .  ? -6.538  -23.414 12.592  1.00 21.59 ? 118 HOH A O   1 
HETATM 1597 O O   . HOH D 3 .  ? -17.700 -16.981 2.435   1.00 8.51  ? 119 HOH A O   1 
HETATM 1598 O O   . HOH D 3 .  ? 0.161   -17.525 -9.654  1.00 16.07 ? 120 HOH A O   1 
HETATM 1599 O O   . HOH D 3 .  ? 4.833   -17.700 -1.232  1.00 17.34 ? 121 HOH A O   1 
HETATM 1600 O O   . HOH D 3 .  ? -19.097 -6.244  -9.255  1.00 38.28 ? 122 HOH A O   1 
HETATM 1601 O O   . HOH D 3 .  ? 7.155   -8.517  19.686  1.00 17.03 ? 123 HOH A O   1 
HETATM 1602 O O   . HOH D 3 .  ? -17.952 -14.266 -1.411  1.00 2.00  ? 124 HOH A O   1 
HETATM 1603 O O   . HOH D 3 .  ? -7.952  -4.286  17.674  1.00 2.00  ? 125 HOH A O   1 
HETATM 1604 O O   . HOH D 3 .  ? -18.967 -18.246 -6.670  1.00 2.00  ? 126 HOH A O   1 
HETATM 1605 O O   . HOH D 3 .  ? 4.219   -10.006 19.801  1.00 6.93  ? 127 HOH A O   1 
HETATM 1606 O O   . HOH D 3 .  ? -7.236  -22.424 10.321  1.00 8.95  ? 128 HOH A O   1 
HETATM 1607 O O   . HOH D 3 .  ? 18.563  -7.793  5.369   1.00 12.16 ? 129 HOH A O   1 
HETATM 1608 O O   . HOH D 3 .  ? 15.148  -4.400  -0.740  1.00 16.97 ? 130 HOH A O   1 
HETATM 1609 O O   . HOH D 3 .  ? 13.268  -7.410  -2.036  1.00 17.91 ? 131 HOH A O   1 
HETATM 1610 O O   . HOH D 3 .  ? -14.619 -6.504  5.770   1.00 20.82 ? 132 HOH A O   1 
HETATM 1611 O O   . HOH D 3 .  ? 12.934  -4.288  -4.038  1.00 22.95 ? 133 HOH A O   1 
HETATM 1612 O O   . HOH D 3 .  ? -17.329 -4.715  -7.164  1.00 24.40 ? 134 HOH A O   1 
HETATM 1613 O O   . HOH D 3 .  ? -19.918 -17.200 6.729   1.00 25.85 ? 135 HOH A O   1 
HETATM 1614 O O   . HOH D 3 .  ? -6.091  -25.060 14.343  1.00 29.77 ? 136 HOH A O   1 
HETATM 1615 O O   . HOH D 3 .  ? -11.064 -1.382  3.914   1.00 34.04 ? 137 HOH A O   1 
HETATM 1616 O O   . HOH D 3 .  ? -17.265 -18.989 6.745   1.00 38.80 ? 138 HOH A O   1 
HETATM 1617 O O   . HOH D 3 .  ? 11.608  -7.417  0.726   1.00 42.83 ? 139 HOH A O   1 
HETATM 1618 O O   . HOH D 3 .  ? -8.478  -25.044 11.704  1.00 47.20 ? 140 HOH A O   1 
HETATM 1619 O O   . HOH D 3 .  ? 15.788  -9.894  5.689   1.00 56.14 ? 141 HOH A O   1 
HETATM 1620 O O   . HOH D 3 .  ? 16.978  0.879   1.637   1.00 59.48 ? 142 HOH A O   1 
HETATM 1621 O O   . HOH E 3 .  ? 12.397  3.858   8.998   1.00 39.80 ? 100 HOH B O   1 
HETATM 1622 O O   . HOH E 3 .  ? 9.720   9.424   17.078  1.00 26.47 ? 101 HOH B O   1 
HETATM 1623 O O   . HOH E 3 .  ? 6.149   -2.418  -1.180  1.00 2.00  ? 102 HOH B O   1 
HETATM 1624 O O   . HOH E 3 .  ? 10.415  6.107   -6.037  1.00 20.52 ? 103 HOH B O   1 
HETATM 1625 O O   . HOH E 3 .  ? 10.723  8.033   14.088  1.00 7.75  ? 104 HOH B O   1 
HETATM 1626 O O   . HOH E 3 .  ? 16.554  13.078  -13.231 1.00 3.45  ? 105 HOH B O   1 
HETATM 1627 O O   . HOH E 3 .  ? -11.812 4.868   3.746   1.00 28.72 ? 106 HOH B O   1 
HETATM 1628 O O   . HOH E 3 .  ? -3.488  16.568  -12.868 1.00 18.11 ? 107 HOH B O   1 
HETATM 1629 O O   . HOH E 3 .  ? 11.722  0.670   -6.225  1.00 47.47 ? 108 HOH B O   1 
HETATM 1630 O O   . HOH E 3 .  ? 12.483  2.486   -2.146  1.00 45.69 ? 109 HOH B O   1 
HETATM 1631 O O   . HOH E 3 .  ? 3.550   10.410  -16.232 1.00 36.85 ? 110 HOH B O   1 
HETATM 1632 O O   . HOH E 3 .  ? 13.802  4.066   -17.823 1.00 8.89  ? 111 HOH B O   1 
HETATM 1633 O O   . HOH E 3 .  ? 7.176   9.944   19.608  1.00 30.26 ? 112 HOH B O   1 
HETATM 1634 O O   . HOH E 3 .  ? -2.326  0.265   -17.398 1.00 12.53 ? 113 HOH B O   1 
HETATM 1635 O O   . HOH E 3 .  ? -7.432  12.682  6.485   1.00 21.25 ? 114 HOH B O   1 
HETATM 1636 O O   . HOH E 3 .  ? 14.436  8.387   -3.229  1.00 17.82 ? 115 HOH B O   1 
HETATM 1637 O O   . HOH E 3 .  ? 5.060   15.545  13.946  1.00 10.62 ? 116 HOH B O   1 
HETATM 1638 O O   . HOH E 3 .  ? 1.770   -0.285  18.805  1.00 2.00  ? 117 HOH B O   1 
HETATM 1639 O O   . HOH E 3 .  ? 13.442  22.821  -15.320 1.00 2.00  ? 118 HOH B O   1 
HETATM 1640 O O   . HOH E 3 .  ? -2.367  23.944  -3.868  1.00 2.00  ? 119 HOH B O   1 
HETATM 1641 O O   . HOH E 3 .  ? -13.543 4.269   6.195   1.00 7.66  ? 120 HOH B O   1 
HETATM 1642 O O   . HOH E 3 .  ? 17.240  10.811  -5.639  1.00 12.87 ? 121 HOH B O   1 
HETATM 1643 O O   . HOH E 3 .  ? -8.561  8.026   -1.543  1.00 14.24 ? 122 HOH B O   1 
HETATM 1644 O O   . HOH E 3 .  ? -5.037  10.978  8.740   1.00 19.73 ? 123 HOH B O   1 
HETATM 1645 O O   . HOH E 3 .  ? -13.659 7.926   5.177   1.00 22.95 ? 124 HOH B O   1 
HETATM 1646 O O   . HOH E 3 .  ? -9.189  9.462   5.731   1.00 23.28 ? 125 HOH B O   1 
HETATM 1647 O O   . HOH E 3 .  ? 2.971   19.122  5.306   1.00 24.99 ? 126 HOH B O   1 
HETATM 1648 O O   . HOH E 3 .  ? -3.851  20.361  -3.429  1.00 25.21 ? 127 HOH B O   1 
HETATM 1649 O O   . HOH E 3 .  ? 14.287  19.931  9.931   1.00 26.92 ? 128 HOH B O   1 
HETATM 1650 O O   . HOH E 3 .  ? 7.884   18.729  -15.833 1.00 28.02 ? 129 HOH B O   1 
HETATM 1651 O O   . HOH E 3 .  ? 0.001   -2.968  20.489  1.00 32.04 ? 130 HOH B O   1 
HETATM 1652 O O   . HOH E 3 .  ? -11.070 7.754   2.703   1.00 34.69 ? 131 HOH B O   1 
HETATM 1653 O O   . HOH E 3 .  ? -13.068 10.842  2.754   1.00 37.44 ? 132 HOH B O   1 
HETATM 1654 O O   . HOH E 3 .  ? 7.984   9.203   -23.629 1.00 44.72 ? 133 HOH B O   1 
HETATM 1655 O O   . HOH E 3 .  ? 19.490  8.399   -10.636 1.00 52.48 ? 134 HOH B O   1 
HETATM 1656 O O   . HOH F 3 .  ? -1.734  -1.284  -6.768  1.00 2.00  ? 9   HOH I O   1 
HETATM 1657 O O   . HOH F 3 .  ? 10.141  -1.660  -10.210 1.00 25.99 ? 10  HOH I O   1 
# 
loop_
_pdbx_poly_seq_scheme.asym_id 
_pdbx_poly_seq_scheme.entity_id 
_pdbx_poly_seq_scheme.seq_id 
_pdbx_poly_seq_scheme.mon_id 
_pdbx_poly_seq_scheme.ndb_seq_num 
_pdbx_poly_seq_scheme.pdb_seq_num 
_pdbx_poly_seq_scheme.auth_seq_num 
_pdbx_poly_seq_scheme.pdb_mon_id 
_pdbx_poly_seq_scheme.auth_mon_id 
_pdbx_poly_seq_scheme.pdb_strand_id 
_pdbx_poly_seq_scheme.pdb_ins_code 
_pdbx_poly_seq_scheme.hetero 
A 1 1  PRO 1  1  1  PRO PRO A . n 
A 1 2  GLN 2  2  2  GLN GLN A . n 
A 1 3  ILE 3  3  3  ILE ILE A . n 
A 1 4  THR 4  4  4  THR THR A . n 
A 1 5  LEU 5  5  5  LEU LEU A . n 
A 1 6  TRP 6  6  6  TRP TRP A . n 
A 1 7  GLN 7  7  7  GLN GLN A . n 
A 1 8  ARG 8  8  8  ARG ARG A . n 
A 1 9  PRO 9  9  9  PRO PRO A . n 
A 1 10 LEU 10 10 10 LEU LEU A . n 
A 1 11 VAL 11 11 11 VAL VAL A . n 
A 1 12 THR 12 12 12 THR THR A . n 
A 1 13 ILE 13 13 13 ILE ILE A . n 
A 1 14 ARG 14 14 14 ARG ARG A . n 
A 1 15 ILE 15 15 15 ILE ILE A . n 
A 1 16 GLY 16 16 16 GLY GLY A . n 
A 1 17 GLY 17 17 17 GLY GLY A . n 
A 1 18 GLN 18 18 18 GLN GLN A . n 
A 1 19 LEU 19 19 19 LEU LEU A . n 
A 1 20 LYS 20 20 20 LYS LYS A . n 
A 1 21 GLU 21 21 21 GLU GLU A . n 
A 1 22 ALA 22 22 22 ALA ALA A . n 
A 1 23 LEU 23 23 23 LEU LEU A . n 
A 1 24 LEU 24 24 24 LEU LEU A . n 
A 1 25 ASP 25 25 25 ASP ASP A . n 
A 1 26 THR 26 26 26 THR THR A . n 
A 1 27 GLY 27 27 27 GLY GLY A . n 
A 1 28 ALA 28 28 28 ALA ALA A . n 
A 1 29 ASP 29 29 29 ASP ASP A . n 
A 1 30 ASP 30 30 30 ASP ASP A . n 
A 1 31 THR 31 31 31 THR THR A . n 
A 1 32 VAL 32 32 32 VAL VAL A . n 
A 1 33 LEU 33 33 33 LEU LEU A . n 
A 1 34 GLU 34 34 34 GLU GLU A . n 
A 1 35 GLU 35 35 35 GLU GLU A . n 
A 1 36 MET 36 36 36 MET MET A . n 
A 1 37 ASN 37 37 37 ASN ASN A . n 
A 1 38 LEU 38 38 38 LEU LEU A . n 
A 1 39 PRO 39 39 39 PRO PRO A . n 
A 1 40 GLY 40 40 40 GLY GLY A . n 
A 1 41 LYS 41 41 41 LYS LYS A . n 
A 1 42 TRP 42 42 42 TRP TRP A . n 
A 1 43 LYS 43 43 43 LYS LYS A . n 
A 1 44 PRO 44 44 44 PRO PRO A . n 
A 1 45 LYS 45 45 45 LYS LYS A . n 
A 1 46 MET 46 46 46 MET MET A . n 
A 1 47 ILE 47 47 47 ILE ILE A . n 
A 1 48 GLY 48 48 48 GLY GLY A . n 
A 1 49 GLY 49 49 49 GLY GLY A . n 
A 1 50 ILE 50 50 50 ILE ILE A . n 
A 1 51 GLY 51 51 51 GLY GLY A . n 
A 1 52 GLY 52 52 52 GLY GLY A . n 
A 1 53 PHE 53 53 53 PHE PHE A . n 
A 1 54 ILE 54 54 54 ILE ILE A . n 
A 1 55 LYS 55 55 55 LYS LYS A . n 
A 1 56 VAL 56 56 56 VAL VAL A . n 
A 1 57 ARG 57 57 57 ARG ARG A . n 
A 1 58 GLN 58 58 58 GLN GLN A . n 
A 1 59 TYR 59 59 59 TYR TYR A . n 
A 1 60 ASP 60 60 60 ASP ASP A . n 
A 1 61 GLN 61 61 61 GLN GLN A . n 
A 1 62 ILE 62 62 62 ILE ILE A . n 
A 1 63 PRO 63 63 63 PRO PRO A . n 
A 1 64 VAL 64 64 64 VAL VAL A . n 
A 1 65 GLU 65 65 65 GLU GLU A . n 
A 1 66 ILE 66 66 66 ILE ILE A . n 
A 1 67 ABA 67 67 67 ABA ABA A . n 
A 1 68 GLY 68 68 68 GLY GLY A . n 
A 1 69 HIS 69 69 69 HIS HIS A . n 
A 1 70 LYS 70 70 70 LYS LYS A . n 
A 1 71 ALA 71 71 71 ALA ALA A . n 
A 1 72 ILE 72 72 72 ILE ILE A . n 
A 1 73 GLY 73 73 73 GLY GLY A . n 
A 1 74 THR 74 74 74 THR THR A . n 
A 1 75 VAL 75 75 75 VAL VAL A . n 
A 1 76 LEU 76 76 76 LEU LEU A . n 
A 1 77 VAL 77 77 77 VAL VAL A . n 
A 1 78 GLY 78 78 78 GLY GLY A . n 
A 1 79 PRO 79 79 79 PRO PRO A . n 
A 1 80 THR 80 80 80 THR THR A . n 
A 1 81 PRO 81 81 81 PRO PRO A . n 
A 1 82 VAL 82 82 82 VAL VAL A . n 
A 1 83 ASN 83 83 83 ASN ASN A . n 
A 1 84 ILE 84 84 84 ILE ILE A . n 
A 1 85 ILE 85 85 85 ILE ILE A . n 
A 1 86 GLY 86 86 86 GLY GLY A . n 
A 1 87 ARG 87 87 87 ARG ARG A . n 
A 1 88 ASN 88 88 88 ASN ASN A . n 
A 1 89 LEU 89 89 89 LEU LEU A . n 
A 1 90 LEU 90 90 90 LEU LEU A . n 
A 1 91 THR 91 91 91 THR THR A . n 
A 1 92 GLN 92 92 92 GLN GLN A . n 
A 1 93 ILE 93 93 93 ILE ILE A . n 
A 1 94 GLY 94 94 94 GLY GLY A . n 
A 1 95 ABA 95 95 95 ABA ABA A . n 
A 1 96 THR 96 96 96 THR THR A . n 
A 1 97 LEU 97 97 97 LEU LEU A . n 
A 1 98 ASN 98 98 98 ASN ASN A . n 
A 1 99 PHE 99 99 99 PHE PHE A . n 
B 1 1  PRO 1  1  1  PRO PRO B . n 
B 1 2  GLN 2  2  2  GLN GLN B . n 
B 1 3  ILE 3  3  3  ILE ILE B . n 
B 1 4  THR 4  4  4  THR THR B . n 
B 1 5  LEU 5  5  5  LEU LEU B . n 
B 1 6  TRP 6  6  6  TRP TRP B . n 
B 1 7  GLN 7  7  7  GLN GLN B . n 
B 1 8  ARG 8  8  8  ARG ARG B . n 
B 1 9  PRO 9  9  9  PRO PRO B . n 
B 1 10 LEU 10 10 10 LEU LEU B . n 
B 1 11 VAL 11 11 11 VAL VAL B . n 
B 1 12 THR 12 12 12 THR THR B . n 
B 1 13 ILE 13 13 13 ILE ILE B . n 
B 1 14 ARG 14 14 14 ARG ARG B . n 
B 1 15 ILE 15 15 15 ILE ILE B . n 
B 1 16 GLY 16 16 16 GLY GLY B . n 
B 1 17 GLY 17 17 17 GLY GLY B . n 
B 1 18 GLN 18 18 18 GLN GLN B . n 
B 1 19 LEU 19 19 19 LEU LEU B . n 
B 1 20 LYS 20 20 20 LYS LYS B . n 
B 1 21 GLU 21 21 21 GLU GLU B . n 
B 1 22 ALA 22 22 22 ALA ALA B . n 
B 1 23 LEU 23 23 23 LEU LEU B . n 
B 1 24 LEU 24 24 24 LEU LEU B . n 
B 1 25 ASP 25 25 25 ASP ASP B . n 
B 1 26 THR 26 26 26 THR THR B . n 
B 1 27 GLY 27 27 27 GLY GLY B . n 
B 1 28 ALA 28 28 28 ALA ALA B . n 
B 1 29 ASP 29 29 29 ASP ASP B . n 
B 1 30 ASP 30 30 30 ASP ASP B . n 
B 1 31 THR 31 31 31 THR THR B . n 
B 1 32 VAL 32 32 32 VAL VAL B . n 
B 1 33 LEU 33 33 33 LEU LEU B . n 
B 1 34 GLU 34 34 34 GLU GLU B . n 
B 1 35 GLU 35 35 35 GLU GLU B . n 
B 1 36 MET 36 36 36 MET MET B . n 
B 1 37 ASN 37 37 37 ASN ASN B . n 
B 1 38 LEU 38 38 38 LEU LEU B . n 
B 1 39 PRO 39 39 39 PRO PRO B . n 
B 1 40 GLY 40 40 40 GLY GLY B . n 
B 1 41 LYS 41 41 41 LYS LYS B . n 
B 1 42 TRP 42 42 42 TRP TRP B . n 
B 1 43 LYS 43 43 43 LYS LYS B . n 
B 1 44 PRO 44 44 44 PRO PRO B . n 
B 1 45 LYS 45 45 45 LYS LYS B . n 
B 1 46 MET 46 46 46 MET MET B . n 
B 1 47 ILE 47 47 47 ILE ILE B . n 
B 1 48 GLY 48 48 48 GLY GLY B . n 
B 1 49 GLY 49 49 49 GLY GLY B . n 
B 1 50 ILE 50 50 50 ILE ILE B . n 
B 1 51 GLY 51 51 51 GLY GLY B . n 
B 1 52 GLY 52 52 52 GLY GLY B . n 
B 1 53 PHE 53 53 53 PHE PHE B . n 
B 1 54 ILE 54 54 54 ILE ILE B . n 
B 1 55 LYS 55 55 55 LYS LYS B . n 
B 1 56 VAL 56 56 56 VAL VAL B . n 
B 1 57 ARG 57 57 57 ARG ARG B . n 
B 1 58 GLN 58 58 58 GLN GLN B . n 
B 1 59 TYR 59 59 59 TYR TYR B . n 
B 1 60 ASP 60 60 60 ASP ASP B . n 
B 1 61 GLN 61 61 61 GLN GLN B . n 
B 1 62 ILE 62 62 62 ILE ILE B . n 
B 1 63 PRO 63 63 63 PRO PRO B . n 
B 1 64 VAL 64 64 64 VAL VAL B . n 
B 1 65 GLU 65 65 65 GLU GLU B . n 
B 1 66 ILE 66 66 66 ILE ILE B . n 
B 1 67 ABA 67 67 67 ABA ABA B . n 
B 1 68 GLY 68 68 68 GLY GLY B . n 
B 1 69 HIS 69 69 69 HIS HIS B . n 
B 1 70 LYS 70 70 70 LYS LYS B . n 
B 1 71 ALA 71 71 71 ALA ALA B . n 
B 1 72 ILE 72 72 72 ILE ILE B . n 
B 1 73 GLY 73 73 73 GLY GLY B . n 
B 1 74 THR 74 74 74 THR THR B . n 
B 1 75 VAL 75 75 75 VAL VAL B . n 
B 1 76 LEU 76 76 76 LEU LEU B . n 
B 1 77 VAL 77 77 77 VAL VAL B . n 
B 1 78 GLY 78 78 78 GLY GLY B . n 
B 1 79 PRO 79 79 79 PRO PRO B . n 
B 1 80 THR 80 80 80 THR THR B . n 
B 1 81 PRO 81 81 81 PRO PRO B . n 
B 1 82 VAL 82 82 82 VAL VAL B . n 
B 1 83 ASN 83 83 83 ASN ASN B . n 
B 1 84 ILE 84 84 84 ILE ILE B . n 
B 1 85 ILE 85 85 85 ILE ILE B . n 
B 1 86 GLY 86 86 86 GLY GLY B . n 
B 1 87 ARG 87 87 87 ARG ARG B . n 
B 1 88 ASN 88 88 88 ASN ASN B . n 
B 1 89 LEU 89 89 89 LEU LEU B . n 
B 1 90 LEU 90 90 90 LEU LEU B . n 
B 1 91 THR 91 91 91 THR THR B . n 
B 1 92 GLN 92 92 92 GLN GLN B . n 
B 1 93 ILE 93 93 93 ILE ILE B . n 
B 1 94 GLY 94 94 94 GLY GLY B . n 
B 1 95 ABA 95 95 95 ABA ABA B . n 
B 1 96 THR 96 96 96 THR THR B . n 
B 1 97 LEU 97 97 97 LEU LEU B . n 
B 1 98 ASN 98 98 98 ASN ASN B . n 
B 1 99 PHE 99 99 99 PHE PHE B . n 
C 2 1  VAL 1  1  1  VAL VAL I . n 
C 2 2  SER 2  2  2  SER SER I . n 
C 2 3  GLN 3  3  3  GLN GLN I . n 
C 2 4  ASN 4  4  4  ASN ASN I . n 
C 2 5  LOV 5  5  5  LOV LOV I . n 
C 2 6  ILE 6  7  7  ILE ILE I . n 
C 2 7  VAL 7  8  8  VAL VAL I . n 
# 
loop_
_pdbx_nonpoly_scheme.asym_id 
_pdbx_nonpoly_scheme.entity_id 
_pdbx_nonpoly_scheme.mon_id 
_pdbx_nonpoly_scheme.ndb_seq_num 
_pdbx_nonpoly_scheme.pdb_seq_num 
_pdbx_nonpoly_scheme.auth_seq_num 
_pdbx_nonpoly_scheme.pdb_mon_id 
_pdbx_nonpoly_scheme.auth_mon_id 
_pdbx_nonpoly_scheme.pdb_strand_id 
_pdbx_nonpoly_scheme.pdb_ins_code 
D 3 HOH 1  100 5  HOH HOH A . 
D 3 HOH 2  101 7  HOH HOH A . 
D 3 HOH 3  102 8  HOH HOH A . 
D 3 HOH 4  103 9  HOH HOH A . 
D 3 HOH 5  104 12 HOH HOH A . 
D 3 HOH 6  105 15 HOH HOH A . 
D 3 HOH 7  106 16 HOH HOH A . 
D 3 HOH 8  107 17 HOH HOH A . 
D 3 HOH 9  108 20 HOH HOH A . 
D 3 HOH 10 109 22 HOH HOH A . 
D 3 HOH 11 110 24 HOH HOH A . 
D 3 HOH 12 111 25 HOH HOH A . 
D 3 HOH 13 112 26 HOH HOH A . 
D 3 HOH 14 113 27 HOH HOH A . 
D 3 HOH 15 114 28 HOH HOH A . 
D 3 HOH 16 115 31 HOH HOH A . 
D 3 HOH 17 116 32 HOH HOH A . 
D 3 HOH 18 117 33 HOH HOH A . 
D 3 HOH 19 118 35 HOH HOH A . 
D 3 HOH 20 119 36 HOH HOH A . 
D 3 HOH 21 120 39 HOH HOH A . 
D 3 HOH 22 121 40 HOH HOH A . 
D 3 HOH 23 122 41 HOH HOH A . 
D 3 HOH 24 123 42 HOH HOH A . 
D 3 HOH 25 124 46 HOH HOH A . 
D 3 HOH 26 125 47 HOH HOH A . 
D 3 HOH 27 126 49 HOH HOH A . 
D 3 HOH 28 127 50 HOH HOH A . 
D 3 HOH 29 128 52 HOH HOH A . 
D 3 HOH 30 129 53 HOH HOH A . 
D 3 HOH 31 130 56 HOH HOH A . 
D 3 HOH 32 131 57 HOH HOH A . 
D 3 HOH 33 132 59 HOH HOH A . 
D 3 HOH 34 133 61 HOH HOH A . 
D 3 HOH 35 134 63 HOH HOH A . 
D 3 HOH 36 135 66 HOH HOH A . 
D 3 HOH 37 136 69 HOH HOH A . 
D 3 HOH 38 137 71 HOH HOH A . 
D 3 HOH 39 138 74 HOH HOH A . 
D 3 HOH 40 139 75 HOH HOH A . 
D 3 HOH 41 140 77 HOH HOH A . 
D 3 HOH 42 141 79 HOH HOH A . 
D 3 HOH 43 142 80 HOH HOH A . 
E 3 HOH 1  100 2  HOH HOH B . 
E 3 HOH 2  101 3  HOH HOH B . 
E 3 HOH 3  102 4  HOH HOH B . 
E 3 HOH 4  103 6  HOH HOH B . 
E 3 HOH 5  104 10 HOH HOH B . 
E 3 HOH 6  105 11 HOH HOH B . 
E 3 HOH 7  106 13 HOH HOH B . 
E 3 HOH 8  107 14 HOH HOH B . 
E 3 HOH 9  108 18 HOH HOH B . 
E 3 HOH 10 109 19 HOH HOH B . 
E 3 HOH 11 110 21 HOH HOH B . 
E 3 HOH 12 111 23 HOH HOH B . 
E 3 HOH 13 112 29 HOH HOH B . 
E 3 HOH 14 113 30 HOH HOH B . 
E 3 HOH 15 114 34 HOH HOH B . 
E 3 HOH 16 115 37 HOH HOH B . 
E 3 HOH 17 116 38 HOH HOH B . 
E 3 HOH 18 117 44 HOH HOH B . 
E 3 HOH 19 118 45 HOH HOH B . 
E 3 HOH 20 119 48 HOH HOH B . 
E 3 HOH 21 120 51 HOH HOH B . 
E 3 HOH 22 121 54 HOH HOH B . 
E 3 HOH 23 122 55 HOH HOH B . 
E 3 HOH 24 123 58 HOH HOH B . 
E 3 HOH 25 124 60 HOH HOH B . 
E 3 HOH 26 125 62 HOH HOH B . 
E 3 HOH 27 126 64 HOH HOH B . 
E 3 HOH 28 127 65 HOH HOH B . 
E 3 HOH 29 128 67 HOH HOH B . 
E 3 HOH 30 129 68 HOH HOH B . 
E 3 HOH 31 130 70 HOH HOH B . 
E 3 HOH 32 131 72 HOH HOH B . 
E 3 HOH 33 132 73 HOH HOH B . 
E 3 HOH 34 133 76 HOH HOH B . 
E 3 HOH 35 134 78 HOH HOH B . 
F 3 HOH 1  9   1  HOH HOH I . 
F 3 HOH 2  10  43 HOH HOH I . 
# 
_pdbx_molecule_features.prd_id    PRD_000362 
_pdbx_molecule_features.name      'INHIBITOR VAL-SER-GLN-ASN-LEU-PSI(CH(OH)-CH2)-VAL-ILE-VAL (U-85548E)' 
_pdbx_molecule_features.type      Peptide-like 
_pdbx_molecule_features.class     Inhibitor 
_pdbx_molecule_features.details   ? 
# 
_pdbx_molecule.instance_id   1 
_pdbx_molecule.prd_id        PRD_000362 
_pdbx_molecule.asym_id       C 
# 
loop_
_pdbx_struct_mod_residue.id 
_pdbx_struct_mod_residue.label_asym_id 
_pdbx_struct_mod_residue.label_comp_id 
_pdbx_struct_mod_residue.label_seq_id 
_pdbx_struct_mod_residue.auth_asym_id 
_pdbx_struct_mod_residue.auth_comp_id 
_pdbx_struct_mod_residue.auth_seq_id 
_pdbx_struct_mod_residue.PDB_ins_code 
_pdbx_struct_mod_residue.parent_comp_id 
_pdbx_struct_mod_residue.details 
1 A ABA 67 A ABA 67 ? ALA 'ALPHA-AMINOBUTYRIC ACID' 
2 A ABA 95 A ABA 95 ? ALA 'ALPHA-AMINOBUTYRIC ACID' 
3 B ABA 67 B ABA 67 ? ALA 'ALPHA-AMINOBUTYRIC ACID' 
4 B ABA 95 B ABA 95 ? ALA 'ALPHA-AMINOBUTYRIC ACID' 
# 
_pdbx_struct_assembly.id                   1 
_pdbx_struct_assembly.details              author_and_software_defined_assembly 
_pdbx_struct_assembly.method_details       PISA 
_pdbx_struct_assembly.oligomeric_details   trimeric 
_pdbx_struct_assembly.oligomeric_count     3 
# 
_pdbx_struct_assembly_gen.assembly_id       1 
_pdbx_struct_assembly_gen.oper_expression   1 
_pdbx_struct_assembly_gen.asym_id_list      A,B,C,D,E,F 
# 
loop_
_pdbx_struct_assembly_prop.biol_id 
_pdbx_struct_assembly_prop.type 
_pdbx_struct_assembly_prop.value 
_pdbx_struct_assembly_prop.details 
1 'ABSA (A^2)' 5250 ? 
1 MORE         -31  ? 
1 'SSA (A^2)'  9400 ? 
# 
_pdbx_struct_oper_list.id                   1 
_pdbx_struct_oper_list.type                 'identity operation' 
_pdbx_struct_oper_list.name                 1_555 
_pdbx_struct_oper_list.symmetry_operation   x,y,z 
_pdbx_struct_oper_list.matrix[1][1]         1.0000000000 
_pdbx_struct_oper_list.matrix[1][2]         0.0000000000 
_pdbx_struct_oper_list.matrix[1][3]         0.0000000000 
_pdbx_struct_oper_list.vector[1]            0.0000000000 
_pdbx_struct_oper_list.matrix[2][1]         0.0000000000 
_pdbx_struct_oper_list.matrix[2][2]         1.0000000000 
_pdbx_struct_oper_list.matrix[2][3]         0.0000000000 
_pdbx_struct_oper_list.vector[2]            0.0000000000 
_pdbx_struct_oper_list.matrix[3][1]         0.0000000000 
_pdbx_struct_oper_list.matrix[3][2]         0.0000000000 
_pdbx_struct_oper_list.matrix[3][3]         1.0000000000 
_pdbx_struct_oper_list.vector[3]            0.0000000000 
# 
loop_
_pdbx_audit_revision_history.ordinal 
_pdbx_audit_revision_history.data_content_type 
_pdbx_audit_revision_history.major_revision 
_pdbx_audit_revision_history.minor_revision 
_pdbx_audit_revision_history.revision_date 
1 'Structure model' 1 0 1993-10-31 
2 'Structure model' 1 1 2008-03-03 
3 'Structure model' 1 2 2011-07-13 
4 'Structure model' 1 3 2012-12-12 
5 'Structure model' 1 4 2017-11-29 
6 'Structure model' 2 0 2023-11-15 
# 
_pdbx_audit_revision_details.ordinal             1 
_pdbx_audit_revision_details.revision_ordinal    1 
_pdbx_audit_revision_details.data_content_type   'Structure model' 
_pdbx_audit_revision_details.provider            repository 
_pdbx_audit_revision_details.type                'Initial release' 
_pdbx_audit_revision_details.description         ? 
_pdbx_audit_revision_details.details             ? 
# 
loop_
_pdbx_audit_revision_group.ordinal 
_pdbx_audit_revision_group.revision_ordinal 
_pdbx_audit_revision_group.data_content_type 
_pdbx_audit_revision_group.group 
1  2 'Structure model' 'Version format compliance' 
2  3 'Structure model' 'Atomic model'              
3  3 'Structure model' 'Database references'       
4  3 'Structure model' 'Derived calculations'      
5  3 'Structure model' 'Non-polymer description'   
6  3 'Structure model' 'Structure summary'         
7  3 'Structure model' 'Version format compliance' 
8  4 'Structure model' Other                       
9  5 'Structure model' 'Derived calculations'      
10 5 'Structure model' Other                       
11 6 'Structure model' 'Atomic model'              
12 6 'Structure model' 'Data collection'           
13 6 'Structure model' 'Database references'       
14 6 'Structure model' 'Derived calculations'      
# 
loop_
_pdbx_audit_revision_category.ordinal 
_pdbx_audit_revision_category.revision_ordinal 
_pdbx_audit_revision_category.data_content_type 
_pdbx_audit_revision_category.category 
1  5 'Structure model' pdbx_database_status           
2  5 'Structure model' struct_conf                    
3  5 'Structure model' struct_conf_type               
4  6 'Structure model' atom_site                      
5  6 'Structure model' chem_comp_atom                 
6  6 'Structure model' chem_comp_bond                 
7  6 'Structure model' database_2                     
8  6 'Structure model' pdbx_validate_main_chain_plane 
9  6 'Structure model' pdbx_validate_peptide_omega    
10 6 'Structure model' pdbx_validate_rmsd_angle       
11 6 'Structure model' struct_conn                    
12 6 'Structure model' struct_ref_seq_dif             
# 
loop_
_pdbx_audit_revision_item.ordinal 
_pdbx_audit_revision_item.revision_ordinal 
_pdbx_audit_revision_item.data_content_type 
_pdbx_audit_revision_item.item 
1  5 'Structure model' '_pdbx_database_status.process_site'                 
2  6 'Structure model' '_atom_site.auth_atom_id'                            
3  6 'Structure model' '_atom_site.label_atom_id'                           
4  6 'Structure model' '_database_2.pdbx_DOI'                               
5  6 'Structure model' '_database_2.pdbx_database_accession'                
6  6 'Structure model' '_pdbx_validate_peptide_omega.auth_comp_id_1'        
7  6 'Structure model' '_pdbx_validate_peptide_omega.auth_comp_id_2'        
8  6 'Structure model' '_pdbx_validate_peptide_omega.auth_seq_id_1'         
9  6 'Structure model' '_pdbx_validate_peptide_omega.auth_seq_id_2'         
10 6 'Structure model' '_pdbx_validate_peptide_omega.omega'                 
11 6 'Structure model' '_pdbx_validate_rmsd_angle.angle_deviation'          
12 6 'Structure model' '_pdbx_validate_rmsd_angle.angle_standard_deviation' 
13 6 'Structure model' '_pdbx_validate_rmsd_angle.angle_target_value'       
14 6 'Structure model' '_pdbx_validate_rmsd_angle.angle_value'              
15 6 'Structure model' '_pdbx_validate_rmsd_angle.auth_atom_id_1'           
16 6 'Structure model' '_pdbx_validate_rmsd_angle.auth_atom_id_2'           
17 6 'Structure model' '_pdbx_validate_rmsd_angle.auth_atom_id_3'           
18 6 'Structure model' '_pdbx_validate_rmsd_angle.auth_comp_id_1'           
19 6 'Structure model' '_pdbx_validate_rmsd_angle.auth_comp_id_3'           
20 6 'Structure model' '_pdbx_validate_rmsd_angle.auth_seq_id_1'            
21 6 'Structure model' '_pdbx_validate_rmsd_angle.auth_seq_id_3'            
22 6 'Structure model' '_struct_conn.pdbx_leaving_atom_flag'                
23 6 'Structure model' '_struct_ref_seq_dif.details'                        
# 
_software.name             PROFFT 
_software.classification   refinement 
_software.version          . 
_software.citation_id      ? 
_software.pdbx_ordinal     1 
# 
_pdbx_database_remark.id     700 
_pdbx_database_remark.text   
;SHEET
THE DIMER INTERFACE IS COMPOSED OF INTERDIGITATED N- AND
C-TERMINI FROM BOTH SUBUNITS FORMING A FOUR-STRANDED
ANTIPARALLEL BETA-SHEET.
;
# 
_pdbx_entry_details.entry_id                 8HVP 
_pdbx_entry_details.compound_details         ? 
_pdbx_entry_details.source_details           ? 
_pdbx_entry_details.nonpolymer_details       
;THE PEPTIDE BOND BETWEEN RESIDUES LEU I 5 AND VAL I 6 HAS
BEEN REPLACED BY A HYDROXYETHYLENE GROUP CH(OH)-CH2.  THESE
RESIDUES HAVE BEEN RENAMED AS LOV I 5 TO DENOTE THIS
MODIFICATION.
;
_pdbx_entry_details.sequence_details         ? 
_pdbx_entry_details.has_ligand_of_interest   ? 
# 
_pdbx_validate_close_contact.id               1 
_pdbx_validate_close_contact.PDB_model_num    1 
_pdbx_validate_close_contact.auth_atom_id_1   O 
_pdbx_validate_close_contact.auth_asym_id_1   B 
_pdbx_validate_close_contact.auth_comp_id_1   ARG 
_pdbx_validate_close_contact.auth_seq_id_1    87 
_pdbx_validate_close_contact.PDB_ins_code_1   ? 
_pdbx_validate_close_contact.label_alt_id_1   ? 
_pdbx_validate_close_contact.auth_atom_id_2   OG1 
_pdbx_validate_close_contact.auth_asym_id_2   B 
_pdbx_validate_close_contact.auth_comp_id_2   THR 
_pdbx_validate_close_contact.auth_seq_id_2    91 
_pdbx_validate_close_contact.PDB_ins_code_2   ? 
_pdbx_validate_close_contact.label_alt_id_2   ? 
_pdbx_validate_close_contact.dist             1.98 
# 
_pdbx_validate_symm_contact.id                1 
_pdbx_validate_symm_contact.PDB_model_num     1 
_pdbx_validate_symm_contact.auth_atom_id_1    OG1 
_pdbx_validate_symm_contact.auth_asym_id_1    B 
_pdbx_validate_symm_contact.auth_comp_id_1    THR 
_pdbx_validate_symm_contact.auth_seq_id_1     12 
_pdbx_validate_symm_contact.PDB_ins_code_1    ? 
_pdbx_validate_symm_contact.label_alt_id_1    ? 
_pdbx_validate_symm_contact.site_symmetry_1   1_555 
_pdbx_validate_symm_contact.auth_atom_id_2    NZ 
_pdbx_validate_symm_contact.auth_asym_id_2    B 
_pdbx_validate_symm_contact.auth_comp_id_2    LYS 
_pdbx_validate_symm_contact.auth_seq_id_2     41 
_pdbx_validate_symm_contact.PDB_ins_code_2    ? 
_pdbx_validate_symm_contact.label_alt_id_2    ? 
_pdbx_validate_symm_contact.site_symmetry_2   3_655 
_pdbx_validate_symm_contact.dist              2.09 
# 
loop_
_pdbx_validate_rmsd_angle.id 
_pdbx_validate_rmsd_angle.PDB_model_num 
_pdbx_validate_rmsd_angle.auth_atom_id_1 
_pdbx_validate_rmsd_angle.auth_asym_id_1 
_pdbx_validate_rmsd_angle.auth_comp_id_1 
_pdbx_validate_rmsd_angle.auth_seq_id_1 
_pdbx_validate_rmsd_angle.PDB_ins_code_1 
_pdbx_validate_rmsd_angle.label_alt_id_1 
_pdbx_validate_rmsd_angle.auth_atom_id_2 
_pdbx_validate_rmsd_angle.auth_asym_id_2 
_pdbx_validate_rmsd_angle.auth_comp_id_2 
_pdbx_validate_rmsd_angle.auth_seq_id_2 
_pdbx_validate_rmsd_angle.PDB_ins_code_2 
_pdbx_validate_rmsd_angle.label_alt_id_2 
_pdbx_validate_rmsd_angle.auth_atom_id_3 
_pdbx_validate_rmsd_angle.auth_asym_id_3 
_pdbx_validate_rmsd_angle.auth_comp_id_3 
_pdbx_validate_rmsd_angle.auth_seq_id_3 
_pdbx_validate_rmsd_angle.PDB_ins_code_3 
_pdbx_validate_rmsd_angle.label_alt_id_3 
_pdbx_validate_rmsd_angle.angle_value 
_pdbx_validate_rmsd_angle.angle_target_value 
_pdbx_validate_rmsd_angle.angle_deviation 
_pdbx_validate_rmsd_angle.angle_standard_deviation 
_pdbx_validate_rmsd_angle.linker_flag 
1  1 CA  A PRO 1  ? ? N   A PRO 1  ? ? CD  A PRO 1  ? ? 101.05 111.50 -10.45 1.40 N 
2  1 N   A GLN 7  ? ? CA  A GLN 7  ? ? CB  A GLN 7  ? ? 123.05 110.60 12.45  1.80 N 
3  1 CA  A GLN 7  ? ? CB  A GLN 7  ? ? CG  A GLN 7  ? ? 127.27 113.40 13.87  2.20 N 
4  1 N   A ARG 14 ? ? CA  A ARG 14 ? ? CB  A ARG 14 ? ? 124.32 110.60 13.72  1.80 N 
5  1 NE  A ARG 14 ? ? CZ  A ARG 14 ? ? NH2 A ARG 14 ? ? 116.52 120.30 -3.78  0.50 N 
6  1 O   A ARG 14 ? ? C   A ARG 14 ? ? N   A ILE 15 ? ? 135.61 122.70 12.91  1.60 Y 
7  1 CB  A ASP 29 ? ? CG  A ASP 29 ? ? OD1 A ASP 29 ? ? 131.41 118.30 13.11  0.90 N 
8  1 CB  A ASP 29 ? ? CG  A ASP 29 ? ? OD2 A ASP 29 ? ? 109.49 118.30 -8.81  0.90 N 
9  1 N   A MET 46 ? ? CA  A MET 46 ? ? CB  A MET 46 ? ? 123.21 110.60 12.61  1.80 N 
10 1 C   A GLY 48 ? ? N   A GLY 49 ? ? CA  A GLY 49 ? ? 139.52 122.30 17.22  2.10 Y 
11 1 NE  A ARG 57 ? ? CZ  A ARG 57 ? ? NH1 A ARG 57 ? ? 124.29 120.30 3.99   0.50 N 
12 1 CB  A ASP 60 ? ? CG  A ASP 60 ? ? OD2 A ASP 60 ? ? 123.90 118.30 5.60   0.90 N 
13 1 O   A GLY 68 ? ? C   A GLY 68 ? ? N   A HIS 69 ? ? 133.26 122.70 10.56  1.60 Y 
14 1 N   A HIS 69 ? ? CA  A HIS 69 ? ? CB  A HIS 69 ? ? 124.48 110.60 13.88  1.80 N 
15 1 CA  A VAL 77 ? ? CB  A VAL 77 ? ? CG2 A VAL 77 ? ? 120.33 110.90 9.43   1.50 N 
16 1 O   A VAL 77 ? ? C   A VAL 77 ? ? N   A GLY 78 ? ? 136.34 123.20 13.14  1.70 Y 
17 1 NE  A ARG 87 ? ? CZ  A ARG 87 ? ? NH1 A ARG 87 ? ? 125.24 120.30 4.94   0.50 N 
18 1 NE  A ARG 87 ? ? CZ  A ARG 87 ? ? NH2 A ARG 87 ? ? 115.83 120.30 -4.47  0.50 N 
19 1 CA  A THR 91 ? ? CB  A THR 91 ? ? CG2 A THR 91 ? ? 125.25 112.40 12.85  1.40 N 
20 1 C   A ILE 93 ? ? N   A GLY 94 ? ? CA  A GLY 94 ? ? 135.98 122.30 13.68  2.10 Y 
21 1 C   B PRO 1  ? ? N   B GLN 2  ? ? CA  B GLN 2  ? ? 148.26 121.70 26.56  2.50 Y 
22 1 NE  B ARG 8  ? ? CZ  B ARG 8  ? ? NH1 B ARG 8  ? ? 125.67 120.30 5.37   0.50 N 
23 1 NE  B ARG 8  ? ? CZ  B ARG 8  ? ? NH2 B ARG 8  ? ? 114.10 120.30 -6.20  0.50 N 
24 1 N   B ARG 14 ? ? CA  B ARG 14 ? ? CB  B ARG 14 ? ? 126.59 110.60 15.99  1.80 N 
25 1 CA  B ARG 14 ? ? CB  B ARG 14 ? ? CG  B ARG 14 ? ? 132.21 113.40 18.81  2.20 N 
26 1 NE  B ARG 14 ? ? CZ  B ARG 14 ? ? NH1 B ARG 14 ? ? 126.51 120.30 6.21   0.50 N 
27 1 OE1 B GLU 21 ? ? CD  B GLU 21 ? ? OE2 B GLU 21 ? ? 131.02 123.30 7.72   1.20 N 
28 1 CB  B ASP 30 ? ? CG  B ASP 30 ? ? OD1 B ASP 30 ? ? 110.20 118.30 -8.10  0.90 N 
29 1 CB  B ASP 30 ? ? CG  B ASP 30 ? ? OD2 B ASP 30 ? ? 124.32 118.30 6.02   0.90 N 
30 1 CA  B LYS 41 ? ? CB  B LYS 41 ? ? CG  B LYS 41 ? ? 134.99 113.40 21.59  2.20 N 
31 1 CB  B ILE 47 ? ? CG1 B ILE 47 ? ? CD1 B ILE 47 ? ? 139.99 113.90 26.09  2.80 N 
32 1 CB  B TYR 59 ? ? CG  B TYR 59 ? ? CD2 B TYR 59 ? ? 113.65 121.00 -7.35  0.60 N 
33 1 CB  B ASP 60 ? ? CG  B ASP 60 ? ? OD1 B ASP 60 ? ? 110.69 118.30 -7.61  0.90 N 
34 1 CB  B ASP 60 ? ? CG  B ASP 60 ? ? OD2 B ASP 60 ? ? 123.79 118.30 5.49   0.90 N 
35 1 O   B ASN 98 ? ? C   B ASN 98 ? ? N   B PHE 99 ? ? 133.41 122.70 10.71  1.60 Y 
36 1 CA  I LOV 5  ? ? C   I LOV 5  ? ? N   I ILE 7  ? ? 139.86 117.20 22.66  2.20 Y 
# 
loop_
_pdbx_validate_torsion.id 
_pdbx_validate_torsion.PDB_model_num 
_pdbx_validate_torsion.auth_comp_id 
_pdbx_validate_torsion.auth_asym_id 
_pdbx_validate_torsion.auth_seq_id 
_pdbx_validate_torsion.PDB_ins_code 
_pdbx_validate_torsion.label_alt_id 
_pdbx_validate_torsion.phi 
_pdbx_validate_torsion.psi 
1 1 GLU A 35 ? ? -35.69  131.18  
2 1 GLN A 61 ? ? 30.40   96.54   
3 1 GLN B 2  ? ? -174.53 87.56   
4 1 ARG B 8  ? ? -49.15  159.22  
5 1 GLU B 34 ? ? -54.31  -149.04 
6 1 GLN B 61 ? ? 5.99    63.97   
7 1 ALA B 71 ? ? -171.83 145.96  
# 
_pdbx_validate_peptide_omega.id               1 
_pdbx_validate_peptide_omega.PDB_model_num    1 
_pdbx_validate_peptide_omega.auth_comp_id_1   LOV 
_pdbx_validate_peptide_omega.auth_asym_id_1   I 
_pdbx_validate_peptide_omega.auth_seq_id_1    5 
_pdbx_validate_peptide_omega.PDB_ins_code_1   ? 
_pdbx_validate_peptide_omega.label_alt_id_1   ? 
_pdbx_validate_peptide_omega.auth_comp_id_2   ILE 
_pdbx_validate_peptide_omega.auth_asym_id_2   I 
_pdbx_validate_peptide_omega.auth_seq_id_2    7 
_pdbx_validate_peptide_omega.PDB_ins_code_2   ? 
_pdbx_validate_peptide_omega.label_alt_id_2   ? 
_pdbx_validate_peptide_omega.omega            -96.13 
# 
_pdbx_validate_main_chain_plane.id                       1 
_pdbx_validate_main_chain_plane.PDB_model_num            1 
_pdbx_validate_main_chain_plane.auth_comp_id             LOV 
_pdbx_validate_main_chain_plane.auth_asym_id             I 
_pdbx_validate_main_chain_plane.auth_seq_id              5 
_pdbx_validate_main_chain_plane.PDB_ins_code             ? 
_pdbx_validate_main_chain_plane.label_alt_id             ? 
_pdbx_validate_main_chain_plane.improper_torsion_angle   47.62 
# 
_pdbx_validate_planes.id              1 
_pdbx_validate_planes.PDB_model_num   1 
_pdbx_validate_planes.auth_comp_id    ARG 
_pdbx_validate_planes.auth_asym_id    A 
_pdbx_validate_planes.auth_seq_id     8 
_pdbx_validate_planes.PDB_ins_code    ? 
_pdbx_validate_planes.label_alt_id    ? 
_pdbx_validate_planes.rmsd            0.122 
_pdbx_validate_planes.type            'SIDE CHAIN' 
# 
loop_
_chem_comp_atom.comp_id 
_chem_comp_atom.atom_id 
_chem_comp_atom.type_symbol 
_chem_comp_atom.pdbx_aromatic_flag 
_chem_comp_atom.pdbx_stereo_config 
_chem_comp_atom.pdbx_ordinal 
ABA N    N N N 1   
ABA CA   C N S 2   
ABA C    C N N 3   
ABA O    O N N 4   
ABA CB   C N N 5   
ABA CG   C N N 6   
ABA OXT  O N N 7   
ABA H    H N N 8   
ABA H2   H N N 9   
ABA HA   H N N 10  
ABA HB3  H N N 11  
ABA HB2  H N N 12  
ABA HG1  H N N 13  
ABA HG3  H N N 14  
ABA HG2  H N N 15  
ABA HXT  H N N 16  
ALA N    N N N 17  
ALA CA   C N S 18  
ALA C    C N N 19  
ALA O    O N N 20  
ALA CB   C N N 21  
ALA OXT  O N N 22  
ALA H    H N N 23  
ALA H2   H N N 24  
ALA HA   H N N 25  
ALA HB1  H N N 26  
ALA HB2  H N N 27  
ALA HB3  H N N 28  
ALA HXT  H N N 29  
ARG N    N N N 30  
ARG CA   C N S 31  
ARG C    C N N 32  
ARG O    O N N 33  
ARG CB   C N N 34  
ARG CG   C N N 35  
ARG CD   C N N 36  
ARG NE   N N N 37  
ARG CZ   C N N 38  
ARG NH1  N N N 39  
ARG NH2  N N N 40  
ARG OXT  O N N 41  
ARG H    H N N 42  
ARG H2   H N N 43  
ARG HA   H N N 44  
ARG HB2  H N N 45  
ARG HB3  H N N 46  
ARG HG2  H N N 47  
ARG HG3  H N N 48  
ARG HD2  H N N 49  
ARG HD3  H N N 50  
ARG HE   H N N 51  
ARG HH11 H N N 52  
ARG HH12 H N N 53  
ARG HH21 H N N 54  
ARG HH22 H N N 55  
ARG HXT  H N N 56  
ASN N    N N N 57  
ASN CA   C N S 58  
ASN C    C N N 59  
ASN O    O N N 60  
ASN CB   C N N 61  
ASN CG   C N N 62  
ASN OD1  O N N 63  
ASN ND2  N N N 64  
ASN OXT  O N N 65  
ASN H    H N N 66  
ASN H2   H N N 67  
ASN HA   H N N 68  
ASN HB2  H N N 69  
ASN HB3  H N N 70  
ASN HD21 H N N 71  
ASN HD22 H N N 72  
ASN HXT  H N N 73  
ASP N    N N N 74  
ASP CA   C N S 75  
ASP C    C N N 76  
ASP O    O N N 77  
ASP CB   C N N 78  
ASP CG   C N N 79  
ASP OD1  O N N 80  
ASP OD2  O N N 81  
ASP OXT  O N N 82  
ASP H    H N N 83  
ASP H2   H N N 84  
ASP HA   H N N 85  
ASP HB2  H N N 86  
ASP HB3  H N N 87  
ASP HD2  H N N 88  
ASP HXT  H N N 89  
CYS N    N N N 90  
CYS CA   C N R 91  
CYS C    C N N 92  
CYS O    O N N 93  
CYS CB   C N N 94  
CYS SG   S N N 95  
CYS OXT  O N N 96  
CYS H    H N N 97  
CYS H2   H N N 98  
CYS HA   H N N 99  
CYS HB2  H N N 100 
CYS HB3  H N N 101 
CYS HG   H N N 102 
CYS HXT  H N N 103 
GLN N    N N N 104 
GLN CA   C N S 105 
GLN C    C N N 106 
GLN O    O N N 107 
GLN CB   C N N 108 
GLN CG   C N N 109 
GLN CD   C N N 110 
GLN OE1  O N N 111 
GLN NE2  N N N 112 
GLN OXT  O N N 113 
GLN H    H N N 114 
GLN H2   H N N 115 
GLN HA   H N N 116 
GLN HB2  H N N 117 
GLN HB3  H N N 118 
GLN HG2  H N N 119 
GLN HG3  H N N 120 
GLN HE21 H N N 121 
GLN HE22 H N N 122 
GLN HXT  H N N 123 
GLU N    N N N 124 
GLU CA   C N S 125 
GLU C    C N N 126 
GLU O    O N N 127 
GLU CB   C N N 128 
GLU CG   C N N 129 
GLU CD   C N N 130 
GLU OE1  O N N 131 
GLU OE2  O N N 132 
GLU OXT  O N N 133 
GLU H    H N N 134 
GLU H2   H N N 135 
GLU HA   H N N 136 
GLU HB2  H N N 137 
GLU HB3  H N N 138 
GLU HG2  H N N 139 
GLU HG3  H N N 140 
GLU HE2  H N N 141 
GLU HXT  H N N 142 
GLY N    N N N 143 
GLY CA   C N N 144 
GLY C    C N N 145 
GLY O    O N N 146 
GLY OXT  O N N 147 
GLY H    H N N 148 
GLY H2   H N N 149 
GLY HA2  H N N 150 
GLY HA3  H N N 151 
GLY HXT  H N N 152 
HIS N    N N N 153 
HIS CA   C N S 154 
HIS C    C N N 155 
HIS O    O N N 156 
HIS CB   C N N 157 
HIS CG   C Y N 158 
HIS ND1  N Y N 159 
HIS CD2  C Y N 160 
HIS CE1  C Y N 161 
HIS NE2  N Y N 162 
HIS OXT  O N N 163 
HIS H    H N N 164 
HIS H2   H N N 165 
HIS HA   H N N 166 
HIS HB2  H N N 167 
HIS HB3  H N N 168 
HIS HD1  H N N 169 
HIS HD2  H N N 170 
HIS HE1  H N N 171 
HIS HE2  H N N 172 
HIS HXT  H N N 173 
HOH O    O N N 174 
HOH H1   H N N 175 
HOH H2   H N N 176 
ILE N    N N N 177 
ILE CA   C N S 178 
ILE C    C N N 179 
ILE O    O N N 180 
ILE CB   C N S 181 
ILE CG1  C N N 182 
ILE CG2  C N N 183 
ILE CD1  C N N 184 
ILE OXT  O N N 185 
ILE H    H N N 186 
ILE H2   H N N 187 
ILE HA   H N N 188 
ILE HB   H N N 189 
ILE HG12 H N N 190 
ILE HG13 H N N 191 
ILE HG21 H N N 192 
ILE HG22 H N N 193 
ILE HG23 H N N 194 
ILE HD11 H N N 195 
ILE HD12 H N N 196 
ILE HD13 H N N 197 
ILE HXT  H N N 198 
LEU N    N N N 199 
LEU CA   C N S 200 
LEU C    C N N 201 
LEU O    O N N 202 
LEU CB   C N N 203 
LEU CG   C N N 204 
LEU CD1  C N N 205 
LEU CD2  C N N 206 
LEU OXT  O N N 207 
LEU H    H N N 208 
LEU H2   H N N 209 
LEU HA   H N N 210 
LEU HB2  H N N 211 
LEU HB3  H N N 212 
LEU HG   H N N 213 
LEU HD11 H N N 214 
LEU HD12 H N N 215 
LEU HD13 H N N 216 
LEU HD21 H N N 217 
LEU HD22 H N N 218 
LEU HD23 H N N 219 
LEU HXT  H N N 220 
LOV CD1  C N N 221 
LOV CD2  C N N 222 
LOV C1G  C N N 223 
LOV C1B  C N N 224 
LOV CA   C N S 225 
LOV CS   C N S 226 
LOV N    N N N 227 
LOV OS   O N N 228 
LOV CT   C N N 229 
LOV C1   C N S 230 
LOV CB   C N N 231 
LOV CG1  C N N 232 
LOV CG2  C N N 233 
LOV C    C N N 234 
LOV O    O N N 235 
LOV OXT  O N N 236 
LOV HD11 H N N 237 
LOV HD12 H N N 238 
LOV HD13 H N N 239 
LOV HD21 H N N 240 
LOV HD22 H N N 241 
LOV HD23 H N N 242 
LOV H1G  H N N 243 
LOV H1B1 H N N 244 
LOV H1B2 H N N 245 
LOV HA   H N N 246 
LOV HS1  H N N 247 
LOV H    H N N 248 
LOV H2   H N N 249 
LOV HOS  H N N 250 
LOV HT1  H N N 251 
LOV HT2  H N N 252 
LOV H1   H N N 253 
LOV HB   H N N 254 
LOV HG11 H N N 255 
LOV HG12 H N N 256 
LOV HG13 H N N 257 
LOV HG21 H N N 258 
LOV HG22 H N N 259 
LOV HG23 H N N 260 
LOV HXT  H N N 261 
LYS N    N N N 262 
LYS CA   C N S 263 
LYS C    C N N 264 
LYS O    O N N 265 
LYS CB   C N N 266 
LYS CG   C N N 267 
LYS CD   C N N 268 
LYS CE   C N N 269 
LYS NZ   N N N 270 
LYS OXT  O N N 271 
LYS H    H N N 272 
LYS H2   H N N 273 
LYS HA   H N N 274 
LYS HB2  H N N 275 
LYS HB3  H N N 276 
LYS HG2  H N N 277 
LYS HG3  H N N 278 
LYS HD2  H N N 279 
LYS HD3  H N N 280 
LYS HE2  H N N 281 
LYS HE3  H N N 282 
LYS HZ1  H N N 283 
LYS HZ2  H N N 284 
LYS HZ3  H N N 285 
LYS HXT  H N N 286 
MET N    N N N 287 
MET CA   C N S 288 
MET C    C N N 289 
MET O    O N N 290 
MET CB   C N N 291 
MET CG   C N N 292 
MET SD   S N N 293 
MET CE   C N N 294 
MET OXT  O N N 295 
MET H    H N N 296 
MET H2   H N N 297 
MET HA   H N N 298 
MET HB2  H N N 299 
MET HB3  H N N 300 
MET HG2  H N N 301 
MET HG3  H N N 302 
MET HE1  H N N 303 
MET HE2  H N N 304 
MET HE3  H N N 305 
MET HXT  H N N 306 
PHE N    N N N 307 
PHE CA   C N S 308 
PHE C    C N N 309 
PHE O    O N N 310 
PHE CB   C N N 311 
PHE CG   C Y N 312 
PHE CD1  C Y N 313 
PHE CD2  C Y N 314 
PHE CE1  C Y N 315 
PHE CE2  C Y N 316 
PHE CZ   C Y N 317 
PHE OXT  O N N 318 
PHE H    H N N 319 
PHE H2   H N N 320 
PHE HA   H N N 321 
PHE HB2  H N N 322 
PHE HB3  H N N 323 
PHE HD1  H N N 324 
PHE HD2  H N N 325 
PHE HE1  H N N 326 
PHE HE2  H N N 327 
PHE HZ   H N N 328 
PHE HXT  H N N 329 
PRO N    N N N 330 
PRO CA   C N S 331 
PRO C    C N N 332 
PRO O    O N N 333 
PRO CB   C N N 334 
PRO CG   C N N 335 
PRO CD   C N N 336 
PRO OXT  O N N 337 
PRO H    H N N 338 
PRO HA   H N N 339 
PRO HB2  H N N 340 
PRO HB3  H N N 341 
PRO HG2  H N N 342 
PRO HG3  H N N 343 
PRO HD2  H N N 344 
PRO HD3  H N N 345 
PRO HXT  H N N 346 
SER N    N N N 347 
SER CA   C N S 348 
SER C    C N N 349 
SER O    O N N 350 
SER CB   C N N 351 
SER OG   O N N 352 
SER OXT  O N N 353 
SER H    H N N 354 
SER H2   H N N 355 
SER HA   H N N 356 
SER HB2  H N N 357 
SER HB3  H N N 358 
SER HG   H N N 359 
SER HXT  H N N 360 
THR N    N N N 361 
THR CA   C N S 362 
THR C    C N N 363 
THR O    O N N 364 
THR CB   C N R 365 
THR OG1  O N N 366 
THR CG2  C N N 367 
THR OXT  O N N 368 
THR H    H N N 369 
THR H2   H N N 370 
THR HA   H N N 371 
THR HB   H N N 372 
THR HG1  H N N 373 
THR HG21 H N N 374 
THR HG22 H N N 375 
THR HG23 H N N 376 
THR HXT  H N N 377 
TRP N    N N N 378 
TRP CA   C N S 379 
TRP C    C N N 380 
TRP O    O N N 381 
TRP CB   C N N 382 
TRP CG   C Y N 383 
TRP CD1  C Y N 384 
TRP CD2  C Y N 385 
TRP NE1  N Y N 386 
TRP CE2  C Y N 387 
TRP CE3  C Y N 388 
TRP CZ2  C Y N 389 
TRP CZ3  C Y N 390 
TRP CH2  C Y N 391 
TRP OXT  O N N 392 
TRP H    H N N 393 
TRP H2   H N N 394 
TRP HA   H N N 395 
TRP HB2  H N N 396 
TRP HB3  H N N 397 
TRP HD1  H N N 398 
TRP HE1  H N N 399 
TRP HE3  H N N 400 
TRP HZ2  H N N 401 
TRP HZ3  H N N 402 
TRP HH2  H N N 403 
TRP HXT  H N N 404 
TYR N    N N N 405 
TYR CA   C N S 406 
TYR C    C N N 407 
TYR O    O N N 408 
TYR CB   C N N 409 
TYR CG   C Y N 410 
TYR CD1  C Y N 411 
TYR CD2  C Y N 412 
TYR CE1  C Y N 413 
TYR CE2  C Y N 414 
TYR CZ   C Y N 415 
TYR OH   O N N 416 
TYR OXT  O N N 417 
TYR H    H N N 418 
TYR H2   H N N 419 
TYR HA   H N N 420 
TYR HB2  H N N 421 
TYR HB3  H N N 422 
TYR HD1  H N N 423 
TYR HD2  H N N 424 
TYR HE1  H N N 425 
TYR HE2  H N N 426 
TYR HH   H N N 427 
TYR HXT  H N N 428 
VAL N    N N N 429 
VAL CA   C N S 430 
VAL C    C N N 431 
VAL O    O N N 432 
VAL CB   C N N 433 
VAL CG1  C N N 434 
VAL CG2  C N N 435 
VAL OXT  O N N 436 
VAL H    H N N 437 
VAL H2   H N N 438 
VAL HA   H N N 439 
VAL HB   H N N 440 
VAL HG11 H N N 441 
VAL HG12 H N N 442 
VAL HG13 H N N 443 
VAL HG21 H N N 444 
VAL HG22 H N N 445 
VAL HG23 H N N 446 
VAL HXT  H N N 447 
# 
loop_
_chem_comp_bond.comp_id 
_chem_comp_bond.atom_id_1 
_chem_comp_bond.atom_id_2 
_chem_comp_bond.value_order 
_chem_comp_bond.pdbx_aromatic_flag 
_chem_comp_bond.pdbx_stereo_config 
_chem_comp_bond.pdbx_ordinal 
ABA N   CA   sing N N 1   
ABA N   H    sing N N 2   
ABA N   H2   sing N N 3   
ABA CA  C    sing N N 4   
ABA CA  CB   sing N N 5   
ABA CA  HA   sing N N 6   
ABA C   O    doub N N 7   
ABA C   OXT  sing N N 8   
ABA CB  CG   sing N N 9   
ABA CB  HB3  sing N N 10  
ABA CB  HB2  sing N N 11  
ABA CG  HG1  sing N N 12  
ABA CG  HG3  sing N N 13  
ABA CG  HG2  sing N N 14  
ABA OXT HXT  sing N N 15  
ALA N   CA   sing N N 16  
ALA N   H    sing N N 17  
ALA N   H2   sing N N 18  
ALA CA  C    sing N N 19  
ALA CA  CB   sing N N 20  
ALA CA  HA   sing N N 21  
ALA C   O    doub N N 22  
ALA C   OXT  sing N N 23  
ALA CB  HB1  sing N N 24  
ALA CB  HB2  sing N N 25  
ALA CB  HB3  sing N N 26  
ALA OXT HXT  sing N N 27  
ARG N   CA   sing N N 28  
ARG N   H    sing N N 29  
ARG N   H2   sing N N 30  
ARG CA  C    sing N N 31  
ARG CA  CB   sing N N 32  
ARG CA  HA   sing N N 33  
ARG C   O    doub N N 34  
ARG C   OXT  sing N N 35  
ARG CB  CG   sing N N 36  
ARG CB  HB2  sing N N 37  
ARG CB  HB3  sing N N 38  
ARG CG  CD   sing N N 39  
ARG CG  HG2  sing N N 40  
ARG CG  HG3  sing N N 41  
ARG CD  NE   sing N N 42  
ARG CD  HD2  sing N N 43  
ARG CD  HD3  sing N N 44  
ARG NE  CZ   sing N N 45  
ARG NE  HE   sing N N 46  
ARG CZ  NH1  sing N N 47  
ARG CZ  NH2  doub N N 48  
ARG NH1 HH11 sing N N 49  
ARG NH1 HH12 sing N N 50  
ARG NH2 HH21 sing N N 51  
ARG NH2 HH22 sing N N 52  
ARG OXT HXT  sing N N 53  
ASN N   CA   sing N N 54  
ASN N   H    sing N N 55  
ASN N   H2   sing N N 56  
ASN CA  C    sing N N 57  
ASN CA  CB   sing N N 58  
ASN CA  HA   sing N N 59  
ASN C   O    doub N N 60  
ASN C   OXT  sing N N 61  
ASN CB  CG   sing N N 62  
ASN CB  HB2  sing N N 63  
ASN CB  HB3  sing N N 64  
ASN CG  OD1  doub N N 65  
ASN CG  ND2  sing N N 66  
ASN ND2 HD21 sing N N 67  
ASN ND2 HD22 sing N N 68  
ASN OXT HXT  sing N N 69  
ASP N   CA   sing N N 70  
ASP N   H    sing N N 71  
ASP N   H2   sing N N 72  
ASP CA  C    sing N N 73  
ASP CA  CB   sing N N 74  
ASP CA  HA   sing N N 75  
ASP C   O    doub N N 76  
ASP C   OXT  sing N N 77  
ASP CB  CG   sing N N 78  
ASP CB  HB2  sing N N 79  
ASP CB  HB3  sing N N 80  
ASP CG  OD1  doub N N 81  
ASP CG  OD2  sing N N 82  
ASP OD2 HD2  sing N N 83  
ASP OXT HXT  sing N N 84  
CYS N   CA   sing N N 85  
CYS N   H    sing N N 86  
CYS N   H2   sing N N 87  
CYS CA  C    sing N N 88  
CYS CA  CB   sing N N 89  
CYS CA  HA   sing N N 90  
CYS C   O    doub N N 91  
CYS C   OXT  sing N N 92  
CYS CB  SG   sing N N 93  
CYS CB  HB2  sing N N 94  
CYS CB  HB3  sing N N 95  
CYS SG  HG   sing N N 96  
CYS OXT HXT  sing N N 97  
GLN N   CA   sing N N 98  
GLN N   H    sing N N 99  
GLN N   H2   sing N N 100 
GLN CA  C    sing N N 101 
GLN CA  CB   sing N N 102 
GLN CA  HA   sing N N 103 
GLN C   O    doub N N 104 
GLN C   OXT  sing N N 105 
GLN CB  CG   sing N N 106 
GLN CB  HB2  sing N N 107 
GLN CB  HB3  sing N N 108 
GLN CG  CD   sing N N 109 
GLN CG  HG2  sing N N 110 
GLN CG  HG3  sing N N 111 
GLN CD  OE1  doub N N 112 
GLN CD  NE2  sing N N 113 
GLN NE2 HE21 sing N N 114 
GLN NE2 HE22 sing N N 115 
GLN OXT HXT  sing N N 116 
GLU N   CA   sing N N 117 
GLU N   H    sing N N 118 
GLU N   H2   sing N N 119 
GLU CA  C    sing N N 120 
GLU CA  CB   sing N N 121 
GLU CA  HA   sing N N 122 
GLU C   O    doub N N 123 
GLU C   OXT  sing N N 124 
GLU CB  CG   sing N N 125 
GLU CB  HB2  sing N N 126 
GLU CB  HB3  sing N N 127 
GLU CG  CD   sing N N 128 
GLU CG  HG2  sing N N 129 
GLU CG  HG3  sing N N 130 
GLU CD  OE1  doub N N 131 
GLU CD  OE2  sing N N 132 
GLU OE2 HE2  sing N N 133 
GLU OXT HXT  sing N N 134 
GLY N   CA   sing N N 135 
GLY N   H    sing N N 136 
GLY N   H2   sing N N 137 
GLY CA  C    sing N N 138 
GLY CA  HA2  sing N N 139 
GLY CA  HA3  sing N N 140 
GLY C   O    doub N N 141 
GLY C   OXT  sing N N 142 
GLY OXT HXT  sing N N 143 
HIS N   CA   sing N N 144 
HIS N   H    sing N N 145 
HIS N   H2   sing N N 146 
HIS CA  C    sing N N 147 
HIS CA  CB   sing N N 148 
HIS CA  HA   sing N N 149 
HIS C   O    doub N N 150 
HIS C   OXT  sing N N 151 
HIS CB  CG   sing N N 152 
HIS CB  HB2  sing N N 153 
HIS CB  HB3  sing N N 154 
HIS CG  ND1  sing Y N 155 
HIS CG  CD2  doub Y N 156 
HIS ND1 CE1  doub Y N 157 
HIS ND1 HD1  sing N N 158 
HIS CD2 NE2  sing Y N 159 
HIS CD2 HD2  sing N N 160 
HIS CE1 NE2  sing Y N 161 
HIS CE1 HE1  sing N N 162 
HIS NE2 HE2  sing N N 163 
HIS OXT HXT  sing N N 164 
HOH O   H1   sing N N 165 
HOH O   H2   sing N N 166 
ILE N   CA   sing N N 167 
ILE N   H    sing N N 168 
ILE N   H2   sing N N 169 
ILE CA  C    sing N N 170 
ILE CA  CB   sing N N 171 
ILE CA  HA   sing N N 172 
ILE C   O    doub N N 173 
ILE C   OXT  sing N N 174 
ILE CB  CG1  sing N N 175 
ILE CB  CG2  sing N N 176 
ILE CB  HB   sing N N 177 
ILE CG1 CD1  sing N N 178 
ILE CG1 HG12 sing N N 179 
ILE CG1 HG13 sing N N 180 
ILE CG2 HG21 sing N N 181 
ILE CG2 HG22 sing N N 182 
ILE CG2 HG23 sing N N 183 
ILE CD1 HD11 sing N N 184 
ILE CD1 HD12 sing N N 185 
ILE CD1 HD13 sing N N 186 
ILE OXT HXT  sing N N 187 
LEU N   CA   sing N N 188 
LEU N   H    sing N N 189 
LEU N   H2   sing N N 190 
LEU CA  C    sing N N 191 
LEU CA  CB   sing N N 192 
LEU CA  HA   sing N N 193 
LEU C   O    doub N N 194 
LEU C   OXT  sing N N 195 
LEU CB  CG   sing N N 196 
LEU CB  HB2  sing N N 197 
LEU CB  HB3  sing N N 198 
LEU CG  CD1  sing N N 199 
LEU CG  CD2  sing N N 200 
LEU CG  HG   sing N N 201 
LEU CD1 HD11 sing N N 202 
LEU CD1 HD12 sing N N 203 
LEU CD1 HD13 sing N N 204 
LEU CD2 HD21 sing N N 205 
LEU CD2 HD22 sing N N 206 
LEU CD2 HD23 sing N N 207 
LEU OXT HXT  sing N N 208 
LOV CD1 C1G  sing N N 209 
LOV CD1 HD11 sing N N 210 
LOV CD1 HD12 sing N N 211 
LOV CD1 HD13 sing N N 212 
LOV CD2 C1G  sing N N 213 
LOV CD2 HD21 sing N N 214 
LOV CD2 HD22 sing N N 215 
LOV CD2 HD23 sing N N 216 
LOV C1G C1B  sing N N 217 
LOV C1G H1G  sing N N 218 
LOV C1B CA   sing N N 219 
LOV C1B H1B1 sing N N 220 
LOV C1B H1B2 sing N N 221 
LOV CA  CS   sing N N 222 
LOV CA  N    sing N N 223 
LOV CA  HA   sing N N 224 
LOV CS  OS   sing N N 225 
LOV CS  CT   sing N N 226 
LOV CS  HS1  sing N N 227 
LOV N   H    sing N N 228 
LOV N   H2   sing N N 229 
LOV OS  HOS  sing N N 230 
LOV CT  C1   sing N N 231 
LOV CT  HT1  sing N N 232 
LOV CT  HT2  sing N N 233 
LOV C1  CB   sing N N 234 
LOV C1  C    sing N N 235 
LOV C1  H1   sing N N 236 
LOV CB  CG1  sing N N 237 
LOV CB  CG2  sing N N 238 
LOV CB  HB   sing N N 239 
LOV CG1 HG11 sing N N 240 
LOV CG1 HG12 sing N N 241 
LOV CG1 HG13 sing N N 242 
LOV CG2 HG21 sing N N 243 
LOV CG2 HG22 sing N N 244 
LOV CG2 HG23 sing N N 245 
LOV C   O    doub N N 246 
LOV C   OXT  sing N N 247 
LOV OXT HXT  sing N N 248 
LYS N   CA   sing N N 249 
LYS N   H    sing N N 250 
LYS N   H2   sing N N 251 
LYS CA  C    sing N N 252 
LYS CA  CB   sing N N 253 
LYS CA  HA   sing N N 254 
LYS C   O    doub N N 255 
LYS C   OXT  sing N N 256 
LYS CB  CG   sing N N 257 
LYS CB  HB2  sing N N 258 
LYS CB  HB3  sing N N 259 
LYS CG  CD   sing N N 260 
LYS CG  HG2  sing N N 261 
LYS CG  HG3  sing N N 262 
LYS CD  CE   sing N N 263 
LYS CD  HD2  sing N N 264 
LYS CD  HD3  sing N N 265 
LYS CE  NZ   sing N N 266 
LYS CE  HE2  sing N N 267 
LYS CE  HE3  sing N N 268 
LYS NZ  HZ1  sing N N 269 
LYS NZ  HZ2  sing N N 270 
LYS NZ  HZ3  sing N N 271 
LYS OXT HXT  sing N N 272 
MET N   CA   sing N N 273 
MET N   H    sing N N 274 
MET N   H2   sing N N 275 
MET CA  C    sing N N 276 
MET CA  CB   sing N N 277 
MET CA  HA   sing N N 278 
MET C   O    doub N N 279 
MET C   OXT  sing N N 280 
MET CB  CG   sing N N 281 
MET CB  HB2  sing N N 282 
MET CB  HB3  sing N N 283 
MET CG  SD   sing N N 284 
MET CG  HG2  sing N N 285 
MET CG  HG3  sing N N 286 
MET SD  CE   sing N N 287 
MET CE  HE1  sing N N 288 
MET CE  HE2  sing N N 289 
MET CE  HE3  sing N N 290 
MET OXT HXT  sing N N 291 
PHE N   CA   sing N N 292 
PHE N   H    sing N N 293 
PHE N   H2   sing N N 294 
PHE CA  C    sing N N 295 
PHE CA  CB   sing N N 296 
PHE CA  HA   sing N N 297 
PHE C   O    doub N N 298 
PHE C   OXT  sing N N 299 
PHE CB  CG   sing N N 300 
PHE CB  HB2  sing N N 301 
PHE CB  HB3  sing N N 302 
PHE CG  CD1  doub Y N 303 
PHE CG  CD2  sing Y N 304 
PHE CD1 CE1  sing Y N 305 
PHE CD1 HD1  sing N N 306 
PHE CD2 CE2  doub Y N 307 
PHE CD2 HD2  sing N N 308 
PHE CE1 CZ   doub Y N 309 
PHE CE1 HE1  sing N N 310 
PHE CE2 CZ   sing Y N 311 
PHE CE2 HE2  sing N N 312 
PHE CZ  HZ   sing N N 313 
PHE OXT HXT  sing N N 314 
PRO N   CA   sing N N 315 
PRO N   CD   sing N N 316 
PRO N   H    sing N N 317 
PRO CA  C    sing N N 318 
PRO CA  CB   sing N N 319 
PRO CA  HA   sing N N 320 
PRO C   O    doub N N 321 
PRO C   OXT  sing N N 322 
PRO CB  CG   sing N N 323 
PRO CB  HB2  sing N N 324 
PRO CB  HB3  sing N N 325 
PRO CG  CD   sing N N 326 
PRO CG  HG2  sing N N 327 
PRO CG  HG3  sing N N 328 
PRO CD  HD2  sing N N 329 
PRO CD  HD3  sing N N 330 
PRO OXT HXT  sing N N 331 
SER N   CA   sing N N 332 
SER N   H    sing N N 333 
SER N   H2   sing N N 334 
SER CA  C    sing N N 335 
SER CA  CB   sing N N 336 
SER CA  HA   sing N N 337 
SER C   O    doub N N 338 
SER C   OXT  sing N N 339 
SER CB  OG   sing N N 340 
SER CB  HB2  sing N N 341 
SER CB  HB3  sing N N 342 
SER OG  HG   sing N N 343 
SER OXT HXT  sing N N 344 
THR N   CA   sing N N 345 
THR N   H    sing N N 346 
THR N   H2   sing N N 347 
THR CA  C    sing N N 348 
THR CA  CB   sing N N 349 
THR CA  HA   sing N N 350 
THR C   O    doub N N 351 
THR C   OXT  sing N N 352 
THR CB  OG1  sing N N 353 
THR CB  CG2  sing N N 354 
THR CB  HB   sing N N 355 
THR OG1 HG1  sing N N 356 
THR CG2 HG21 sing N N 357 
THR CG2 HG22 sing N N 358 
THR CG2 HG23 sing N N 359 
THR OXT HXT  sing N N 360 
TRP N   CA   sing N N 361 
TRP N   H    sing N N 362 
TRP N   H2   sing N N 363 
TRP CA  C    sing N N 364 
TRP CA  CB   sing N N 365 
TRP CA  HA   sing N N 366 
TRP C   O    doub N N 367 
TRP C   OXT  sing N N 368 
TRP CB  CG   sing N N 369 
TRP CB  HB2  sing N N 370 
TRP CB  HB3  sing N N 371 
TRP CG  CD1  doub Y N 372 
TRP CG  CD2  sing Y N 373 
TRP CD1 NE1  sing Y N 374 
TRP CD1 HD1  sing N N 375 
TRP CD2 CE2  doub Y N 376 
TRP CD2 CE3  sing Y N 377 
TRP NE1 CE2  sing Y N 378 
TRP NE1 HE1  sing N N 379 
TRP CE2 CZ2  sing Y N 380 
TRP CE3 CZ3  doub Y N 381 
TRP CE3 HE3  sing N N 382 
TRP CZ2 CH2  doub Y N 383 
TRP CZ2 HZ2  sing N N 384 
TRP CZ3 CH2  sing Y N 385 
TRP CZ3 HZ3  sing N N 386 
TRP CH2 HH2  sing N N 387 
TRP OXT HXT  sing N N 388 
TYR N   CA   sing N N 389 
TYR N   H    sing N N 390 
TYR N   H2   sing N N 391 
TYR CA  C    sing N N 392 
TYR CA  CB   sing N N 393 
TYR CA  HA   sing N N 394 
TYR C   O    doub N N 395 
TYR C   OXT  sing N N 396 
TYR CB  CG   sing N N 397 
TYR CB  HB2  sing N N 398 
TYR CB  HB3  sing N N 399 
TYR CG  CD1  doub Y N 400 
TYR CG  CD2  sing Y N 401 
TYR CD1 CE1  sing Y N 402 
TYR CD1 HD1  sing N N 403 
TYR CD2 CE2  doub Y N 404 
TYR CD2 HD2  sing N N 405 
TYR CE1 CZ   doub Y N 406 
TYR CE1 HE1  sing N N 407 
TYR CE2 CZ   sing Y N 408 
TYR CE2 HE2  sing N N 409 
TYR CZ  OH   sing N N 410 
TYR OH  HH   sing N N 411 
TYR OXT HXT  sing N N 412 
VAL N   CA   sing N N 413 
VAL N   H    sing N N 414 
VAL N   H2   sing N N 415 
VAL CA  C    sing N N 416 
VAL CA  CB   sing N N 417 
VAL CA  HA   sing N N 418 
VAL C   O    doub N N 419 
VAL C   OXT  sing N N 420 
VAL CB  CG1  sing N N 421 
VAL CB  CG2  sing N N 422 
VAL CB  HB   sing N N 423 
VAL CG1 HG11 sing N N 424 
VAL CG1 HG12 sing N N 425 
VAL CG1 HG13 sing N N 426 
VAL CG2 HG21 sing N N 427 
VAL CG2 HG22 sing N N 428 
VAL CG2 HG23 sing N N 429 
VAL OXT HXT  sing N N 430 
# 
_pdbx_entity_nonpoly.entity_id   3 
_pdbx_entity_nonpoly.name        water 
_pdbx_entity_nonpoly.comp_id     HOH 
# 
